data_2FLS
# 
_entry.id   2FLS 
# 
_audit_conform.dict_name       mmcif_pdbx.dic 
_audit_conform.dict_version    5.377 
_audit_conform.dict_location   http://mmcif.pdb.org/dictionaries/ascii/mmcif_pdbx.dic 
# 
loop_
_database_2.database_id 
_database_2.database_code 
_database_2.pdbx_database_accession 
_database_2.pdbx_DOI 
PDB   2FLS         pdb_00002fls 10.2210/pdb2fls/pdb 
RCSB  RCSB036031   ?            ?                   
WWPDB D_1000036031 ?            ?                   
# 
_pdbx_database_status.status_code                     REL 
_pdbx_database_status.entry_id                        2FLS 
_pdbx_database_status.recvd_initial_deposition_date   2006-01-06 
_pdbx_database_status.deposit_site                    RCSB 
_pdbx_database_status.process_site                    RCSB 
_pdbx_database_status.status_code_sf                  REL 
_pdbx_database_status.status_code_mr                  ? 
_pdbx_database_status.SG_entry                        Y 
_pdbx_database_status.status_code_cs                  ? 
_pdbx_database_status.methods_development_category    ? 
_pdbx_database_status.pdb_format_compatible           Y 
_pdbx_database_status.status_code_nmr_data            ? 
# 
loop_
_audit_author.name 
_audit_author.pdbx_ordinal 
'Johansson, C.'                        1  
'Smee, C.'                             2  
'Kavanagh, K.L.'                       3  
'Debreczeni, J.'                       4  
'von Delft, F.'                        5  
'Gileadi, O.'                          6  
'Arrowsmith, C.'                       7  
'Weigelt, J.'                          8  
'Edwards, A.'                          9  
'Sundstrom, M.'                        10 
'Oppermann, U.'                        11 
'Structural Genomics Consortium (SGC)' 12 
# 
_citation.id                        primary 
_citation.title                     'Crystal structure of Human Glutaredoxin 2 complexed with glutathione' 
_citation.journal_abbrev            'To be Published' 
_citation.journal_volume            ? 
_citation.page_first                ? 
_citation.page_last                 ? 
_citation.year                      ? 
_citation.journal_id_ASTM           ? 
_citation.country                   ? 
_citation.journal_id_ISSN           ? 
_citation.journal_id_CSD            0353 
_citation.book_publisher            ? 
_citation.pdbx_database_id_PubMed   ? 
_citation.pdbx_database_id_DOI      ? 
# 
loop_
_citation_author.citation_id 
_citation_author.name 
_citation_author.ordinal 
_citation_author.identifier_ORCID 
primary 'Johansson, C.'  1 ? 
primary 'Smee, C.'       2 ? 
primary 'Kavanagh, K.L.' 3 ? 
primary 'Debreczeni, J.' 4 ? 
primary 'Oppermann, U.'  5 ? 
primary 'Sundstrom, M.'  6 ? 
# 
_cell.entry_id           2FLS 
_cell.length_a           60.201 
_cell.length_b           60.201 
_cell.length_c           67.958 
_cell.angle_alpha        90.00 
_cell.angle_beta         90.00 
_cell.angle_gamma        120.00 
_cell.Z_PDB              6 
_cell.pdbx_unique_axis   ? 
_cell.length_a_esd       ? 
_cell.length_b_esd       ? 
_cell.length_c_esd       ? 
_cell.angle_alpha_esd    ? 
_cell.angle_beta_esd     ? 
_cell.angle_gamma_esd    ? 
# 
_symmetry.entry_id                         2FLS 
_symmetry.space_group_name_H-M             'P 32 2 1' 
_symmetry.pdbx_full_space_group_name_H-M   ? 
_symmetry.cell_setting                     ? 
_symmetry.Int_Tables_number                154 
_symmetry.space_group_name_Hall            ? 
# 
loop_
_entity.id 
_entity.type 
_entity.src_method 
_entity.pdbx_description 
_entity.formula_weight 
_entity.pdbx_number_of_molecules 
_entity.pdbx_ec 
_entity.pdbx_mutation 
_entity.pdbx_fragment 
_entity.details 
1 polymer     man Glutaredoxin-2 15299.536 1  ? ? 'residues 56-164' ? 
2 non-polymer syn GLUTATHIONE    307.323   1  ? ? ?                 ? 
3 water       nat water          18.015    53 ? ? ?                 ? 
# 
_entity_poly.entity_id                      1 
_entity_poly.type                           'polypeptide(L)' 
_entity_poly.nstd_linkage                   no 
_entity_poly.nstd_monomer                   no 
_entity_poly.pdbx_seq_one_letter_code       
;MHHHHHHSSGVDLGTENLYFQSMPVNQIQETISDNCVVIFSKTSCSYCTMAKKLFHDMNVNYKVVELDLLEYGNQFQDAL
YKMTGERTVPRIFVNGTFIGGATDTHRLHKEGKLLPLVHQCYLKKSKRKEFQ
;
_entity_poly.pdbx_seq_one_letter_code_can   
;MHHHHHHSSGVDLGTENLYFQSMPVNQIQETISDNCVVIFSKTSCSYCTMAKKLFHDMNVNYKVVELDLLEYGNQFQDAL
YKMTGERTVPRIFVNGTFIGGATDTHRLHKEGKLLPLVHQCYLKKSKRKEFQ
;
_entity_poly.pdbx_strand_id                 A 
_entity_poly.pdbx_target_identifier         ? 
# 
loop_
_entity_poly_seq.entity_id 
_entity_poly_seq.num 
_entity_poly_seq.mon_id 
_entity_poly_seq.hetero 
1 1   MET n 
1 2   HIS n 
1 3   HIS n 
1 4   HIS n 
1 5   HIS n 
1 6   HIS n 
1 7   HIS n 
1 8   SER n 
1 9   SER n 
1 10  GLY n 
1 11  VAL n 
1 12  ASP n 
1 13  LEU n 
1 14  GLY n 
1 15  THR n 
1 16  GLU n 
1 17  ASN n 
1 18  LEU n 
1 19  TYR n 
1 20  PHE n 
1 21  GLN n 
1 22  SER n 
1 23  MET n 
1 24  PRO n 
1 25  VAL n 
1 26  ASN n 
1 27  GLN n 
1 28  ILE n 
1 29  GLN n 
1 30  GLU n 
1 31  THR n 
1 32  ILE n 
1 33  SER n 
1 34  ASP n 
1 35  ASN n 
1 36  CYS n 
1 37  VAL n 
1 38  VAL n 
1 39  ILE n 
1 40  PHE n 
1 41  SER n 
1 42  LYS n 
1 43  THR n 
1 44  SER n 
1 45  CYS n 
1 46  SER n 
1 47  TYR n 
1 48  CYS n 
1 49  THR n 
1 50  MET n 
1 51  ALA n 
1 52  LYS n 
1 53  LYS n 
1 54  LEU n 
1 55  PHE n 
1 56  HIS n 
1 57  ASP n 
1 58  MET n 
1 59  ASN n 
1 60  VAL n 
1 61  ASN n 
1 62  TYR n 
1 63  LYS n 
1 64  VAL n 
1 65  VAL n 
1 66  GLU n 
1 67  LEU n 
1 68  ASP n 
1 69  LEU n 
1 70  LEU n 
1 71  GLU n 
1 72  TYR n 
1 73  GLY n 
1 74  ASN n 
1 75  GLN n 
1 76  PHE n 
1 77  GLN n 
1 78  ASP n 
1 79  ALA n 
1 80  LEU n 
1 81  TYR n 
1 82  LYS n 
1 83  MET n 
1 84  THR n 
1 85  GLY n 
1 86  GLU n 
1 87  ARG n 
1 88  THR n 
1 89  VAL n 
1 90  PRO n 
1 91  ARG n 
1 92  ILE n 
1 93  PHE n 
1 94  VAL n 
1 95  ASN n 
1 96  GLY n 
1 97  THR n 
1 98  PHE n 
1 99  ILE n 
1 100 GLY n 
1 101 GLY n 
1 102 ALA n 
1 103 THR n 
1 104 ASP n 
1 105 THR n 
1 106 HIS n 
1 107 ARG n 
1 108 LEU n 
1 109 HIS n 
1 110 LYS n 
1 111 GLU n 
1 112 GLY n 
1 113 LYS n 
1 114 LEU n 
1 115 LEU n 
1 116 PRO n 
1 117 LEU n 
1 118 VAL n 
1 119 HIS n 
1 120 GLN n 
1 121 CYS n 
1 122 TYR n 
1 123 LEU n 
1 124 LYS n 
1 125 LYS n 
1 126 SER n 
1 127 LYS n 
1 128 ARG n 
1 129 LYS n 
1 130 GLU n 
1 131 PHE n 
1 132 GLN n 
# 
_entity_src_gen.entity_id                          1 
_entity_src_gen.pdbx_src_id                        1 
_entity_src_gen.pdbx_alt_source_flag               sample 
_entity_src_gen.pdbx_seq_type                      ? 
_entity_src_gen.pdbx_beg_seq_num                   ? 
_entity_src_gen.pdbx_end_seq_num                   ? 
_entity_src_gen.gene_src_common_name               human 
_entity_src_gen.gene_src_genus                     Homo 
_entity_src_gen.pdbx_gene_src_gene                 'GLRX2, GRX2' 
_entity_src_gen.gene_src_species                   ? 
_entity_src_gen.gene_src_strain                    ? 
_entity_src_gen.gene_src_tissue                    ? 
_entity_src_gen.gene_src_tissue_fraction           ? 
_entity_src_gen.gene_src_details                   ? 
_entity_src_gen.pdbx_gene_src_fragment             ? 
_entity_src_gen.pdbx_gene_src_scientific_name      'Homo sapiens' 
_entity_src_gen.pdbx_gene_src_ncbi_taxonomy_id     9606 
_entity_src_gen.pdbx_gene_src_variant              ? 
_entity_src_gen.pdbx_gene_src_cell_line            ? 
_entity_src_gen.pdbx_gene_src_atcc                 ? 
_entity_src_gen.pdbx_gene_src_organ                ? 
_entity_src_gen.pdbx_gene_src_organelle            ? 
_entity_src_gen.pdbx_gene_src_cell                 ? 
_entity_src_gen.pdbx_gene_src_cellular_location    ? 
_entity_src_gen.host_org_common_name               ? 
_entity_src_gen.pdbx_host_org_scientific_name      'Escherichia coli BL21(DE3)' 
_entity_src_gen.pdbx_host_org_ncbi_taxonomy_id     469008 
_entity_src_gen.host_org_genus                     Escherichia 
_entity_src_gen.pdbx_host_org_gene                 ? 
_entity_src_gen.pdbx_host_org_organ                ? 
_entity_src_gen.host_org_species                   'Escherichia coli' 
_entity_src_gen.pdbx_host_org_tissue               ? 
_entity_src_gen.pdbx_host_org_tissue_fraction      ? 
_entity_src_gen.pdbx_host_org_strain               'BL21(DE3)' 
_entity_src_gen.pdbx_host_org_variant              ? 
_entity_src_gen.pdbx_host_org_cell_line            ? 
_entity_src_gen.pdbx_host_org_atcc                 ? 
_entity_src_gen.pdbx_host_org_culture_collection   ? 
_entity_src_gen.pdbx_host_org_cell                 ? 
_entity_src_gen.pdbx_host_org_organelle            ? 
_entity_src_gen.pdbx_host_org_cellular_location    ? 
_entity_src_gen.pdbx_host_org_vector_type          plasmid 
_entity_src_gen.pdbx_host_org_vector               ? 
_entity_src_gen.host_org_details                   ? 
_entity_src_gen.expression_system_id               ? 
_entity_src_gen.plasmid_name                       'pET28 derived, pNIC28-BSA4' 
_entity_src_gen.plasmid_details                    ? 
_entity_src_gen.pdbx_description                   ? 
# 
_struct_ref.id                         1 
_struct_ref.db_name                    UNP 
_struct_ref.db_code                    GLRX2_HUMAN 
_struct_ref.pdbx_db_accession          Q9NS18 
_struct_ref.entity_id                  1 
_struct_ref.pdbx_seq_one_letter_code   
;PVNQIQETISDNCVVIFSKTSCSYCTMAKKLFHDMNVNYKVVELDLLEYGNQFQDALYKMTGERTVPRIFVNGTFIGGAT
DTHRLHKEGKLLPLVHQCYLKKSKRKEFQ
;
_struct_ref.pdbx_align_begin           56 
_struct_ref.pdbx_db_isoform            ? 
# 
_struct_ref_seq.align_id                      1 
_struct_ref_seq.ref_id                        1 
_struct_ref_seq.pdbx_PDB_id_code              2FLS 
_struct_ref_seq.pdbx_strand_id                A 
_struct_ref_seq.seq_align_beg                 24 
_struct_ref_seq.pdbx_seq_align_beg_ins_code   ? 
_struct_ref_seq.seq_align_end                 132 
_struct_ref_seq.pdbx_seq_align_end_ins_code   ? 
_struct_ref_seq.pdbx_db_accession             Q9NS18 
_struct_ref_seq.db_align_beg                  56 
_struct_ref_seq.pdbx_db_align_beg_ins_code    ? 
_struct_ref_seq.db_align_end                  164 
_struct_ref_seq.pdbx_db_align_end_ins_code    ? 
_struct_ref_seq.pdbx_auth_seq_align_beg       16 
_struct_ref_seq.pdbx_auth_seq_align_end       124 
# 
loop_
_struct_ref_seq_dif.align_id 
_struct_ref_seq_dif.pdbx_pdb_id_code 
_struct_ref_seq_dif.mon_id 
_struct_ref_seq_dif.pdbx_pdb_strand_id 
_struct_ref_seq_dif.seq_num 
_struct_ref_seq_dif.pdbx_pdb_ins_code 
_struct_ref_seq_dif.pdbx_seq_db_name 
_struct_ref_seq_dif.pdbx_seq_db_accession_code 
_struct_ref_seq_dif.db_mon_id 
_struct_ref_seq_dif.pdbx_seq_db_seq_num 
_struct_ref_seq_dif.details 
_struct_ref_seq_dif.pdbx_auth_seq_num 
_struct_ref_seq_dif.pdbx_ordinal 
1 2FLS MET A 1  ? UNP Q9NS18 ? ? 'initiating methionine' -7 1  
1 2FLS HIS A 2  ? UNP Q9NS18 ? ? 'expression tag'        -6 2  
1 2FLS HIS A 3  ? UNP Q9NS18 ? ? 'expression tag'        -5 3  
1 2FLS HIS A 4  ? UNP Q9NS18 ? ? 'expression tag'        -4 4  
1 2FLS HIS A 5  ? UNP Q9NS18 ? ? 'expression tag'        -3 5  
1 2FLS HIS A 6  ? UNP Q9NS18 ? ? 'expression tag'        -2 6  
1 2FLS HIS A 7  ? UNP Q9NS18 ? ? 'expression tag'        -1 7  
1 2FLS SER A 8  ? UNP Q9NS18 ? ? 'cloning artifact'      0  8  
1 2FLS SER A 9  ? UNP Q9NS18 ? ? 'cloning artifact'      1  9  
1 2FLS GLY A 10 ? UNP Q9NS18 ? ? 'cloning artifact'      2  10 
1 2FLS VAL A 11 ? UNP Q9NS18 ? ? 'cloning artifact'      3  11 
1 2FLS ASP A 12 ? UNP Q9NS18 ? ? 'cloning artifact'      4  12 
1 2FLS LEU A 13 ? UNP Q9NS18 ? ? 'cloning artifact'      5  13 
1 2FLS GLY A 14 ? UNP Q9NS18 ? ? 'cloning artifact'      6  14 
1 2FLS THR A 15 ? UNP Q9NS18 ? ? 'cloning artifact'      7  15 
1 2FLS GLU A 16 ? UNP Q9NS18 ? ? 'cloning artifact'      8  16 
1 2FLS ASN A 17 ? UNP Q9NS18 ? ? 'cloning artifact'      9  17 
1 2FLS LEU A 18 ? UNP Q9NS18 ? ? 'cloning artifact'      10 18 
1 2FLS TYR A 19 ? UNP Q9NS18 ? ? 'cloning artifact'      11 19 
1 2FLS PHE A 20 ? UNP Q9NS18 ? ? 'cloning artifact'      12 20 
1 2FLS GLN A 21 ? UNP Q9NS18 ? ? 'cloning artifact'      13 21 
1 2FLS SER A 22 ? UNP Q9NS18 ? ? 'cloning artifact'      14 22 
1 2FLS MET A 23 ? UNP Q9NS18 ? ? 'cloning artifact'      15 23 
# 
loop_
_chem_comp.id 
_chem_comp.type 
_chem_comp.mon_nstd_flag 
_chem_comp.name 
_chem_comp.pdbx_synonyms 
_chem_comp.formula 
_chem_comp.formula_weight 
ALA 'L-peptide linking' y ALANINE         ? 'C3 H7 N O2'      89.093  
ARG 'L-peptide linking' y ARGININE        ? 'C6 H15 N4 O2 1'  175.209 
ASN 'L-peptide linking' y ASPARAGINE      ? 'C4 H8 N2 O3'     132.118 
ASP 'L-peptide linking' y 'ASPARTIC ACID' ? 'C4 H7 N O4'      133.103 
CYS 'L-peptide linking' y CYSTEINE        ? 'C3 H7 N O2 S'    121.158 
GLN 'L-peptide linking' y GLUTAMINE       ? 'C5 H10 N2 O3'    146.144 
GLU 'L-peptide linking' y 'GLUTAMIC ACID' ? 'C5 H9 N O4'      147.129 
GLY 'peptide linking'   y GLYCINE         ? 'C2 H5 N O2'      75.067  
GSH non-polymer         . GLUTATHIONE     ? 'C10 H17 N3 O6 S' 307.323 
HIS 'L-peptide linking' y HISTIDINE       ? 'C6 H10 N3 O2 1'  156.162 
HOH non-polymer         . WATER           ? 'H2 O'            18.015  
ILE 'L-peptide linking' y ISOLEUCINE      ? 'C6 H13 N O2'     131.173 
LEU 'L-peptide linking' y LEUCINE         ? 'C6 H13 N O2'     131.173 
LYS 'L-peptide linking' y LYSINE          ? 'C6 H15 N2 O2 1'  147.195 
MET 'L-peptide linking' y METHIONINE      ? 'C5 H11 N O2 S'   149.211 
PHE 'L-peptide linking' y PHENYLALANINE   ? 'C9 H11 N O2'     165.189 
PRO 'L-peptide linking' y PROLINE         ? 'C5 H9 N O2'      115.130 
SER 'L-peptide linking' y SERINE          ? 'C3 H7 N O3'      105.093 
THR 'L-peptide linking' y THREONINE       ? 'C4 H9 N O3'      119.119 
TYR 'L-peptide linking' y TYROSINE        ? 'C9 H11 N O3'     181.189 
VAL 'L-peptide linking' y VALINE          ? 'C5 H11 N O2'     117.146 
# 
_exptl.entry_id          2FLS 
_exptl.method            'X-RAY DIFFRACTION' 
_exptl.crystals_number   1 
# 
_exptl_crystal.id                    1 
_exptl_crystal.density_meas          ? 
_exptl_crystal.density_Matthews      2.32 
_exptl_crystal.density_percent_sol   47.05 
_exptl_crystal.description           ? 
_exptl_crystal.F_000                 ? 
_exptl_crystal.preparation           ? 
# 
_exptl_crystal_grow.crystal_id      1 
_exptl_crystal_grow.method          'VAPOR DIFFUSION, SITTING DROP' 
_exptl_crystal_grow.temp            293 
_exptl_crystal_grow.temp_details    ? 
_exptl_crystal_grow.pH              3.5 
_exptl_crystal_grow.pdbx_details    '0.1 M citrate, 25% PEG 3350, pH 3.5, VAPOR DIFFUSION, SITTING DROP, temperature 293K' 
_exptl_crystal_grow.pdbx_pH_range   . 
# 
_diffrn.id                     1 
_diffrn.ambient_temp           100 
_diffrn.ambient_temp_details   ? 
_diffrn.crystal_id             1 
# 
_diffrn_detector.diffrn_id              1 
_diffrn_detector.detector               CCD 
_diffrn_detector.type                   MARRESEARCH 
_diffrn_detector.pdbx_collection_date   2005-12-09 
_diffrn_detector.details                ? 
# 
_diffrn_radiation.diffrn_id                        1 
_diffrn_radiation.wavelength_id                    1 
_diffrn_radiation.pdbx_monochromatic_or_laue_m_l   M 
_diffrn_radiation.monochromator                    ? 
_diffrn_radiation.pdbx_diffrn_protocol             'SINGLE WAVELENGTH' 
_diffrn_radiation.pdbx_scattering_type             x-ray 
# 
_diffrn_radiation_wavelength.id           1 
_diffrn_radiation_wavelength.wavelength   0.9184 
_diffrn_radiation_wavelength.wt           1.0 
# 
_diffrn_source.diffrn_id                   1 
_diffrn_source.source                      SYNCHROTRON 
_diffrn_source.type                        'SLS BEAMLINE X10SA' 
_diffrn_source.pdbx_synchrotron_site       SLS 
_diffrn_source.pdbx_synchrotron_beamline   X10SA 
_diffrn_source.pdbx_wavelength             ? 
_diffrn_source.pdbx_wavelength_list        0.9184 
# 
_reflns.entry_id                     2FLS 
_reflns.observed_criterion_sigma_I   0 
_reflns.observed_criterion_sigma_F   0 
_reflns.d_resolution_low             41.38 
_reflns.d_resolution_high            2.05 
_reflns.number_obs                   9322 
_reflns.number_all                   9322 
_reflns.percent_possible_obs         100 
_reflns.pdbx_Rmerge_I_obs            0.115 
_reflns.pdbx_Rsym_value              ? 
_reflns.pdbx_netI_over_sigmaI        13.5 
_reflns.B_iso_Wilson_estimate        29 
_reflns.pdbx_redundancy              5.9 
_reflns.R_free_details               ? 
_reflns.limit_h_max                  ? 
_reflns.limit_h_min                  ? 
_reflns.limit_k_max                  ? 
_reflns.limit_k_min                  ? 
_reflns.limit_l_max                  ? 
_reflns.limit_l_min                  ? 
_reflns.observed_criterion_F_max     ? 
_reflns.observed_criterion_F_min     ? 
_reflns.pdbx_chi_squared             ? 
_reflns.pdbx_scaling_rejects         ? 
_reflns.pdbx_ordinal                 1 
_reflns.pdbx_diffrn_id               1 
# 
_reflns_shell.d_res_high             2.05 
_reflns_shell.d_res_low              2.16 
_reflns_shell.percent_possible_all   100 
_reflns_shell.Rmerge_I_obs           ? 
_reflns_shell.pdbx_Rsym_value        ? 
_reflns_shell.meanI_over_sigI_obs    2.5 
_reflns_shell.pdbx_redundancy        5.8 
_reflns_shell.percent_possible_obs   ? 
_reflns_shell.number_unique_all      7834 
_reflns_shell.number_measured_all    ? 
_reflns_shell.number_measured_obs    ? 
_reflns_shell.number_unique_obs      ? 
_reflns_shell.pdbx_chi_squared       ? 
_reflns_shell.pdbx_ordinal           1 
_reflns_shell.pdbx_diffrn_id         1 
# 
_refine.entry_id                                 2FLS 
_refine.ls_number_reflns_obs                     8589 
_refine.ls_number_reflns_all                     8589 
_refine.pdbx_ls_sigma_I                          ? 
_refine.pdbx_ls_sigma_F                          0 
_refine.pdbx_data_cutoff_high_absF               ? 
_refine.pdbx_data_cutoff_low_absF                ? 
_refine.pdbx_data_cutoff_high_rms_absF           ? 
_refine.ls_d_res_low                             41.38 
_refine.ls_d_res_high                            2.05 
_refine.ls_percent_reflns_obs                    97.11 
_refine.ls_R_factor_obs                          0.19238 
_refine.ls_R_factor_all                          0.192 
_refine.ls_R_factor_R_work                       0.19045 
_refine.ls_R_factor_R_free                       0.2309 
_refine.ls_R_factor_R_free_error                 ? 
_refine.ls_R_factor_R_free_error_details         ? 
_refine.ls_percent_reflns_R_free                 5.0 
_refine.ls_number_reflns_R_free                  448 
_refine.ls_number_parameters                     ? 
_refine.ls_number_restraints                     ? 
_refine.occupancy_min                            ? 
_refine.occupancy_max                            ? 
_refine.correlation_coeff_Fo_to_Fc               0.951 
_refine.correlation_coeff_Fo_to_Fc_free          0.938 
_refine.B_iso_mean                               23.020 
_refine.aniso_B[1][1]                            0.87 
_refine.aniso_B[2][2]                            0.87 
_refine.aniso_B[3][3]                            -1.30 
_refine.aniso_B[1][2]                            0.43 
_refine.aniso_B[1][3]                            0.00 
_refine.aniso_B[2][3]                            0.00 
_refine.solvent_model_details                    MASK 
_refine.solvent_model_param_ksol                 ? 
_refine.solvent_model_param_bsol                 ? 
_refine.pdbx_solvent_vdw_probe_radii             1.40 
_refine.pdbx_solvent_ion_probe_radii             0.80 
_refine.pdbx_solvent_shrinkage_radii             0.80 
_refine.pdbx_ls_cross_valid_method               THROUGHOUT 
_refine.details                                  
;HYDROGENS HAVE BEEN ADDED IN THE RIDING POSITIONS. The dataset was analyzed for 
twinning and showed a twin fraction of ~20%. Consequently, the dataset was processed 
using the program DETWIN and refinement finalized with the detwinned data
;
_refine.pdbx_starting_model                      'PDB ENTRY 2CQ9' 
_refine.pdbx_method_to_determine_struct          'MOLECULAR REPLACEMENT' 
_refine.pdbx_isotropic_thermal_model             isotropic 
_refine.pdbx_stereochemistry_target_values       'MAXIMUM LIKELIHOOD' 
_refine.pdbx_stereochem_target_val_spec_case     ? 
_refine.pdbx_R_Free_selection_details            RANDOM 
_refine.pdbx_overall_ESU_R                       0.164 
_refine.pdbx_overall_ESU_R_Free                  0.154 
_refine.overall_SU_ML                            0.113 
_refine.overall_SU_B                             8.222 
_refine.ls_redundancy_reflns_obs                 ? 
_refine.B_iso_min                                ? 
_refine.B_iso_max                                ? 
_refine.overall_SU_R_Cruickshank_DPI             ? 
_refine.overall_SU_R_free                        ? 
_refine.ls_wR_factor_R_free                      ? 
_refine.ls_wR_factor_R_work                      ? 
_refine.overall_FOM_free_R_set                   ? 
_refine.overall_FOM_work_R_set                   ? 
_refine.pdbx_refine_id                           'X-RAY DIFFRACTION' 
_refine.pdbx_TLS_residual_ADP_flag               'LIKELY RESIDUAL' 
_refine.pdbx_diffrn_id                           1 
_refine.pdbx_overall_phase_error                 ? 
_refine.pdbx_overall_SU_R_free_Cruickshank_DPI   ? 
_refine.pdbx_overall_SU_R_Blow_DPI               ? 
_refine.pdbx_overall_SU_R_free_Blow_DPI          ? 
# 
_refine_hist.pdbx_refine_id                   'X-RAY DIFFRACTION' 
_refine_hist.cycle_id                         LAST 
_refine_hist.pdbx_number_atoms_protein        784 
_refine_hist.pdbx_number_atoms_nucleic_acid   0 
_refine_hist.pdbx_number_atoms_ligand         20 
_refine_hist.number_atoms_solvent             53 
_refine_hist.number_atoms_total               857 
_refine_hist.d_res_high                       2.05 
_refine_hist.d_res_low                        41.38 
# 
loop_
_refine_ls_restr.type 
_refine_ls_restr.dev_ideal 
_refine_ls_restr.dev_ideal_target 
_refine_ls_restr.weight 
_refine_ls_restr.number 
_refine_ls_restr.pdbx_refine_id 
_refine_ls_restr.pdbx_restraint_function 
r_bond_refined_d             0.017  0.022  ? 820  'X-RAY DIFFRACTION' ? 
r_bond_other_d               0.001  0.020  ? 525  'X-RAY DIFFRACTION' ? 
r_angle_refined_deg          1.502  1.964  ? 1112 'X-RAY DIFFRACTION' ? 
r_angle_other_deg            1.005  3.003  ? 1285 'X-RAY DIFFRACTION' ? 
r_dihedral_angle_1_deg       6.543  5.000  ? 100  'X-RAY DIFFRACTION' ? 
r_dihedral_angle_2_deg       34.601 24.444 ? 36   'X-RAY DIFFRACTION' ? 
r_dihedral_angle_3_deg       13.074 15.000 ? 130  'X-RAY DIFFRACTION' ? 
r_dihedral_angle_4_deg       18.745 15.000 ? 3    'X-RAY DIFFRACTION' ? 
r_chiral_restr               0.082  0.200  ? 128  'X-RAY DIFFRACTION' ? 
r_gen_planes_refined         0.005  0.020  ? 911  'X-RAY DIFFRACTION' ? 
r_gen_planes_other           0.001  0.020  ? 162  'X-RAY DIFFRACTION' ? 
r_nbd_refined                0.190  0.200  ? 155  'X-RAY DIFFRACTION' ? 
r_nbd_other                  0.186  0.200  ? 505  'X-RAY DIFFRACTION' ? 
r_nbtor_refined              0.173  0.200  ? 399  'X-RAY DIFFRACTION' ? 
r_nbtor_other                0.088  0.200  ? 405  'X-RAY DIFFRACTION' ? 
r_xyhbond_nbd_refined        0.171  0.200  ? 33   'X-RAY DIFFRACTION' ? 
r_xyhbond_nbd_other          ?      ?      ? ?    'X-RAY DIFFRACTION' ? 
r_metal_ion_refined          ?      ?      ? ?    'X-RAY DIFFRACTION' ? 
r_metal_ion_other            ?      ?      ? ?    'X-RAY DIFFRACTION' ? 
r_symmetry_vdw_refined       ?      ?      ? ?    'X-RAY DIFFRACTION' ? 
r_symmetry_vdw_other         0.372  0.200  ? 10   'X-RAY DIFFRACTION' ? 
r_symmetry_hbond_refined     0.142  0.200  ? 3    'X-RAY DIFFRACTION' ? 
r_symmetry_hbond_other       ?      ?      ? ?    'X-RAY DIFFRACTION' ? 
r_symmetry_metal_ion_refined ?      ?      ? ?    'X-RAY DIFFRACTION' ? 
r_symmetry_metal_ion_other   ?      ?      ? ?    'X-RAY DIFFRACTION' ? 
r_mcbond_it                  2.754  3.000  ? 518  'X-RAY DIFFRACTION' ? 
r_mcbond_other               0.750  3.000  ? 204  'X-RAY DIFFRACTION' ? 
r_mcangle_it                 3.777  5.000  ? 810  'X-RAY DIFFRACTION' ? 
r_scbond_it                  6.230  7.000  ? 341  'X-RAY DIFFRACTION' ? 
r_scangle_it                 7.237  11.000 ? 302  'X-RAY DIFFRACTION' ? 
r_rigid_bond_restr           ?      ?      ? ?    'X-RAY DIFFRACTION' ? 
r_sphericity_free            ?      ?      ? ?    'X-RAY DIFFRACTION' ? 
r_sphericity_bonded          ?      ?      ? ?    'X-RAY DIFFRACTION' ? 
# 
_refine_ls_shell.pdbx_total_number_of_bins_used   20 
_refine_ls_shell.d_res_high                       2.050 
_refine_ls_shell.d_res_low                        2.103 
_refine_ls_shell.number_reflns_R_work             622 
_refine_ls_shell.R_factor_R_work                  0.247 
_refine_ls_shell.percent_reflns_obs               96.46 
_refine_ls_shell.R_factor_R_free                  0.389 
_refine_ls_shell.R_factor_R_free_error            ? 
_refine_ls_shell.percent_reflns_R_free            ? 
_refine_ls_shell.number_reflns_R_free             32 
_refine_ls_shell.number_reflns_all                ? 
_refine_ls_shell.R_factor_all                     ? 
_refine_ls_shell.number_reflns_obs                ? 
_refine_ls_shell.redundancy_reflns_obs            ? 
_refine_ls_shell.pdbx_refine_id                   'X-RAY DIFFRACTION' 
# 
_struct.entry_id                  2FLS 
_struct.title                     'Crystal structure of Human Glutaredoxin 2 complexed with glutathione' 
_struct.pdbx_model_details        ? 
_struct.pdbx_CASP_flag            ? 
_struct.pdbx_model_type_details   ? 
# 
_struct_keywords.entry_id        2FLS 
_struct_keywords.pdbx_keywords   OXIDOREDUCTASE 
_struct_keywords.text            'Thioredoxin fold, Structural Genomics, Structural Genomics Consortium, SGC, OXIDOREDUCTASE' 
# 
loop_
_struct_asym.id 
_struct_asym.pdbx_blank_PDB_chainid_flag 
_struct_asym.pdbx_modified 
_struct_asym.entity_id 
_struct_asym.details 
A N N 1 ? 
B N N 2 ? 
C N N 3 ? 
# 
_struct_biol.id        1 
_struct_biol.details   ? 
# 
loop_
_struct_conf.conf_type_id 
_struct_conf.id 
_struct_conf.pdbx_PDB_helix_id 
_struct_conf.beg_label_comp_id 
_struct_conf.beg_label_asym_id 
_struct_conf.beg_label_seq_id 
_struct_conf.pdbx_beg_PDB_ins_code 
_struct_conf.end_label_comp_id 
_struct_conf.end_label_asym_id 
_struct_conf.end_label_seq_id 
_struct_conf.pdbx_end_PDB_ins_code 
_struct_conf.beg_auth_comp_id 
_struct_conf.beg_auth_asym_id 
_struct_conf.beg_auth_seq_id 
_struct_conf.end_auth_comp_id 
_struct_conf.end_auth_asym_id 
_struct_conf.end_auth_seq_id 
_struct_conf.pdbx_PDB_helix_class 
_struct_conf.details 
_struct_conf.pdbx_PDB_helix_length 
HELX_P HELX_P1 1 MET A 23  ? ASN A 35  ? MET A 15  ASN A 27  1 ? 13 
HELX_P HELX_P2 2 CYS A 45  ? MET A 58  ? CYS A 37  MET A 50  1 ? 14 
HELX_P HELX_P3 3 ASP A 68  ? LEU A 70  ? ASP A 60  LEU A 62  5 ? 3  
HELX_P HELX_P4 4 TYR A 72  ? GLY A 85  ? TYR A 64  GLY A 77  1 ? 14 
HELX_P HELX_P5 5 GLY A 101 ? GLU A 111 ? GLY A 93  GLU A 103 1 ? 11 
HELX_P HELX_P6 6 LYS A 113 ? LEU A 123 ? LYS A 105 LEU A 115 1 ? 11 
# 
_struct_conf_type.id          HELX_P 
_struct_conf_type.criteria    ? 
_struct_conf_type.reference   ? 
# 
_struct_conn.id                            disulf1 
_struct_conn.conn_type_id                  disulf 
_struct_conn.pdbx_leaving_atom_flag        ? 
_struct_conn.pdbx_PDB_id                   ? 
_struct_conn.ptnr1_label_asym_id           A 
_struct_conn.ptnr1_label_comp_id           CYS 
_struct_conn.ptnr1_label_seq_id            36 
_struct_conn.ptnr1_label_atom_id           SG 
_struct_conn.pdbx_ptnr1_label_alt_id       ? 
_struct_conn.pdbx_ptnr1_PDB_ins_code       ? 
_struct_conn.pdbx_ptnr1_standard_comp_id   ? 
_struct_conn.ptnr1_symmetry                1_555 
_struct_conn.ptnr2_label_asym_id           A 
_struct_conn.ptnr2_label_comp_id           CYS 
_struct_conn.ptnr2_label_seq_id            121 
_struct_conn.ptnr2_label_atom_id           SG 
_struct_conn.pdbx_ptnr2_label_alt_id       ? 
_struct_conn.pdbx_ptnr2_PDB_ins_code       ? 
_struct_conn.ptnr1_auth_asym_id            A 
_struct_conn.ptnr1_auth_comp_id            CYS 
_struct_conn.ptnr1_auth_seq_id             28 
_struct_conn.ptnr2_auth_asym_id            A 
_struct_conn.ptnr2_auth_comp_id            CYS 
_struct_conn.ptnr2_auth_seq_id             113 
_struct_conn.ptnr2_symmetry                1_555 
_struct_conn.pdbx_ptnr3_label_atom_id      ? 
_struct_conn.pdbx_ptnr3_label_seq_id       ? 
_struct_conn.pdbx_ptnr3_label_comp_id      ? 
_struct_conn.pdbx_ptnr3_label_asym_id      ? 
_struct_conn.pdbx_ptnr3_label_alt_id       ? 
_struct_conn.pdbx_ptnr3_PDB_ins_code       ? 
_struct_conn.details                       ? 
_struct_conn.pdbx_dist_value               2.092 
_struct_conn.pdbx_value_order              ? 
_struct_conn.pdbx_role                     ? 
# 
_struct_conn_type.id          disulf 
_struct_conn_type.criteria    ? 
_struct_conn_type.reference   ? 
# 
_struct_mon_prot_cis.pdbx_id                1 
_struct_mon_prot_cis.label_comp_id          VAL 
_struct_mon_prot_cis.label_seq_id           89 
_struct_mon_prot_cis.label_asym_id          A 
_struct_mon_prot_cis.label_alt_id           . 
_struct_mon_prot_cis.pdbx_PDB_ins_code      ? 
_struct_mon_prot_cis.auth_comp_id           VAL 
_struct_mon_prot_cis.auth_seq_id            81 
_struct_mon_prot_cis.auth_asym_id           A 
_struct_mon_prot_cis.pdbx_label_comp_id_2   PRO 
_struct_mon_prot_cis.pdbx_label_seq_id_2    90 
_struct_mon_prot_cis.pdbx_label_asym_id_2   A 
_struct_mon_prot_cis.pdbx_PDB_ins_code_2    ? 
_struct_mon_prot_cis.pdbx_auth_comp_id_2    PRO 
_struct_mon_prot_cis.pdbx_auth_seq_id_2     82 
_struct_mon_prot_cis.pdbx_auth_asym_id_2    A 
_struct_mon_prot_cis.pdbx_PDB_model_num     1 
_struct_mon_prot_cis.pdbx_omega_angle       -3.37 
# 
_struct_sheet.id               A 
_struct_sheet.type             ? 
_struct_sheet.number_strands   4 
_struct_sheet.details          ? 
# 
loop_
_struct_sheet_order.sheet_id 
_struct_sheet_order.range_id_1 
_struct_sheet_order.range_id_2 
_struct_sheet_order.offset 
_struct_sheet_order.sense 
A 1 2 ? parallel      
A 2 3 ? anti-parallel 
A 3 4 ? anti-parallel 
# 
loop_
_struct_sheet_range.sheet_id 
_struct_sheet_range.id 
_struct_sheet_range.beg_label_comp_id 
_struct_sheet_range.beg_label_asym_id 
_struct_sheet_range.beg_label_seq_id 
_struct_sheet_range.pdbx_beg_PDB_ins_code 
_struct_sheet_range.end_label_comp_id 
_struct_sheet_range.end_label_asym_id 
_struct_sheet_range.end_label_seq_id 
_struct_sheet_range.pdbx_end_PDB_ins_code 
_struct_sheet_range.beg_auth_comp_id 
_struct_sheet_range.beg_auth_asym_id 
_struct_sheet_range.beg_auth_seq_id 
_struct_sheet_range.end_auth_comp_id 
_struct_sheet_range.end_auth_asym_id 
_struct_sheet_range.end_auth_seq_id 
A 1 TYR A 62 ? GLU A 66  ? TYR A 54 GLU A 58 
A 2 VAL A 37 ? SER A 41  ? VAL A 29 SER A 33 
A 3 ARG A 91 ? VAL A 94  ? ARG A 83 VAL A 86 
A 4 THR A 97 ? GLY A 100 ? THR A 89 GLY A 92 
# 
loop_
_pdbx_struct_sheet_hbond.sheet_id 
_pdbx_struct_sheet_hbond.range_id_1 
_pdbx_struct_sheet_hbond.range_id_2 
_pdbx_struct_sheet_hbond.range_1_label_atom_id 
_pdbx_struct_sheet_hbond.range_1_label_comp_id 
_pdbx_struct_sheet_hbond.range_1_label_asym_id 
_pdbx_struct_sheet_hbond.range_1_label_seq_id 
_pdbx_struct_sheet_hbond.range_1_PDB_ins_code 
_pdbx_struct_sheet_hbond.range_1_auth_atom_id 
_pdbx_struct_sheet_hbond.range_1_auth_comp_id 
_pdbx_struct_sheet_hbond.range_1_auth_asym_id 
_pdbx_struct_sheet_hbond.range_1_auth_seq_id 
_pdbx_struct_sheet_hbond.range_2_label_atom_id 
_pdbx_struct_sheet_hbond.range_2_label_comp_id 
_pdbx_struct_sheet_hbond.range_2_label_asym_id 
_pdbx_struct_sheet_hbond.range_2_label_seq_id 
_pdbx_struct_sheet_hbond.range_2_PDB_ins_code 
_pdbx_struct_sheet_hbond.range_2_auth_atom_id 
_pdbx_struct_sheet_hbond.range_2_auth_comp_id 
_pdbx_struct_sheet_hbond.range_2_auth_asym_id 
_pdbx_struct_sheet_hbond.range_2_auth_seq_id 
A 1 2 O LYS A 63 ? O LYS A 55 N ILE A 39 ? N ILE A 31 
A 2 3 N PHE A 40 ? N PHE A 32 O ARG A 91 ? O ARG A 83 
A 3 4 N ILE A 92 ? N ILE A 84 O ILE A 99 ? O ILE A 91 
# 
_struct_site.id                   AC1 
_struct_site.pdbx_evidence_code   Software 
_struct_site.pdbx_auth_asym_id    A 
_struct_site.pdbx_auth_comp_id    GSH 
_struct_site.pdbx_auth_seq_id     125 
_struct_site.pdbx_auth_ins_code   ? 
_struct_site.pdbx_num_residues    13 
_struct_site.details              'BINDING SITE FOR RESIDUE GSH A 125' 
# 
loop_
_struct_site_gen.id 
_struct_site_gen.site_id 
_struct_site_gen.pdbx_num_res 
_struct_site_gen.label_comp_id 
_struct_site_gen.label_asym_id 
_struct_site_gen.label_seq_id 
_struct_site_gen.pdbx_auth_ins_code 
_struct_site_gen.auth_comp_id 
_struct_site_gen.auth_asym_id 
_struct_site_gen.auth_seq_id 
_struct_site_gen.label_atom_id 
_struct_site_gen.label_alt_id 
_struct_site_gen.symmetry 
_struct_site_gen.details 
1  AC1 13 LYS A 42  ? LYS A 34  . ? 1_555 ? 
2  AC1 13 CYS A 45  ? CYS A 37  . ? 1_555 ? 
3  AC1 13 TYR A 47  ? TYR A 39  . ? 1_555 ? 
4  AC1 13 GLN A 77  ? GLN A 69  . ? 1_555 ? 
5  AC1 13 THR A 88  ? THR A 80  . ? 1_555 ? 
6  AC1 13 VAL A 89  ? VAL A 81  . ? 1_555 ? 
7  AC1 13 PRO A 90  ? PRO A 82  . ? 1_555 ? 
8  AC1 13 GLY A 101 ? GLY A 93  . ? 1_555 ? 
9  AC1 13 ALA A 102 ? ALA A 94  . ? 1_555 ? 
10 AC1 13 THR A 103 ? THR A 95  . ? 1_555 ? 
11 AC1 13 HOH C .   ? HOH A 127 . ? 1_555 ? 
12 AC1 13 HOH C .   ? HOH A 129 . ? 1_555 ? 
13 AC1 13 HOH C .   ? HOH A 145 . ? 1_555 ? 
# 
_atom_sites.entry_id                    2FLS 
_atom_sites.fract_transf_matrix[1][1]   0.01353595 
_atom_sites.fract_transf_matrix[1][2]   -0.00987928 
_atom_sites.fract_transf_matrix[1][3]   -0.00933119 
_atom_sites.fract_transf_matrix[2][1]   0.01079632 
_atom_sites.fract_transf_matrix[2][2]   -0.01273985 
_atom_sites.fract_transf_matrix[2][3]   0.00943644 
_atom_sites.fract_transf_matrix[3][1]   -0.00979582 
_atom_sites.fract_transf_matrix[3][2]   -0.01055187 
_atom_sites.fract_transf_matrix[3][3]   -0.00303828 
_atom_sites.fract_transf_vector[1]      -0.273273 
_atom_sites.fract_transf_vector[2]      0.318343 
_atom_sites.fract_transf_vector[3]      0.114919 
# 
loop_
_atom_type.symbol 
C 
N 
O 
S 
# 
loop_
_atom_site.group_PDB 
_atom_site.id 
_atom_site.type_symbol 
_atom_site.label_atom_id 
_atom_site.label_alt_id 
_atom_site.label_comp_id 
_atom_site.label_asym_id 
_atom_site.label_entity_id 
_atom_site.label_seq_id 
_atom_site.pdbx_PDB_ins_code 
_atom_site.Cartn_x 
_atom_site.Cartn_y 
_atom_site.Cartn_z 
_atom_site.occupancy 
_atom_site.B_iso_or_equiv 
_atom_site.pdbx_formal_charge 
_atom_site.auth_seq_id 
_atom_site.auth_comp_id 
_atom_site.auth_asym_id 
_atom_site.auth_atom_id 
_atom_site.pdbx_PDB_model_num 
ATOM   1   N N   . MET A 1 23  ? -11.562 5.927   14.299  1.00 46.01 ? 15  MET A N   1 
ATOM   2   C CA  . MET A 1 23  ? -10.724 6.971   13.653  1.00 49.61 ? 15  MET A CA  1 
ATOM   3   C C   . MET A 1 23  ? -9.897  6.294   12.543  1.00 51.79 ? 15  MET A C   1 
ATOM   4   O O   . MET A 1 23  ? -9.156  5.340   12.825  1.00 51.18 ? 15  MET A O   1 
ATOM   5   C CB  . MET A 1 23  ? -9.819  7.665   14.678  1.00 47.72 ? 15  MET A CB  1 
ATOM   6   N N   . PRO A 1 24  ? -10.044 6.754   11.275  1.00 50.35 ? 16  PRO A N   1 
ATOM   7   C CA  . PRO A 1 24  ? -9.325  6.154   10.138  1.00 46.54 ? 16  PRO A CA  1 
ATOM   8   C C   . PRO A 1 24  ? -7.802  6.053   10.289  1.00 43.06 ? 16  PRO A C   1 
ATOM   9   O O   . PRO A 1 24  ? -7.227  5.054   9.879   1.00 36.33 ? 16  PRO A O   1 
ATOM   10  C CB  . PRO A 1 24  ? -9.690  7.083   8.957   1.00 45.71 ? 16  PRO A CB  1 
ATOM   11  C CG  . PRO A 1 24  ? -10.999 7.621   9.319   1.00 49.39 ? 16  PRO A CG  1 
ATOM   12  C CD  . PRO A 1 24  ? -10.924 7.849   10.817  1.00 50.90 ? 16  PRO A CD  1 
ATOM   13  N N   . VAL A 1 25  ? -7.177  7.072   10.870  1.00 41.26 ? 17  VAL A N   1 
ATOM   14  C CA  . VAL A 1 25  ? -5.737  7.096   11.075  1.00 42.06 ? 17  VAL A CA  1 
ATOM   15  C C   . VAL A 1 25  ? -5.267  5.953   11.992  1.00 44.21 ? 17  VAL A C   1 
ATOM   16  O O   . VAL A 1 25  ? -4.194  5.388   11.778  1.00 45.21 ? 17  VAL A O   1 
ATOM   17  C CB  . VAL A 1 25  ? -5.278  8.475   11.598  1.00 43.60 ? 17  VAL A CB  1 
ATOM   18  C CG1 . VAL A 1 25  ? -5.848  8.760   12.995  1.00 37.18 ? 17  VAL A CG1 1 
ATOM   19  C CG2 . VAL A 1 25  ? -3.743  8.614   11.564  1.00 43.80 ? 17  VAL A CG2 1 
ATOM   20  N N   . ASN A 1 26  ? -6.097  5.595   12.971  1.00 45.10 ? 18  ASN A N   1 
ATOM   21  C CA  . ASN A 1 26  ? -5.836  4.466   13.866  1.00 43.85 ? 18  ASN A CA  1 
ATOM   22  C C   . ASN A 1 26  ? -5.929  3.142   13.132  1.00 40.92 ? 18  ASN A C   1 
ATOM   23  O O   . ASN A 1 26  ? -5.047  2.298   13.280  1.00 42.21 ? 18  ASN A O   1 
ATOM   24  C CB  . ASN A 1 26  ? -6.822  4.439   15.065  1.00 46.99 ? 18  ASN A CB  1 
ATOM   25  C CG  . ASN A 1 26  ? -6.798  5.732   15.911  1.00 49.15 ? 18  ASN A CG  1 
ATOM   26  O OD1 . ASN A 1 26  ? -5.789  6.452   15.948  1.00 52.46 ? 18  ASN A OD1 1 
ATOM   27  N ND2 . ASN A 1 26  ? -7.917  6.008   16.613  1.00 44.37 ? 18  ASN A ND2 1 
ATOM   28  N N   . GLN A 1 27  ? -6.993  2.970   12.348  1.00 37.27 ? 19  GLN A N   1 
ATOM   29  C CA  . GLN A 1 27  ? -7.233  1.742   11.572  1.00 38.63 ? 19  GLN A CA  1 
ATOM   30  C C   . GLN A 1 27  ? -6.187  1.547   10.483  1.00 35.02 ? 19  GLN A C   1 
ATOM   31  O O   . GLN A 1 27  ? -5.823  0.424   10.144  1.00 33.98 ? 19  GLN A O   1 
ATOM   32  C CB  . GLN A 1 27  ? -8.620  1.764   10.919  1.00 36.44 ? 19  GLN A CB  1 
ATOM   33  C CG  . GLN A 1 27  ? -9.768  1.871   11.912  1.00 45.23 ? 19  GLN A CG  1 
ATOM   34  C CD  . GLN A 1 27  ? -11.112 2.079   11.251  1.00 45.93 ? 19  GLN A CD  1 
ATOM   35  O OE1 . GLN A 1 27  ? -11.485 1.357   10.315  1.00 55.29 ? 19  GLN A OE1 1 
ATOM   36  N NE2 . GLN A 1 27  ? -11.855 3.077   11.731  1.00 59.74 ? 19  GLN A NE2 1 
ATOM   37  N N   . ILE A 1 28  ? -5.729  2.656   9.914   1.00 32.97 ? 20  ILE A N   1 
ATOM   38  C CA  . ILE A 1 28  ? -4.641  2.620   8.956   1.00 30.25 ? 20  ILE A CA  1 
ATOM   39  C C   . ILE A 1 28  ? -3.387  2.107   9.664   1.00 30.85 ? 20  ILE A C   1 
ATOM   40  O O   . ILE A 1 28  ? -2.765  1.154   9.194   1.00 28.07 ? 20  ILE A O   1 
ATOM   41  C CB  . ILE A 1 28  ? -4.417  3.997   8.315   1.00 28.69 ? 20  ILE A CB  1 
ATOM   42  C CG1 . ILE A 1 28  ? -5.575  4.291   7.339   1.00 29.24 ? 20  ILE A CG1 1 
ATOM   43  C CG2 . ILE A 1 28  ? -3.117  4.018   7.606   1.00 19.64 ? 20  ILE A CG2 1 
ATOM   44  C CD1 . ILE A 1 28  ? -5.677  5.660   6.912   1.00 27.65 ? 20  ILE A CD1 1 
ATOM   45  N N   . GLN A 1 29  ? -3.061  2.685   10.817  1.00 28.75 ? 21  GLN A N   1 
ATOM   46  C CA  . GLN A 1 29  ? -1.866  2.281   11.547  1.00 30.55 ? 21  GLN A CA  1 
ATOM   47  C C   . GLN A 1 29  ? -1.931  0.819   11.969  1.00 30.74 ? 21  GLN A C   1 
ATOM   48  O O   . GLN A 1 29  ? -0.949  0.092   11.821  1.00 26.80 ? 21  GLN A O   1 
ATOM   49  C CB  . GLN A 1 29  ? -1.607  3.172   12.772  1.00 34.28 ? 21  GLN A CB  1 
ATOM   50  C CG  . GLN A 1 29  ? -0.241  2.930   13.460  1.00 41.01 ? 21  GLN A CG  1 
ATOM   51  C CD  . GLN A 1 29  ? 0.984   3.036   12.515  1.00 50.89 ? 21  GLN A CD  1 
ATOM   52  O OE1 . GLN A 1 29  ? 1.637   2.021   12.190  1.00 46.76 ? 21  GLN A OE1 1 
ATOM   53  N NE2 . GLN A 1 29  ? 1.308   4.268   12.101  1.00 42.78 ? 21  GLN A NE2 1 
ATOM   54  N N   . GLU A 1 30  ? -3.079  0.414   12.505  1.00 28.70 ? 22  GLU A N   1 
ATOM   55  C CA  . GLU A 1 30  ? -3.356  -0.989  12.845  1.00 30.08 ? 22  GLU A CA  1 
ATOM   56  C C   . GLU A 1 30  ? -3.103  -1.914  11.669  1.00 29.92 ? 22  GLU A C   1 
ATOM   57  O O   . GLU A 1 30  ? -2.412  -2.905  11.823  1.00 27.04 ? 22  GLU A O   1 
ATOM   58  C CB  . GLU A 1 30  ? -4.813  -1.190  13.356  1.00 30.51 ? 22  GLU A CB  1 
ATOM   59  N N   . THR A 1 31  ? -3.654  -1.577  10.493  1.00 31.57 ? 23  THR A N   1 
ATOM   60  C CA  . THR A 1 31  ? -3.560  -2.457  9.317   1.00 31.21 ? 23  THR A CA  1 
ATOM   61  C C   . THR A 1 31  ? -2.126  -2.613  8.812   1.00 28.95 ? 23  THR A C   1 
ATOM   62  O O   . THR A 1 31  ? -1.689  -3.724  8.479   1.00 26.22 ? 23  THR A O   1 
ATOM   63  C CB  . THR A 1 31  ? -4.472  -1.959  8.155   1.00 34.58 ? 23  THR A CB  1 
ATOM   64  O OG1 . THR A 1 31  ? -5.811  -1.920  8.622   1.00 29.13 ? 23  THR A OG1 1 
ATOM   65  C CG2 . THR A 1 31  ? -4.426  -2.905  6.961   1.00 29.76 ? 23  THR A CG2 1 
ATOM   66  N N   . ILE A 1 32  ? -1.393  -1.504  8.780   1.00 30.23 ? 24  ILE A N   1 
ATOM   67  C CA  . ILE A 1 32  ? -0.029  -1.528  8.282   1.00 31.44 ? 24  ILE A CA  1 
ATOM   68  C C   . ILE A 1 32  ? 0.948   -2.190  9.270   1.00 29.50 ? 24  ILE A C   1 
ATOM   69  O O   . ILE A 1 32  ? 1.983   -2.709  8.860   1.00 27.10 ? 24  ILE A O   1 
ATOM   70  C CB  . ILE A 1 32  ? 0.469   -0.148  7.800   1.00 31.33 ? 24  ILE A CB  1 
ATOM   71  C CG1 . ILE A 1 32  ? 0.704   0.832   8.947   1.00 30.57 ? 24  ILE A CG1 1 
ATOM   72  C CG2 . ILE A 1 32  ? -0.504  0.444   6.787   1.00 21.92 ? 24  ILE A CG2 1 
ATOM   73  C CD1 . ILE A 1 32  ? 1.299   2.181   8.506   1.00 28.46 ? 24  ILE A CD1 1 
ATOM   74  N N   . SER A 1 33  ? 0.627   -2.138  10.558  1.00 28.34 ? 25  SER A N   1 
ATOM   75  C CA  . SER A 1 33  ? 1.407   -2.825  11.567  1.00 30.49 ? 25  SER A CA  1 
ATOM   76  C C   . SER A 1 33  ? 1.142   -4.330  11.561  1.00 28.92 ? 25  SER A C   1 
ATOM   77  O O   . SER A 1 33  ? 2.005   -5.093  11.966  1.00 27.60 ? 25  SER A O   1 
ATOM   78  C CB  . SER A 1 33  ? 1.121   -2.260  12.958  1.00 30.91 ? 25  SER A CB  1 
ATOM   79  O OG  . SER A 1 33  ? 1.602   -0.940  13.026  1.00 35.91 ? 25  SER A OG  1 
ATOM   80  N N   . ASP A 1 34  ? -0.038  -4.742  11.104  1.00 26.21 ? 26  ASP A N   1 
ATOM   81  C CA  . ASP A 1 34  ? -0.483  -6.145  11.238  1.00 28.97 ? 26  ASP A CA  1 
ATOM   82  C C   . ASP A 1 34  ? -0.291  -6.931  9.955   1.00 28.50 ? 26  ASP A C   1 
ATOM   83  O O   . ASP A 1 34  ? -0.526  -8.129  9.922   1.00 28.10 ? 26  ASP A O   1 
ATOM   84  C CB  . ASP A 1 34  ? -1.959  -6.201  11.640  1.00 30.73 ? 26  ASP A CB  1 
ATOM   85  C CG  . ASP A 1 34  ? -2.201  -5.764  13.090  1.00 40.64 ? 26  ASP A CG  1 
ATOM   86  O OD1 . ASP A 1 34  ? -1.224  -5.459  13.813  1.00 46.50 ? 26  ASP A OD1 1 
ATOM   87  O OD2 . ASP A 1 34  ? -3.382  -5.714  13.495  1.00 44.80 ? 26  ASP A OD2 1 
ATOM   88  N N   . ASN A 1 35  ? 0.110   -6.233  8.897   1.00 29.52 ? 27  ASN A N   1 
ATOM   89  C CA  . ASN A 1 35  ? 0.340   -6.836  7.593   1.00 26.94 ? 27  ASN A CA  1 
ATOM   90  C C   . ASN A 1 35  ? 1.650   -6.363  7.081   1.00 26.00 ? 27  ASN A C   1 
ATOM   91  O O   . ASN A 1 35  ? 1.974   -5.202  7.229   1.00 24.64 ? 27  ASN A O   1 
ATOM   92  C CB  . ASN A 1 35  ? -0.764  -6.474  6.611   1.00 22.36 ? 27  ASN A CB  1 
ATOM   93  C CG  . ASN A 1 35  ? -2.106  -7.016  7.034   1.00 26.50 ? 27  ASN A CG  1 
ATOM   94  O OD1 . ASN A 1 35  ? -2.386  -8.210  6.883   1.00 22.92 ? 27  ASN A OD1 1 
ATOM   95  N ND2 . ASN A 1 35  ? -2.932  -6.145  7.604   1.00 21.45 ? 27  ASN A ND2 1 
ATOM   96  N N   . CYS A 1 36  ? 2.423   -7.290  6.515   1.00 26.79 ? 28  CYS A N   1 
ATOM   97  C CA  . CYS A 1 36  ? 3.662   -6.949  5.867   1.00 27.22 ? 28  CYS A CA  1 
ATOM   98  C C   . CYS A 1 36  ? 3.508   -5.957  4.706   1.00 24.24 ? 28  CYS A C   1 
ATOM   99  O O   . CYS A 1 36  ? 4.091   -4.883  4.742   1.00 29.10 ? 28  CYS A O   1 
ATOM   100 C CB  . CYS A 1 36  ? 4.377   -8.219  5.383   1.00 31.24 ? 28  CYS A CB  1 
ATOM   101 S SG  . CYS A 1 36  ? 6.013   -7.765  4.914   1.00 45.24 ? 28  CYS A SG  1 
ATOM   102 N N   . VAL A 1 37  ? 2.729   -6.320  3.692   1.00 22.51 ? 29  VAL A N   1 
ATOM   103 C CA  . VAL A 1 37  ? 2.408   -5.430  2.583   1.00 22.50 ? 29  VAL A CA  1 
ATOM   104 C C   . VAL A 1 37  ? 0.918   -5.004  2.628   1.00 26.12 ? 29  VAL A C   1 
ATOM   105 O O   . VAL A 1 37  ? 0.008   -5.839  2.702   1.00 23.96 ? 29  VAL A O   1 
ATOM   106 C CB  . VAL A 1 37  ? 2.738   -6.081  1.218   1.00 21.17 ? 29  VAL A CB  1 
ATOM   107 C CG1 . VAL A 1 37  ? 2.479   -5.066  0.051   1.00 21.14 ? 29  VAL A CG1 1 
ATOM   108 C CG2 . VAL A 1 37  ? 4.162   -6.693  1.185   1.00 25.66 ? 29  VAL A CG2 1 
ATOM   109 N N   . VAL A 1 38  ? 0.675   -3.697  2.609   1.00 25.55 ? 30  VAL A N   1 
ATOM   110 C CA  . VAL A 1 38  ? -0.687  -3.182  2.441   1.00 25.44 ? 30  VAL A CA  1 
ATOM   111 C C   . VAL A 1 38  ? -0.765  -2.265  1.253   1.00 26.68 ? 30  VAL A C   1 
ATOM   112 O O   . VAL A 1 38  ? 0.060   -1.353  1.119   1.00 26.46 ? 30  VAL A O   1 
ATOM   113 C CB  . VAL A 1 38  ? -1.135  -2.439  3.689   1.00 27.67 ? 30  VAL A CB  1 
ATOM   114 C CG1 . VAL A 1 38  ? -2.614  -1.922  3.541   1.00 21.12 ? 30  VAL A CG1 1 
ATOM   115 C CG2 . VAL A 1 38  ? -0.897  -3.347  4.866   1.00 21.59 ? 30  VAL A CG2 1 
ATOM   116 N N   . ILE A 1 39  ? -1.758  -2.516  0.388   1.00 25.47 ? 31  ILE A N   1 
ATOM   117 C CA  . ILE A 1 39  ? -2.110  -1.641  -0.721  1.00 24.55 ? 31  ILE A CA  1 
ATOM   118 C C   . ILE A 1 39  ? -3.472  -0.952  -0.493  1.00 24.03 ? 31  ILE A C   1 
ATOM   119 O O   . ILE A 1 39  ? -4.510  -1.591  -0.544  1.00 22.93 ? 31  ILE A O   1 
ATOM   120 C CB  . ILE A 1 39  ? -2.136  -2.427  -2.102  1.00 28.08 ? 31  ILE A CB  1 
ATOM   121 C CG1 . ILE A 1 39  ? -0.827  -3.202  -2.334  1.00 26.47 ? 31  ILE A CG1 1 
ATOM   122 C CG2 . ILE A 1 39  ? -2.407  -1.456  -3.291  1.00 23.05 ? 31  ILE A CG2 1 
ATOM   123 C CD1 . ILE A 1 39  ? -0.834  -4.211  -3.593  1.00 21.20 ? 31  ILE A CD1 1 
ATOM   124 N N   . PHE A 1 40  ? -3.458  0.352   -0.236  1.00 23.58 ? 32  PHE A N   1 
ATOM   125 C CA  . PHE A 1 40  ? -4.702  1.121   -0.193  1.00 26.87 ? 32  PHE A CA  1 
ATOM   126 C C   . PHE A 1 40  ? -5.038  1.458   -1.591  1.00 24.28 ? 32  PHE A C   1 
ATOM   127 O O   . PHE A 1 40  ? -4.268  2.112   -2.298  1.00 24.77 ? 32  PHE A O   1 
ATOM   128 C CB  . PHE A 1 40  ? -4.587  2.345   0.693   1.00 24.45 ? 32  PHE A CB  1 
ATOM   129 C CG  . PHE A 1 40  ? -4.403  1.993   2.127   1.00 29.57 ? 32  PHE A CG  1 
ATOM   130 C CD1 . PHE A 1 40  ? -5.515  1.794   2.957   1.00 25.65 ? 32  PHE A CD1 1 
ATOM   131 C CD2 . PHE A 1 40  ? -3.138  1.831   2.652   1.00 25.92 ? 32  PHE A CD2 1 
ATOM   132 C CE1 . PHE A 1 40  ? -5.350  1.450   4.297   1.00 27.96 ? 32  PHE A CE1 1 
ATOM   133 C CE2 . PHE A 1 40  ? -2.956  1.497   4.011   1.00 21.76 ? 32  PHE A CE2 1 
ATOM   134 C CZ  . PHE A 1 40  ? -4.089  1.281   4.823   1.00 23.80 ? 32  PHE A CZ  1 
ATOM   135 N N   . SER A 1 41  ? -6.211  1.011   -1.999  1.00 22.94 ? 33  SER A N   1 
ATOM   136 C CA  . SER A 1 41  ? -6.500  0.865   -3.396  1.00 25.81 ? 33  SER A CA  1 
ATOM   137 C C   . SER A 1 41  ? -7.907  1.404   -3.736  1.00 26.49 ? 33  SER A C   1 
ATOM   138 O O   . SER A 1 41  ? -8.678  1.748   -2.840  1.00 26.63 ? 33  SER A O   1 
ATOM   139 C CB  . SER A 1 41  ? -6.348  -0.647  -3.660  1.00 27.61 ? 33  SER A CB  1 
ATOM   140 O OG  . SER A 1 41  ? -6.794  -1.082  -4.911  1.00 32.69 ? 33  SER A OG  1 
ATOM   141 N N   . LYS A 1 42  ? -8.204  1.519   -5.035  1.00 28.18 ? 34  LYS A N   1 
ATOM   142 C CA  . LYS A 1 42  ? -9.580  1.567   -5.557  1.00 24.93 ? 34  LYS A CA  1 
ATOM   143 C C   . LYS A 1 42  ? -9.776  0.508   -6.644  1.00 25.22 ? 34  LYS A C   1 
ATOM   144 O O   . LYS A 1 42  ? -8.869  0.193   -7.433  1.00 25.12 ? 34  LYS A O   1 
ATOM   145 C CB  . LYS A 1 42  ? -9.980  2.964   -6.069  1.00 22.26 ? 34  LYS A CB  1 
ATOM   146 C CG  . LYS A 1 42  ? -10.137 3.940   -4.919  1.00 23.62 ? 34  LYS A CG  1 
ATOM   147 C CD  . LYS A 1 42  ? -10.469 5.317   -5.343  1.00 28.02 ? 34  LYS A CD  1 
ATOM   148 C CE  . LYS A 1 42  ? -10.640 6.215   -4.136  1.00 31.68 ? 34  LYS A CE  1 
ATOM   149 N NZ  . LYS A 1 42  ? -10.673 7.626   -4.586  1.00 27.66 ? 34  LYS A NZ  1 
ATOM   150 N N   . THR A 1 43  ? -10.989 -0.016  -6.706  1.00 27.14 ? 35  THR A N   1 
ATOM   151 C CA  . THR A 1 43  ? -11.263 -1.228  -7.482  1.00 31.13 ? 35  THR A CA  1 
ATOM   152 C C   . THR A 1 43  ? -11.136 -1.078  -9.000  1.00 32.51 ? 35  THR A C   1 
ATOM   153 O O   . THR A 1 43  ? -10.862 -2.064  -9.682  1.00 33.81 ? 35  THR A O   1 
ATOM   154 C CB  . THR A 1 43  ? -12.663 -1.815  -7.168  1.00 32.07 ? 35  THR A CB  1 
ATOM   155 O OG1 . THR A 1 43  ? -13.663 -0.812  -7.367  1.00 24.97 ? 35  THR A OG1 1 
ATOM   156 C CG2 . THR A 1 43  ? -12.705 -2.327  -5.758  1.00 21.82 ? 35  THR A CG2 1 
ATOM   157 N N   . SER A 1 44  ? -11.332 0.134   -9.507  1.00 35.24 ? 36  SER A N   1 
ATOM   158 C CA  . SER A 1 44  ? -11.115 0.433   -10.927 1.00 41.35 ? 36  SER A CA  1 
ATOM   159 C C   . SER A 1 44  ? -9.958  1.418   -11.155 1.00 36.60 ? 36  SER A C   1 
ATOM   160 O O   . SER A 1 44  ? -10.048 2.307   -11.982 1.00 42.08 ? 36  SER A O   1 
ATOM   161 C CB  . SER A 1 44  ? -12.389 1.028   -11.532 1.00 41.88 ? 36  SER A CB  1 
ATOM   162 O OG  . SER A 1 44  ? -12.587 2.299   -10.944 1.00 49.52 ? 36  SER A OG  1 
ATOM   163 N N   . CYS A 1 45  ? -8.877  1.275   -10.415 1.00 36.11 ? 37  CYS A N   1 
ATOM   164 C CA  . CYS A 1 45  ? -7.682  2.079   -10.655 1.00 33.06 ? 37  CYS A CA  1 
ATOM   165 C C   . CYS A 1 45  ? -6.629  1.219   -11.354 1.00 30.32 ? 37  CYS A C   1 
ATOM   166 O O   . CYS A 1 45  ? -6.227  0.184   -10.848 1.00 31.10 ? 37  CYS A O   1 
ATOM   167 C CB  . CYS A 1 45  ? -7.165  2.657   -9.342  1.00 31.93 ? 37  CYS A CB  1 
ATOM   168 S SG  . CYS A 1 45  ? -5.613  3.531   -9.487  1.00 32.61 ? 37  CYS A SG  1 
ATOM   169 N N   . SER A 1 46  ? -6.202  1.624   -12.542 1.00 31.86 ? 38  SER A N   1 
ATOM   170 C CA  . SER A 1 46  ? -5.243  0.826   -13.297 1.00 30.11 ? 38  SER A CA  1 
ATOM   171 C C   . SER A 1 46  ? -3.872  0.756   -12.611 1.00 28.15 ? 38  SER A C   1 
ATOM   172 O O   . SER A 1 46  ? -3.187  -0.268  -12.704 1.00 28.39 ? 38  SER A O   1 
ATOM   173 C CB  . SER A 1 46  ? -5.103  1.378   -14.716 1.00 34.75 ? 38  SER A CB  1 
ATOM   174 O OG  . SER A 1 46  ? -4.625  2.709   -14.666 1.00 37.87 ? 38  SER A OG  1 
ATOM   175 N N   . TYR A 1 47  ? -3.463  1.842   -11.944 1.00 26.45 ? 39  TYR A N   1 
ATOM   176 C CA  . TYR A 1 47  ? -2.228  1.855   -11.132 1.00 27.70 ? 39  TYR A CA  1 
ATOM   177 C C   . TYR A 1 47  ? -2.295  0.836   -10.010 1.00 25.73 ? 39  TYR A C   1 
ATOM   178 O O   . TYR A 1 47  ? -1.299  0.216   -9.693  1.00 30.68 ? 39  TYR A O   1 
ATOM   179 C CB  . TYR A 1 47  ? -1.932  3.262   -10.557 1.00 26.62 ? 39  TYR A CB  1 
ATOM   180 C CG  . TYR A 1 47  ? -1.556  4.246   -11.649 1.00 28.71 ? 39  TYR A CG  1 
ATOM   181 C CD1 . TYR A 1 47  ? -0.283  4.227   -12.211 1.00 38.80 ? 39  TYR A CD1 1 
ATOM   182 C CD2 . TYR A 1 47  ? -2.496  5.128   -12.182 1.00 39.12 ? 39  TYR A CD2 1 
ATOM   183 C CE1 . TYR A 1 47  ? 0.062   5.085   -13.226 1.00 45.05 ? 39  TYR A CE1 1 
ATOM   184 C CE2 . TYR A 1 47  ? -2.157  6.000   -13.209 1.00 41.94 ? 39  TYR A CE2 1 
ATOM   185 C CZ  . TYR A 1 47  ? -0.873  5.967   -13.727 1.00 43.46 ? 39  TYR A CZ  1 
ATOM   186 O OH  . TYR A 1 47  ? -0.500  6.809   -14.748 1.00 48.54 ? 39  TYR A OH  1 
ATOM   187 N N   . CYS A 1 48  ? -3.470  0.649   -9.417  1.00 28.23 ? 40  CYS A N   1 
ATOM   188 C CA  . CYS A 1 48  ? -3.618  -0.278  -8.307  1.00 25.03 ? 40  CYS A CA  1 
ATOM   189 C C   . CYS A 1 48  ? -3.535  -1.698  -8.799  1.00 24.84 ? 40  CYS A C   1 
ATOM   190 O O   . CYS A 1 48  ? -2.916  -2.544  -8.166  1.00 28.64 ? 40  CYS A O   1 
ATOM   191 C CB  . CYS A 1 48  ? -4.957  -0.056  -7.587  1.00 28.53 ? 40  CYS A CB  1 
ATOM   192 S SG  . CYS A 1 48  ? -5.162  1.571   -6.708  1.00 32.65 ? 40  CYS A SG  1 
ATOM   193 N N   . THR A 1 49  ? -4.196  -1.970  -9.917  1.00 28.11 ? 41  THR A N   1 
ATOM   194 C CA  . THR A 1 49  ? -4.164  -3.275  -10.552 1.00 29.06 ? 41  THR A CA  1 
ATOM   195 C C   . THR A 1 49  ? -2.705  -3.643  -10.862 1.00 28.02 ? 41  THR A C   1 
ATOM   196 O O   . THR A 1 49  ? -2.280  -4.755  -10.578 1.00 28.57 ? 41  THR A O   1 
ATOM   197 C CB  . THR A 1 49  ? -5.013  -3.272  -11.857 1.00 28.70 ? 41  THR A CB  1 
ATOM   198 O OG1 . THR A 1 49  ? -6.349  -2.861  -11.544 1.00 28.06 ? 41  THR A OG1 1 
ATOM   199 C CG2 . THR A 1 49  ? -5.022  -4.704  -12.579 1.00 28.07 ? 41  THR A CG2 1 
ATOM   200 N N   . MET A 1 50  ? -1.936  -2.698  -11.407 1.00 28.61 ? 42  MET A N   1 
ATOM   201 C CA  . MET A 1 50  ? -0.502  -2.922  -11.692 1.00 32.23 ? 42  MET A CA  1 
ATOM   202 C C   . MET A 1 50  ? 0.317   -3.213  -10.419 1.00 31.61 ? 42  MET A C   1 
ATOM   203 O O   . MET A 1 50  ? 1.217   -4.066  -10.455 1.00 29.64 ? 42  MET A O   1 
ATOM   204 C CB  . MET A 1 50  ? 0.126   -1.784  -12.564 1.00 36.74 ? 42  MET A CB  1 
ATOM   205 C CG  . MET A 1 50  ? 1.112   -0.787  -11.892 1.00 52.00 ? 42  MET A CG  1 
ATOM   206 S SD  . MET A 1 50  ? 2.886   -1.250  -11.855 1.00 63.38 ? 42  MET A SD  1 
ATOM   207 C CE  . MET A 1 50  ? 3.463   -0.554  -10.301 1.00 55.90 ? 42  MET A CE  1 
ATOM   208 N N   . ALA A 1 51  ? 0.011   -2.527  -9.307  1.00 29.80 ? 43  ALA A N   1 
ATOM   209 C CA  . ALA A 1 51  ? 0.755   -2.744  -8.058  1.00 27.78 ? 43  ALA A CA  1 
ATOM   210 C C   . ALA A 1 51  ? 0.424   -4.128  -7.461  1.00 24.24 ? 43  ALA A C   1 
ATOM   211 O O   . ALA A 1 51  ? 1.307   -4.821  -6.985  1.00 25.94 ? 43  ALA A O   1 
ATOM   212 C CB  . ALA A 1 51  ? 0.491   -1.612  -7.041  1.00 26.67 ? 43  ALA A CB  1 
ATOM   213 N N   . LYS A 1 52  ? -0.837  -4.526  -7.516  1.00 23.25 ? 44  LYS A N   1 
ATOM   214 C CA  . LYS A 1 52  ? -1.270  -5.870  -7.136  1.00 25.53 ? 44  LYS A CA  1 
ATOM   215 C C   . LYS A 1 52  ? -0.569  -6.927  -7.960  1.00 27.78 ? 44  LYS A C   1 
ATOM   216 O O   . LYS A 1 52  ? -0.054  -7.914  -7.431  1.00 32.41 ? 44  LYS A O   1 
ATOM   217 C CB  . LYS A 1 52  ? -2.800  -5.998  -7.306  1.00 26.94 ? 44  LYS A CB  1 
ATOM   218 C CG  . LYS A 1 52  ? -3.633  -5.215  -6.250  1.00 25.54 ? 44  LYS A CG  1 
ATOM   219 C CD  . LYS A 1 52  ? -5.114  -5.144  -6.641  1.00 34.43 ? 44  LYS A CD  1 
ATOM   220 C CE  . LYS A 1 52  ? -5.856  -3.963  -5.978  1.00 37.12 ? 44  LYS A CE  1 
ATOM   221 N NZ  . LYS A 1 52  ? -7.277  -3.923  -6.485  1.00 33.25 ? 44  LYS A NZ  1 
ATOM   222 N N   . LYS A 1 53  ? -0.531  -6.698  -9.263  1.00 28.96 ? 45  LYS A N   1 
ATOM   223 C CA  . LYS A 1 53  ? 0.115   -7.602  -10.207 1.00 28.60 ? 45  LYS A CA  1 
ATOM   224 C C   . LYS A 1 53  ? 1.602   -7.810  -9.867  1.00 27.68 ? 45  LYS A C   1 
ATOM   225 O O   . LYS A 1 53  ? 2.100   -8.917  -9.910  1.00 28.47 ? 45  LYS A O   1 
ATOM   226 C CB  . LYS A 1 53  ? -0.063  -7.055  -11.634 1.00 25.81 ? 45  LYS A CB  1 
ATOM   227 N N   . LEU A 1 54  ? 2.286   -6.726  -9.522  1.00 26.51 ? 46  LEU A N   1 
ATOM   228 C CA  . LEU A 1 54  ? 3.686   -6.748  -9.162  1.00 26.70 ? 46  LEU A CA  1 
ATOM   229 C C   . LEU A 1 54  ? 3.957   -7.627  -7.918  1.00 27.37 ? 46  LEU A C   1 
ATOM   230 O O   . LEU A 1 54  ? 4.841   -8.501  -7.934  1.00 24.52 ? 46  LEU A O   1 
ATOM   231 C CB  . LEU A 1 54  ? 4.162   -5.291  -8.953  1.00 28.49 ? 46  LEU A CB  1 
ATOM   232 C CG  . LEU A 1 54  ? 5.626   -5.010  -8.631  1.00 33.65 ? 46  LEU A CG  1 
ATOM   233 C CD1 . LEU A 1 54  ? 5.993   -3.603  -9.039  1.00 35.66 ? 46  LEU A CD1 1 
ATOM   234 C CD2 . LEU A 1 54  ? 5.868   -5.193  -7.160  1.00 30.36 ? 46  LEU A CD2 1 
ATOM   235 N N   . PHE A 1 55  ? 3.201   -7.402  -6.841  1.00 26.15 ? 47  PHE A N   1 
ATOM   236 C CA  . PHE A 1 55  ? 3.364   -8.224  -5.640  1.00 26.77 ? 47  PHE A CA  1 
ATOM   237 C C   . PHE A 1 55  ? 2.973   -9.684  -5.870  1.00 26.96 ? 47  PHE A C   1 
ATOM   238 O O   . PHE A 1 55  ? 3.688   -10.602 -5.454  1.00 29.49 ? 47  PHE A O   1 
ATOM   239 C CB  . PHE A 1 55  ? 2.607   -7.605  -4.456  1.00 28.27 ? 47  PHE A CB  1 
ATOM   240 C CG  . PHE A 1 55  ? 3.295   -6.401  -3.883  1.00 31.12 ? 47  PHE A CG  1 
ATOM   241 C CD1 . PHE A 1 55  ? 4.509   -6.536  -3.196  1.00 30.62 ? 47  PHE A CD1 1 
ATOM   242 C CD2 . PHE A 1 55  ? 2.767   -5.125  -4.057  1.00 27.13 ? 47  PHE A CD2 1 
ATOM   243 C CE1 . PHE A 1 55  ? 5.166   -5.423  -2.662  1.00 34.11 ? 47  PHE A CE1 1 
ATOM   244 C CE2 . PHE A 1 55  ? 3.418   -4.003  -3.526  1.00 25.03 ? 47  PHE A CE2 1 
ATOM   245 C CZ  . PHE A 1 55  ? 4.620   -4.135  -2.843  1.00 21.69 ? 47  PHE A CZ  1 
ATOM   246 N N   . HIS A 1 56  ? 1.862   -9.895  -6.559  1.00 22.51 ? 48  HIS A N   1 
ATOM   247 C CA  . HIS A 1 56  ? 1.450   -11.227 -6.989  1.00 27.18 ? 48  HIS A CA  1 
ATOM   248 C C   . HIS A 1 56  ? 2.553   -11.928 -7.798  1.00 29.31 ? 48  HIS A C   1 
ATOM   249 O O   . HIS A 1 56  ? 2.872   -13.097 -7.552  1.00 29.69 ? 48  HIS A O   1 
ATOM   250 C CB  . HIS A 1 56  ? 0.134   -11.128 -7.788  1.00 25.13 ? 48  HIS A CB  1 
ATOM   251 C CG  . HIS A 1 56  ? -0.341  -12.428 -8.360  1.00 31.71 ? 48  HIS A CG  1 
ATOM   252 N ND1 . HIS A 1 56  ? -1.108  -13.322 -7.644  1.00 37.82 ? 48  HIS A ND1 1 
ATOM   253 C CD2 . HIS A 1 56  ? -0.166  -12.980 -9.585  1.00 45.58 ? 48  HIS A CD2 1 
ATOM   254 C CE1 . HIS A 1 56  ? -1.385  -14.369 -8.401  1.00 42.72 ? 48  HIS A CE1 1 
ATOM   255 N NE2 . HIS A 1 56  ? -0.818  -14.191 -9.584  1.00 47.47 ? 48  HIS A NE2 1 
ATOM   256 N N   . ASP A 1 57  ? 3.165   -11.218 -8.740  1.00 31.63 ? 49  ASP A N   1 
ATOM   257 C CA  . ASP A 1 57  ? 4.220   -11.827 -9.571  1.00 30.62 ? 49  ASP A CA  1 
ATOM   258 C C   . ASP A 1 57  ? 5.523   -12.109 -8.804  1.00 32.16 ? 49  ASP A C   1 
ATOM   259 O O   . ASP A 1 57  ? 6.355   -12.881 -9.272  1.00 32.41 ? 49  ASP A O   1 
ATOM   260 C CB  . ASP A 1 57  ? 4.510   -10.951 -10.805 1.00 32.04 ? 49  ASP A CB  1 
ATOM   261 C CG  . ASP A 1 57  ? 3.362   -10.957 -11.829 1.00 32.86 ? 49  ASP A CG  1 
ATOM   262 O OD1 . ASP A 1 57  ? 2.392   -11.737 -11.692 1.00 38.30 ? 49  ASP A OD1 1 
ATOM   263 O OD2 . ASP A 1 57  ? 3.434   -10.158 -12.783 1.00 41.01 ? 49  ASP A OD2 1 
ATOM   264 N N   . MET A 1 58  ? 5.715   -11.435 -7.666  1.00 33.42 ? 50  MET A N   1 
ATOM   265 C CA  . MET A 1 58  ? 6.837   -11.672 -6.737  1.00 30.37 ? 50  MET A CA  1 
ATOM   266 C C   . MET A 1 58  ? 6.536   -12.749 -5.704  1.00 26.78 ? 50  MET A C   1 
ATOM   267 O O   . MET A 1 58  ? 7.419   -13.095 -4.913  1.00 31.52 ? 50  MET A O   1 
ATOM   268 C CB  . MET A 1 58  ? 7.168   -10.403 -5.944  1.00 31.11 ? 50  MET A CB  1 
ATOM   269 C CG  . MET A 1 58  ? 7.815   -9.290  -6.699  1.00 36.44 ? 50  MET A CG  1 
ATOM   270 S SD  . MET A 1 58  ? 7.874   -7.881  -5.601  1.00 38.57 ? 50  MET A SD  1 
ATOM   271 C CE  . MET A 1 58  ? 9.394   -8.168  -4.686  1.00 29.45 ? 50  MET A CE  1 
ATOM   272 N N   . ASN A 1 59  ? 5.310   -13.267 -5.688  1.00 25.00 ? 51  ASN A N   1 
ATOM   273 C CA  . ASN A 1 59  ? 4.886   -14.265 -4.687  1.00 27.40 ? 51  ASN A CA  1 
ATOM   274 C C   . ASN A 1 59  ? 4.893   -13.731 -3.266  1.00 26.53 ? 51  ASN A C   1 
ATOM   275 O O   . ASN A 1 59  ? 5.169   -14.449 -2.320  1.00 28.18 ? 51  ASN A O   1 
ATOM   276 C CB  . ASN A 1 59  ? 5.744   -15.554 -4.780  1.00 29.40 ? 51  ASN A CB  1 
ATOM   277 C CG  . ASN A 1 59  ? 5.250   -16.492 -5.846  1.00 33.20 ? 51  ASN A CG  1 
ATOM   278 O OD1 . ASN A 1 59  ? 4.094   -16.914 -5.822  1.00 41.50 ? 51  ASN A OD1 1 
ATOM   279 N ND2 . ASN A 1 59  ? 6.100   -16.791 -6.813  1.00 35.42 ? 51  ASN A ND2 1 
ATOM   280 N N   . VAL A 1 60  ? 4.587   -12.446 -3.134  1.00 28.68 ? 52  VAL A N   1 
ATOM   281 C CA  . VAL A 1 60  ? 4.492   -11.769 -1.850  1.00 25.07 ? 52  VAL A CA  1 
ATOM   282 C C   . VAL A 1 60  ? 2.995   -11.587 -1.554  1.00 27.76 ? 52  VAL A C   1 
ATOM   283 O O   . VAL A 1 60  ? 2.274   -10.993 -2.354  1.00 28.80 ? 52  VAL A O   1 
ATOM   284 C CB  . VAL A 1 60  ? 5.243   -10.399 -1.932  1.00 24.08 ? 52  VAL A CB  1 
ATOM   285 C CG1 . VAL A 1 60  ? 5.038   -9.580  -0.691  1.00 19.77 ? 52  VAL A CG1 1 
ATOM   286 C CG2 . VAL A 1 60  ? 6.748   -10.651 -2.157  1.00 19.17 ? 52  VAL A CG2 1 
ATOM   287 N N   . ASN A 1 61  ? 2.542   -12.106 -0.411  1.00 29.54 ? 53  ASN A N   1 
ATOM   288 C CA  . ASN A 1 61  ? 1.203   -11.820 0.086   1.00 30.04 ? 53  ASN A CA  1 
ATOM   289 C C   . ASN A 1 61  ? 1.044   -10.356 0.543   1.00 28.34 ? 53  ASN A C   1 
ATOM   290 O O   . ASN A 1 61  ? 1.893   -9.796  1.269   1.00 27.31 ? 53  ASN A O   1 
ATOM   291 C CB  . ASN A 1 61  ? 0.823   -12.804 1.202   1.00 34.01 ? 53  ASN A CB  1 
ATOM   292 C CG  . ASN A 1 61  ? 0.837   -14.289 0.717   1.00 48.04 ? 53  ASN A CG  1 
ATOM   293 O OD1 . ASN A 1 61  ? 0.297   -14.627 -0.354  1.00 52.93 ? 53  ASN A OD1 1 
ATOM   294 N ND2 . ASN A 1 61  ? 1.476   -15.160 1.498   1.00 51.36 ? 53  ASN A ND2 1 
ATOM   295 N N   . TYR A 1 62  ? -0.056  -9.753  0.087   1.00 24.16 ? 54  TYR A N   1 
ATOM   296 C CA  . TYR A 1 62  ? -0.461  -8.414  0.444   1.00 22.22 ? 54  TYR A CA  1 
ATOM   297 C C   . TYR A 1 62  ? -1.899  -8.359  0.940   1.00 25.43 ? 54  TYR A C   1 
ATOM   298 O O   . TYR A 1 62  ? -2.709  -9.227  0.621   1.00 26.86 ? 54  TYR A O   1 
ATOM   299 C CB  . TYR A 1 62  ? -0.322  -7.453  -0.749  1.00 27.26 ? 54  TYR A CB  1 
ATOM   300 C CG  . TYR A 1 62  ? -0.974  -7.908  -2.031  1.00 25.80 ? 54  TYR A CG  1 
ATOM   301 C CD1 . TYR A 1 62  ? -0.333  -8.831  -2.868  1.00 29.45 ? 54  TYR A CD1 1 
ATOM   302 C CD2 . TYR A 1 62  ? -2.203  -7.422  -2.421  1.00 31.21 ? 54  TYR A CD2 1 
ATOM   303 C CE1 . TYR A 1 62  ? -0.913  -9.274  -4.016  1.00 35.77 ? 54  TYR A CE1 1 
ATOM   304 C CE2 . TYR A 1 62  ? -2.788  -7.852  -3.599  1.00 31.95 ? 54  TYR A CE2 1 
ATOM   305 C CZ  . TYR A 1 62  ? -2.131  -8.762  -4.399  1.00 36.27 ? 54  TYR A CZ  1 
ATOM   306 O OH  . TYR A 1 62  ? -2.734  -9.227  -5.559  1.00 40.17 ? 54  TYR A OH  1 
ATOM   307 N N   . LYS A 1 63  ? -2.168  -7.331  1.749   1.00 26.51 ? 55  LYS A N   1 
ATOM   308 C CA  . LYS A 1 63  ? -3.513  -6.906  2.153   1.00 28.33 ? 55  LYS A CA  1 
ATOM   309 C C   . LYS A 1 63  ? -3.973  -5.712  1.268   1.00 24.95 ? 55  LYS A C   1 
ATOM   310 O O   . LYS A 1 63  ? -3.224  -4.754  1.056   1.00 26.38 ? 55  LYS A O   1 
ATOM   311 C CB  . LYS A 1 63  ? -3.504  -6.522  3.630   1.00 26.44 ? 55  LYS A CB  1 
ATOM   312 C CG  . LYS A 1 63  ? -4.779  -5.854  4.179   1.00 31.31 ? 55  LYS A CG  1 
ATOM   313 C CD  . LYS A 1 63  ? -5.831  -6.869  4.496   1.00 36.16 ? 55  LYS A CD  1 
ATOM   314 C CE  . LYS A 1 63  ? -7.169  -6.233  4.788   1.00 35.22 ? 55  LYS A CE  1 
ATOM   315 N NZ  . LYS A 1 63  ? -8.158  -7.266  5.234   1.00 42.02 ? 55  LYS A NZ  1 
ATOM   316 N N   . VAL A 1 64  ? -5.164  -5.824  0.700   1.00 20.74 ? 56  VAL A N   1 
ATOM   317 C CA  . VAL A 1 64  ? -5.790  -4.765  -0.078  1.00 26.50 ? 56  VAL A CA  1 
ATOM   318 C C   . VAL A 1 64  ? -6.879  -4.146  0.785   1.00 28.33 ? 56  VAL A C   1 
ATOM   319 O O   . VAL A 1 64  ? -7.674  -4.850  1.409   1.00 26.07 ? 56  VAL A O   1 
ATOM   320 C CB  . VAL A 1 64  ? -6.414  -5.250  -1.440  1.00 28.63 ? 56  VAL A CB  1 
ATOM   321 C CG1 . VAL A 1 64  ? -6.815  -4.053  -2.296  1.00 24.32 ? 56  VAL A CG1 1 
ATOM   322 C CG2 . VAL A 1 64  ? -5.429  -6.085  -2.211  1.00 35.08 ? 56  VAL A CG2 1 
ATOM   323 N N   . VAL A 1 65  ? -6.867  -2.821  0.858   1.00 25.41 ? 57  VAL A N   1 
ATOM   324 C CA  . VAL A 1 65  ? -7.987  -2.077  1.387   1.00 25.40 ? 57  VAL A CA  1 
ATOM   325 C C   . VAL A 1 65  ? -8.566  -1.278  0.235   1.00 27.41 ? 57  VAL A C   1 
ATOM   326 O O   . VAL A 1 65  ? -7.914  -0.372  -0.265  1.00 24.84 ? 57  VAL A O   1 
ATOM   327 C CB  . VAL A 1 65  ? -7.552  -1.123  2.509   1.00 27.94 ? 57  VAL A CB  1 
ATOM   328 C CG1 . VAL A 1 65  ? -8.794  -0.401  3.097   1.00 23.64 ? 57  VAL A CG1 1 
ATOM   329 C CG2 . VAL A 1 65  ? -6.814  -1.913  3.615   1.00 24.45 ? 57  VAL A CG2 1 
ATOM   330 N N   . GLU A 1 66  ? -9.780  -1.613  -0.188  1.00 25.07 ? 58  GLU A N   1 
ATOM   331 C CA  . GLU A 1 66  ? -10.432 -0.878  -1.301  1.00 23.58 ? 58  GLU A CA  1 
ATOM   332 C C   . GLU A 1 66  ? -11.194 0.336   -0.784  1.00 23.43 ? 58  GLU A C   1 
ATOM   333 O O   . GLU A 1 66  ? -12.312 0.219   -0.285  1.00 21.40 ? 58  GLU A O   1 
ATOM   334 C CB  . GLU A 1 66  ? -11.338 -1.797  -2.106  1.00 23.37 ? 58  GLU A CB  1 
ATOM   335 C CG  . GLU A 1 66  ? -10.634 -3.007  -2.765  1.00 26.43 ? 58  GLU A CG  1 
ATOM   336 C CD  . GLU A 1 66  ? -9.735  -2.644  -4.001  1.00 29.51 ? 58  GLU A CD  1 
ATOM   337 O OE1 . GLU A 1 66  ? -9.473  -1.460  -4.239  1.00 28.83 ? 58  GLU A OE1 1 
ATOM   338 O OE2 . GLU A 1 66  ? -9.221  -3.552  -4.689  1.00 34.95 ? 58  GLU A OE2 1 
ATOM   339 N N   . LEU A 1 67  ? -10.591 1.524   -0.944  1.00 24.29 ? 59  LEU A N   1 
ATOM   340 C CA  . LEU A 1 67  ? -11.140 2.748   -0.362  1.00 23.11 ? 59  LEU A CA  1 
ATOM   341 C C   . LEU A 1 67  ? -12.536 3.111   -0.932  1.00 24.33 ? 59  LEU A C   1 
ATOM   342 O O   . LEU A 1 67  ? -13.412 3.594   -0.164  1.00 24.18 ? 59  LEU A O   1 
ATOM   343 C CB  . LEU A 1 67  ? -10.153 3.918   -0.460  1.00 25.67 ? 59  LEU A CB  1 
ATOM   344 C CG  . LEU A 1 67  ? -8.797  3.795   0.234   1.00 30.12 ? 59  LEU A CG  1 
ATOM   345 C CD1 . LEU A 1 67  ? -8.071  5.108   0.085   1.00 31.16 ? 59  LEU A CD1 1 
ATOM   346 C CD2 . LEU A 1 67  ? -8.923  3.420   1.695   1.00 27.30 ? 59  LEU A CD2 1 
ATOM   347 N N   . ASP A 1 68  ? -12.775 2.816   -2.218  1.00 24.73 ? 60  ASP A N   1 
ATOM   348 C CA  . ASP A 1 68  ? -14.086 3.065   -2.847  1.00 24.08 ? 60  ASP A CA  1 
ATOM   349 C C   . ASP A 1 68  ? -15.257 2.206   -2.308  1.00 20.67 ? 60  ASP A C   1 
ATOM   350 O O   . ASP A 1 68  ? -16.426 2.524   -2.520  1.00 21.34 ? 60  ASP A O   1 
ATOM   351 C CB  . ASP A 1 68  ? -14.028 2.997   -4.388  1.00 24.54 ? 60  ASP A CB  1 
ATOM   352 C CG  . ASP A 1 68  ? -13.579 1.632   -4.939  1.00 26.93 ? 60  ASP A CG  1 
ATOM   353 O OD1 . ASP A 1 68  ? -12.600 1.020   -4.452  1.00 26.54 ? 60  ASP A OD1 1 
ATOM   354 O OD2 . ASP A 1 68  ? -14.203 1.178   -5.917  1.00 28.47 ? 60  ASP A OD2 1 
ATOM   355 N N   . LEU A 1 69  ? -14.936 1.135   -1.591  1.00 19.87 ? 61  LEU A N   1 
ATOM   356 C CA  . LEU A 1 69  ? -15.964 0.236   -1.033  1.00 21.97 ? 61  LEU A CA  1 
ATOM   357 C C   . LEU A 1 69  ? -16.206 0.495   0.446   1.00 20.09 ? 61  LEU A C   1 
ATOM   358 O O   . LEU A 1 69  ? -17.210 0.083   0.970   1.00 18.88 ? 61  LEU A O   1 
ATOM   359 C CB  . LEU A 1 69  ? -15.575 -1.222  -1.267  1.00 18.72 ? 61  LEU A CB  1 
ATOM   360 C CG  . LEU A 1 69  ? -15.213 -1.621  -2.695  1.00 22.87 ? 61  LEU A CG  1 
ATOM   361 C CD1 . LEU A 1 69  ? -15.142 -3.160  -2.803  1.00 15.48 ? 61  LEU A CD1 1 
ATOM   362 C CD2 . LEU A 1 69  ? -16.264 -1.102  -3.663  1.00 21.17 ? 61  LEU A CD2 1 
ATOM   363 N N   . LEU A 1 70  ? -15.296 1.217   1.097   1.00 22.30 ? 62  LEU A N   1 
ATOM   364 C CA  . LEU A 1 70  ? -15.478 1.588   2.500   1.00 26.09 ? 62  LEU A CA  1 
ATOM   365 C C   . LEU A 1 70  ? -16.441 2.775   2.643   1.00 26.30 ? 62  LEU A C   1 
ATOM   366 O O   . LEU A 1 70  ? -16.396 3.718   1.867   1.00 26.93 ? 62  LEU A O   1 
ATOM   367 C CB  . LEU A 1 70  ? -14.129 1.940   3.143   1.00 28.36 ? 62  LEU A CB  1 
ATOM   368 C CG  . LEU A 1 70  ? -12.999 0.914   3.137   1.00 25.90 ? 62  LEU A CG  1 
ATOM   369 C CD1 . LEU A 1 70  ? -11.742 1.522   3.802   1.00 25.79 ? 62  LEU A CD1 1 
ATOM   370 C CD2 . LEU A 1 70  ? -13.427 -0.413  3.794   1.00 33.37 ? 62  LEU A CD2 1 
ATOM   371 N N   . GLU A 1 71  ? -17.277 2.727   3.671   1.00 28.34 ? 63  GLU A N   1 
ATOM   372 C CA  . GLU A 1 71  ? -18.230 3.800   3.986   1.00 28.64 ? 63  GLU A CA  1 
ATOM   373 C C   . GLU A 1 71  ? -17.566 5.159   4.220   1.00 28.88 ? 63  GLU A C   1 
ATOM   374 O O   . GLU A 1 71  ? -18.067 6.200   3.757   1.00 34.61 ? 63  GLU A O   1 
ATOM   375 C CB  . GLU A 1 71  ? -18.999 3.412   5.237   1.00 28.74 ? 63  GLU A CB  1 
ATOM   376 C CG  . GLU A 1 71  ? -20.118 4.350   5.593   1.00 33.98 ? 63  GLU A CG  1 
ATOM   377 C CD  . GLU A 1 71  ? -20.911 3.832   6.753   1.00 40.14 ? 63  GLU A CD  1 
ATOM   378 O OE1 . GLU A 1 71  ? -20.455 2.839   7.380   1.00 33.45 ? 63  GLU A OE1 1 
ATOM   379 O OE2 . GLU A 1 71  ? -21.974 4.427   7.034   1.00 41.05 ? 63  GLU A OE2 1 
ATOM   380 N N   . TYR A 1 72  ? -16.435 5.148   4.905   1.00 27.46 ? 64  TYR A N   1 
ATOM   381 C CA  . TYR A 1 72  ? -15.676 6.389   5.114   1.00 30.81 ? 64  TYR A CA  1 
ATOM   382 C C   . TYR A 1 72  ? -14.347 6.398   4.372   1.00 28.21 ? 64  TYR A C   1 
ATOM   383 O O   . TYR A 1 72  ? -13.370 6.932   4.877   1.00 32.09 ? 64  TYR A O   1 
ATOM   384 C CB  . TYR A 1 72  ? -15.471 6.620   6.621   1.00 30.96 ? 64  TYR A CB  1 
ATOM   385 C CG  . TYR A 1 72  ? -16.785 6.583   7.377   1.00 30.92 ? 64  TYR A CG  1 
ATOM   386 C CD1 . TYR A 1 72  ? -17.757 7.563   7.172   1.00 36.96 ? 64  TYR A CD1 1 
ATOM   387 C CD2 . TYR A 1 72  ? -17.062 5.560   8.280   1.00 31.92 ? 64  TYR A CD2 1 
ATOM   388 C CE1 . TYR A 1 72  ? -18.968 7.523   7.855   1.00 33.69 ? 64  TYR A CE1 1 
ATOM   389 C CE2 . TYR A 1 72  ? -18.254 5.510   8.962   1.00 33.34 ? 64  TYR A CE2 1 
ATOM   390 C CZ  . TYR A 1 72  ? -19.207 6.494   8.746   1.00 36.92 ? 64  TYR A CZ  1 
ATOM   391 O OH  . TYR A 1 72  ? -20.404 6.441   9.428   1.00 45.16 ? 64  TYR A OH  1 
ATOM   392 N N   . GLY A 1 73  ? -14.314 5.843   3.159   1.00 23.38 ? 65  GLY A N   1 
ATOM   393 C CA  . GLY A 1 73  ? -13.090 5.796   2.392   1.00 26.11 ? 65  GLY A CA  1 
ATOM   394 C C   . GLY A 1 73  ? -12.511 7.157   2.074   1.00 26.71 ? 65  GLY A C   1 
ATOM   395 O O   . GLY A 1 73  ? -11.307 7.292   1.890   1.00 28.41 ? 65  GLY A O   1 
ATOM   396 N N   . ASN A 1 74  ? -13.364 8.157   1.964   1.00 25.55 ? 66  ASN A N   1 
ATOM   397 C CA  . ASN A 1 74  ? -12.885 9.540   1.759   1.00 27.12 ? 66  ASN A CA  1 
ATOM   398 C C   . ASN A 1 74  ? -12.042 10.012  2.953   1.00 24.33 ? 66  ASN A C   1 
ATOM   399 O O   . ASN A 1 74  ? -10.956 10.542  2.781   1.00 26.16 ? 66  ASN A O   1 
ATOM   400 C CB  . ASN A 1 74  ? -14.056 10.503  1.436   1.00 28.48 ? 66  ASN A CB  1 
ATOM   401 C CG  . ASN A 1 74  ? -15.196 10.473  2.496   1.00 38.79 ? 66  ASN A CG  1 
ATOM   402 O OD1 . ASN A 1 74  ? -15.323 9.527   3.284   0.50 42.93 ? 66  ASN A OD1 1 
ATOM   403 N ND2 . ASN A 1 74  ? -16.020 11.524  2.503   0.50 36.67 ? 66  ASN A ND2 1 
ATOM   404 N N   . GLN A 1 75  ? -12.546 9.795   4.166   1.00 25.96 ? 67  GLN A N   1 
ATOM   405 C CA  . GLN A 1 75  ? -11.775 10.053  5.379   1.00 24.97 ? 67  GLN A CA  1 
ATOM   406 C C   . GLN A 1 75  ? -10.449 9.282   5.437   1.00 27.94 ? 67  GLN A C   1 
ATOM   407 O O   . GLN A 1 75  ? -9.417  9.815   5.898   1.00 26.55 ? 67  GLN A O   1 
ATOM   408 C CB  . GLN A 1 75  ? -12.611 9.724   6.600   1.00 26.59 ? 67  GLN A CB  1 
ATOM   409 C CG  . GLN A 1 75  ? -13.637 10.755  6.912   1.00 28.38 ? 67  GLN A CG  1 
ATOM   410 C CD  . GLN A 1 75  ? -14.500 10.391  8.119   1.00 38.19 ? 67  GLN A CD  1 
ATOM   411 O OE1 . GLN A 1 75  ? -14.024 9.795   9.097   1.00 40.66 ? 67  GLN A OE1 1 
ATOM   412 N NE2 . GLN A 1 75  ? -15.780 10.757  8.055   1.00 41.92 ? 67  GLN A NE2 1 
ATOM   413 N N   . PHE A 1 76  ? -10.468 8.027   4.984   1.00 29.70 ? 68  PHE A N   1 
ATOM   414 C CA  . PHE A 1 76  ? -9.237  7.223   4.855   1.00 25.61 ? 68  PHE A CA  1 
ATOM   415 C C   . PHE A 1 76  ? -8.271  7.862   3.881   1.00 27.15 ? 68  PHE A C   1 
ATOM   416 O O   . PHE A 1 76  ? -7.083  7.909   4.146   1.00 28.02 ? 68  PHE A O   1 
ATOM   417 C CB  . PHE A 1 76  ? -9.537  5.795   4.369   1.00 29.55 ? 68  PHE A CB  1 
ATOM   418 C CG  . PHE A 1 76  ? -9.941  4.856   5.465   1.00 28.01 ? 68  PHE A CG  1 
ATOM   419 C CD1 . PHE A 1 76  ? -9.021  3.961   5.983   1.00 32.10 ? 68  PHE A CD1 1 
ATOM   420 C CD2 . PHE A 1 76  ? -11.233 4.880   5.985   1.00 27.02 ? 68  PHE A CD2 1 
ATOM   421 C CE1 . PHE A 1 76  ? -9.374  3.099   7.002   1.00 36.35 ? 68  PHE A CE1 1 
ATOM   422 C CE2 . PHE A 1 76  ? -11.600 4.043   6.984   1.00 31.88 ? 68  PHE A CE2 1 
ATOM   423 C CZ  . PHE A 1 76  ? -10.659 3.142   7.509   1.00 37.39 ? 68  PHE A CZ  1 
ATOM   424 N N   . GLN A 1 77  ? -8.775  8.322   2.745   1.00 24.85 ? 69  GLN A N   1 
ATOM   425 C CA  . GLN A 1 77  ? -7.930  8.971   1.748   1.00 28.43 ? 69  GLN A CA  1 
ATOM   426 C C   . GLN A 1 77  ? -7.343  10.292  2.328   1.00 27.01 ? 69  GLN A C   1 
ATOM   427 O O   . GLN A 1 77  ? -6.196  10.606  2.079   1.00 22.02 ? 69  GLN A O   1 
ATOM   428 C CB  . GLN A 1 77  ? -8.739  9.209   0.469   1.00 32.60 ? 69  GLN A CB  1 
ATOM   429 C CG  . GLN A 1 77  ? -7.963  8.905   -0.777  1.00 35.98 ? 69  GLN A CG  1 
ATOM   430 C CD  . GLN A 1 77  ? -8.719  9.071   -2.073  1.00 34.61 ? 69  GLN A CD  1 
ATOM   431 O OE1 . GLN A 1 77  ? -9.950  8.965   -2.138  1.00 27.06 ? 69  GLN A OE1 1 
ATOM   432 N NE2 . GLN A 1 77  ? -7.959  9.296   -3.146  1.00 28.10 ? 69  GLN A NE2 1 
ATOM   433 N N   . ASP A 1 78  ? -8.133  11.023  3.136   1.00 25.79 ? 70  ASP A N   1 
ATOM   434 C CA  . ASP A 1 78  ? -7.671  12.245  3.797   1.00 26.01 ? 70  ASP A CA  1 
ATOM   435 C C   . ASP A 1 78  ? -6.512  11.943  4.736   1.00 25.61 ? 70  ASP A C   1 
ATOM   436 O O   . ASP A 1 78  ? -5.518  12.649  4.738   1.00 24.03 ? 70  ASP A O   1 
ATOM   437 C CB  . ASP A 1 78  ? -8.800  12.945  4.607   1.00 25.59 ? 70  ASP A CB  1 
ATOM   438 C CG  . ASP A 1 78  ? -9.911  13.502  3.733   1.00 30.97 ? 70  ASP A CG  1 
ATOM   439 O OD1 . ASP A 1 78  ? -9.701  13.631  2.514   1.00 29.50 ? 70  ASP A OD1 1 
ATOM   440 O OD2 . ASP A 1 78  ? -11.003 13.826  4.273   1.00 32.55 ? 70  ASP A OD2 1 
ATOM   441 N N   . ALA A 1 79  ? -6.662  10.891  5.534   1.00 24.12 ? 71  ALA A N   1 
ATOM   442 C CA  . ALA A 1 79  ? -5.660  10.488  6.486   1.00 24.34 ? 71  ALA A CA  1 
ATOM   443 C C   . ALA A 1 79  ? -4.409  9.974   5.798   1.00 24.98 ? 71  ALA A C   1 
ATOM   444 O O   . ALA A 1 79  ? -3.303  10.224  6.258   1.00 25.67 ? 71  ALA A O   1 
ATOM   445 C CB  . ALA A 1 79  ? -6.243  9.435   7.451   1.00 25.21 ? 71  ALA A CB  1 
ATOM   446 N N   . LEU A 1 80  ? -4.570  9.261   4.687   1.00 23.51 ? 72  LEU A N   1 
ATOM   447 C CA  . LEU A 1 80  ? -3.432  8.871   3.882   1.00 25.40 ? 72  LEU A CA  1 
ATOM   448 C C   . LEU A 1 80  ? -2.709  10.058  3.276   1.00 24.68 ? 72  LEU A C   1 
ATOM   449 O O   . LEU A 1 80  ? -1.494  10.039  3.236   1.00 24.84 ? 72  LEU A O   1 
ATOM   450 C CB  . LEU A 1 80  ? -3.805  7.823   2.815   1.00 28.68 ? 72  LEU A CB  1 
ATOM   451 C CG  . LEU A 1 80  ? -4.131  6.452   3.378   1.00 25.80 ? 72  LEU A CG  1 
ATOM   452 C CD1 . LEU A 1 80  ? -5.054  5.763   2.391   1.00 21.34 ? 72  LEU A CD1 1 
ATOM   453 C CD2 . LEU A 1 80  ? -2.892  5.590   3.747   1.00 21.21 ? 72  LEU A CD2 1 
ATOM   454 N N   . TYR A 1 81  ? -3.418  11.119  2.858   1.00 25.17 ? 73  TYR A N   1 
ATOM   455 C CA  . TYR A 1 81  ? -2.726  12.368  2.458   1.00 24.49 ? 73  TYR A CA  1 
ATOM   456 C C   . TYR A 1 81  ? -1.872  12.907  3.613   1.00 23.57 ? 73  TYR A C   1 
ATOM   457 O O   . TYR A 1 81  ? -0.727  13.257  3.420   1.00 22.14 ? 73  TYR A O   1 
ATOM   458 C CB  . TYR A 1 81  ? -3.681  13.480  1.969   1.00 23.22 ? 73  TYR A CB  1 
ATOM   459 C CG  . TYR A 1 81  ? -3.055  14.856  1.943   1.00 18.70 ? 73  TYR A CG  1 
ATOM   460 C CD1 . TYR A 1 81  ? -2.079  15.187  1.004   1.00 15.37 ? 73  TYR A CD1 1 
ATOM   461 C CD2 . TYR A 1 81  ? -3.394  15.824  2.904   1.00 11.88 ? 73  TYR A CD2 1 
ATOM   462 C CE1 . TYR A 1 81  ? -1.511  16.407  1.014   1.00 14.79 ? 73  TYR A CE1 1 
ATOM   463 C CE2 . TYR A 1 81  ? -2.828  17.043  2.898   1.00 19.06 ? 73  TYR A CE2 1 
ATOM   464 C CZ  . TYR A 1 81  ? -1.879  17.341  1.955   1.00 17.78 ? 73  TYR A CZ  1 
ATOM   465 O OH  . TYR A 1 81  ? -1.310  18.599  1.957   1.00 25.11 ? 73  TYR A OH  1 
ATOM   466 N N   . LYS A 1 82  ? -2.435  12.937  4.816   1.00 25.29 ? 74  LYS A N   1 
ATOM   467 C CA  . LYS A 1 82  ? -1.767  13.586  5.950   1.00 28.28 ? 74  LYS A CA  1 
ATOM   468 C C   . LYS A 1 82  ? -0.521  12.800  6.343   1.00 28.88 ? 74  LYS A C   1 
ATOM   469 O O   . LYS A 1 82  ? 0.536   13.393  6.687   1.00 23.93 ? 74  LYS A O   1 
ATOM   470 C CB  . LYS A 1 82  ? -2.737  13.777  7.130   1.00 30.87 ? 74  LYS A CB  1 
ATOM   471 N N   . MET A 1 83  ? -0.630  11.476  6.239   1.00 29.52 ? 75  MET A N   1 
ATOM   472 C CA  . MET A 1 83  ? 0.470   10.565  6.541   1.00 31.97 ? 75  MET A CA  1 
ATOM   473 C C   . MET A 1 83  ? 1.562   10.572  5.510   1.00 29.06 ? 75  MET A C   1 
ATOM   474 O O   . MET A 1 83  ? 2.728   10.535  5.852   1.00 31.31 ? 75  MET A O   1 
ATOM   475 C CB  . MET A 1 83  ? -0.025  9.114   6.646   1.00 31.34 ? 75  MET A CB  1 
ATOM   476 C CG  . MET A 1 83  ? -0.855  8.831   7.854   1.00 35.81 ? 75  MET A CG  1 
ATOM   477 S SD  . MET A 1 83  ? -1.494  7.138   7.790   1.00 37.60 ? 75  MET A SD  1 
ATOM   478 C CE  . MET A 1 83  ? 0.042   6.219   7.914   1.00 29.82 ? 75  MET A CE  1 
ATOM   479 N N   . THR A 1 84  ? 1.184   10.551  4.241   1.00 29.94 ? 76  THR A N   1 
ATOM   480 C CA  . THR A 1 84  ? 2.129   10.265  3.209   1.00 24.55 ? 76  THR A CA  1 
ATOM   481 C C   . THR A 1 84  ? 2.468   11.438  2.304   1.00 26.21 ? 76  THR A C   1 
ATOM   482 O O   . THR A 1 84  ? 3.446   11.372  1.607   1.00 29.33 ? 76  THR A O   1 
ATOM   483 C CB  . THR A 1 84  ? 1.656   9.043   2.330   1.00 29.74 ? 76  THR A CB  1 
ATOM   484 O OG1 . THR A 1 84  ? 0.578   9.437   1.496   1.00 24.82 ? 76  THR A OG1 1 
ATOM   485 C CG2 . THR A 1 84  ? 1.249   7.813   3.192   1.00 24.87 ? 76  THR A CG2 1 
ATOM   486 N N   . GLY A 1 85  ? 1.662   12.491  2.282   1.00 25.92 ? 77  GLY A N   1 
ATOM   487 C CA  . GLY A 1 85  ? 1.942   13.636  1.431   1.00 26.10 ? 77  GLY A CA  1 
ATOM   488 C C   . GLY A 1 85  ? 1.179   13.736  0.134   1.00 27.32 ? 77  GLY A C   1 
ATOM   489 O O   . GLY A 1 85  ? 1.214   14.779  -0.537  1.00 28.09 ? 77  GLY A O   1 
ATOM   490 N N   . GLU A 1 86  ? 0.468   12.671  -0.203  1.00 28.18 ? 78  GLU A N   1 
ATOM   491 C CA  . GLU A 1 86  ? -0.384  12.647  -1.375  1.00 27.65 ? 78  GLU A CA  1 
ATOM   492 C C   . GLU A 1 86  ? -1.592  11.744  -1.111  1.00 25.61 ? 78  GLU A C   1 
ATOM   493 O O   . GLU A 1 86  ? -1.559  10.846  -0.267  1.00 25.66 ? 78  GLU A O   1 
ATOM   494 C CB  . GLU A 1 86  ? 0.414   12.181  -2.611  1.00 27.03 ? 78  GLU A CB  1 
ATOM   495 C CG  . GLU A 1 86  ? 1.604   13.082  -3.016  1.00 34.83 ? 78  GLU A CG  1 
ATOM   496 N N   . ARG A 1 87  ? -2.681  12.025  -1.821  1.00 30.68 ? 79  ARG A N   1 
ATOM   497 C CA  . ARG A 1 87  ? -3.951  11.335  -1.649  1.00 33.48 ? 79  ARG A CA  1 
ATOM   498 C C   . ARG A 1 87  ? -4.230  10.340  -2.773  1.00 32.91 ? 79  ARG A C   1 
ATOM   499 O O   . ARG A 1 87  ? -5.245  9.657   -2.735  1.00 34.85 ? 79  ARG A O   1 
ATOM   500 C CB  . ARG A 1 87  ? -5.144  12.325  -1.526  1.00 29.48 ? 79  ARG A CB  1 
ATOM   501 C CG  . ARG A 1 87  ? -5.264  13.357  -2.582  1.00 37.21 ? 79  ARG A CG  1 
ATOM   502 C CD  . ARG A 1 87  ? -6.678  13.967  -2.631  1.00 40.40 ? 79  ARG A CD  1 
ATOM   503 N NE  . ARG A 1 87  ? -7.282  13.905  -1.318  1.00 47.32 ? 79  ARG A NE  1 
ATOM   504 C CZ  . ARG A 1 87  ? -8.400  13.280  -0.983  1.00 24.95 ? 79  ARG A CZ  1 
ATOM   505 N NH1 . ARG A 1 87  ? -9.181  12.629  -1.849  1.00 30.20 ? 79  ARG A NH1 1 
ATOM   506 N NH2 . ARG A 1 87  ? -8.752  13.340  0.284   1.00 38.56 ? 79  ARG A NH2 1 
ATOM   507 N N   . THR A 1 88  ? -3.348  10.233  -3.753  1.00 28.70 ? 80  THR A N   1 
ATOM   508 C CA  . THR A 1 88  ? -3.648  9.332   -4.863  1.00 32.86 ? 80  THR A CA  1 
ATOM   509 C C   . THR A 1 88  ? -3.573  7.867   -4.429  1.00 23.25 ? 80  THR A C   1 
ATOM   510 O O   . THR A 1 88  ? -2.841  7.512   -3.517  1.00 27.22 ? 80  THR A O   1 
ATOM   511 C CB  . THR A 1 88  ? -2.756  9.571   -6.121  1.00 32.23 ? 80  THR A CB  1 
ATOM   512 O OG1 . THR A 1 88  ? -1.380  9.431   -5.758  1.00 35.35 ? 80  THR A OG1 1 
ATOM   513 C CG2 . THR A 1 88  ? -3.035  10.937  -6.774  1.00 29.15 ? 80  THR A CG2 1 
ATOM   514 N N   . VAL A 1 89  ? -4.327  7.008   -5.104  1.00 26.22 ? 81  VAL A N   1 
ATOM   515 C CA  . VAL A 1 89  ? -4.214  5.580   -4.892  1.00 25.14 ? 81  VAL A CA  1 
ATOM   516 C C   . VAL A 1 89  ? -3.376  4.993   -6.019  1.00 23.74 ? 81  VAL A C   1 
ATOM   517 O O   . VAL A 1 89  ? -3.451  5.456   -7.141  1.00 25.72 ? 81  VAL A O   1 
ATOM   518 C CB  . VAL A 1 89  ? -5.591  4.811   -4.806  1.00 23.95 ? 81  VAL A CB  1 
ATOM   519 C CG1 . VAL A 1 89  ? -6.279  5.023   -3.431  1.00 31.86 ? 81  VAL A CG1 1 
ATOM   520 C CG2 . VAL A 1 89  ? -6.503  5.107   -6.005  1.00 23.32 ? 81  VAL A CG2 1 
ATOM   521 N N   . PRO A 1 90  ? -2.626  3.900   -5.755  1.00 28.53 ? 82  PRO A N   1 
ATOM   522 C CA  . PRO A 1 90  ? -2.441  3.212   -4.499  1.00 27.50 ? 82  PRO A CA  1 
ATOM   523 C C   . PRO A 1 90  ? -1.475  3.973   -3.577  1.00 23.62 ? 82  PRO A C   1 
ATOM   524 O O   . PRO A 1 90  ? -0.652  4.751   -4.048  1.00 22.55 ? 82  PRO A O   1 
ATOM   525 C CB  . PRO A 1 90  ? -1.847  1.874   -4.940  1.00 29.69 ? 82  PRO A CB  1 
ATOM   526 C CG  . PRO A 1 90  ? -1.073  2.219   -6.116  1.00 27.48 ? 82  PRO A CG  1 
ATOM   527 C CD  . PRO A 1 90  ? -1.927  3.187   -6.845  1.00 29.73 ? 82  PRO A CD  1 
ATOM   528 N N   . ARG A 1 91  ? -1.681  3.816   -2.278  1.00 24.57 ? 83  ARG A N   1 
ATOM   529 C CA  . ARG A 1 91  ? -0.718  4.164   -1.250  1.00 25.13 ? 83  ARG A CA  1 
ATOM   530 C C   . ARG A 1 91  ? -0.250  2.841   -0.673  1.00 25.11 ? 83  ARG A C   1 
ATOM   531 O O   . ARG A 1 91  ? -1.079  2.074   -0.134  1.00 24.74 ? 83  ARG A O   1 
ATOM   532 C CB  . ARG A 1 91  ? -1.362  4.975   -0.132  1.00 25.42 ? 83  ARG A CB  1 
ATOM   533 C CG  . ARG A 1 91  ? -2.024  6.287   -0.511  1.00 26.49 ? 83  ARG A CG  1 
ATOM   534 C CD  . ARG A 1 91  ? -1.025  7.395   -0.675  1.00 30.45 ? 83  ARG A CD  1 
ATOM   535 N NE  . ARG A 1 91  ? -0.382  7.360   -1.986  1.00 26.87 ? 83  ARG A NE  1 
ATOM   536 C CZ  . ARG A 1 91  ? 0.612   8.166   -2.351  1.00 28.85 ? 83  ARG A CZ  1 
ATOM   537 N NH1 . ARG A 1 91  ? 1.148   8.054   -3.542  1.00 29.34 ? 83  ARG A NH1 1 
ATOM   538 N NH2 . ARG A 1 91  ? 1.081   9.070   -1.523  1.00 27.90 ? 83  ARG A NH2 1 
ATOM   539 N N   . ILE A 1 92  ? 1.048   2.576   -0.776  1.00 28.31 ? 84  ILE A N   1 
ATOM   540 C CA  . ILE A 1 92  ? 1.638   1.261   -0.490  1.00 24.28 ? 84  ILE A CA  1 
ATOM   541 C C   . ILE A 1 92  ? 2.625   1.286   0.673   1.00 24.91 ? 84  ILE A C   1 
ATOM   542 O O   . ILE A 1 92  ? 3.530   2.113   0.745   1.00 22.64 ? 84  ILE A O   1 
ATOM   543 C CB  . ILE A 1 92  ? 2.271   0.581   -1.782  1.00 24.38 ? 84  ILE A CB  1 
ATOM   544 C CG1 . ILE A 1 92  ? 1.244   0.564   -2.916  1.00 24.42 ? 84  ILE A CG1 1 
ATOM   545 C CG2 . ILE A 1 92  ? 2.703   -0.786  -1.497  1.00 18.98 ? 84  ILE A CG2 1 
ATOM   546 C CD1 . ILE A 1 92  ? 1.779   0.171   -4.318  1.00 25.56 ? 84  ILE A CD1 1 
ATOM   547 N N   . PHE A 1 93  ? 2.416   0.349   1.597   1.00 24.25 ? 85  PHE A N   1 
ATOM   548 C CA  . PHE A 1 93  ? 3.212   0.200   2.785   1.00 24.45 ? 85  PHE A CA  1 
ATOM   549 C C   . PHE A 1 93  ? 3.821   -1.180  2.808   1.00 28.55 ? 85  PHE A C   1 
ATOM   550 O O   . PHE A 1 93  ? 3.184   -2.170  2.401   1.00 27.29 ? 85  PHE A O   1 
ATOM   551 C CB  . PHE A 1 93  ? 2.401   0.411   4.048   1.00 22.50 ? 85  PHE A CB  1 
ATOM   552 C CG  . PHE A 1 93  ? 1.787   1.793   4.163   1.00 25.02 ? 85  PHE A CG  1 
ATOM   553 C CD1 . PHE A 1 93  ? 2.328   2.743   5.032   1.00 21.70 ? 85  PHE A CD1 1 
ATOM   554 C CD2 . PHE A 1 93  ? 0.663   2.148   3.400   1.00 22.62 ? 85  PHE A CD2 1 
ATOM   555 C CE1 . PHE A 1 93  ? 1.757   4.026   5.131   1.00 24.48 ? 85  PHE A CE1 1 
ATOM   556 C CE2 . PHE A 1 93  ? 0.081   3.417   3.508   1.00 26.51 ? 85  PHE A CE2 1 
ATOM   557 C CZ  . PHE A 1 93  ? 0.618   4.344   4.400   1.00 17.91 ? 85  PHE A CZ  1 
ATOM   558 N N   . VAL A 1 94  ? 5.091   -1.220  3.222   1.00 27.04 ? 86  VAL A N   1 
ATOM   559 C CA  . VAL A 1 94  ? 5.840   -2.472  3.441   1.00 25.17 ? 86  VAL A CA  1 
ATOM   560 C C   . VAL A 1 94  ? 6.592   -2.335  4.756   1.00 26.64 ? 86  VAL A C   1 
ATOM   561 O O   . VAL A 1 94  ? 7.272   -1.332  4.950   1.00 27.25 ? 86  VAL A O   1 
ATOM   562 C CB  . VAL A 1 94  ? 6.821   -2.787  2.291   1.00 27.58 ? 86  VAL A CB  1 
ATOM   563 C CG1 . VAL A 1 94  ? 7.516   -4.083  2.571   1.00 18.03 ? 86  VAL A CG1 1 
ATOM   564 C CG2 . VAL A 1 94  ? 6.076   -2.898  0.949   1.00 19.07 ? 86  VAL A CG2 1 
ATOM   565 N N   . ASN A 1 95  ? 6.395   -3.294  5.677   1.00 28.11 ? 87  ASN A N   1 
ATOM   566 C CA  . ASN A 1 95  ? 6.986   -3.279  7.029   1.00 29.55 ? 87  ASN A CA  1 
ATOM   567 C C   . ASN A 1 95  ? 6.585   -2.023  7.829   1.00 30.48 ? 87  ASN A C   1 
ATOM   568 O O   . ASN A 1 95  ? 7.364   -1.514  8.664   1.00 30.12 ? 87  ASN A O   1 
ATOM   569 C CB  . ASN A 1 95  ? 8.510   -3.401  6.921   1.00 31.01 ? 87  ASN A CB  1 
ATOM   570 C CG  . ASN A 1 95  ? 9.170   -3.942  8.175   1.00 30.09 ? 87  ASN A CG  1 
ATOM   571 O OD1 . ASN A 1 95  ? 8.571   -4.641  8.999   1.00 32.06 ? 87  ASN A OD1 1 
ATOM   572 N ND2 . ASN A 1 95  ? 10.433  -3.611  8.319   1.00 30.93 ? 87  ASN A ND2 1 
ATOM   573 N N   . GLY A 1 96  ? 5.366   -1.533  7.568   1.00 28.79 ? 88  GLY A N   1 
ATOM   574 C CA  . GLY A 1 96  ? 4.837   -0.321  8.198   1.00 26.19 ? 88  GLY A CA  1 
ATOM   575 C C   . GLY A 1 96  ? 5.338   1.008   7.617   1.00 28.45 ? 88  GLY A C   1 
ATOM   576 O O   . GLY A 1 96  ? 5.040   2.064   8.152   1.00 28.42 ? 88  GLY A O   1 
ATOM   577 N N   . THR A 1 97  ? 6.099   0.944   6.523   1.00 30.94 ? 89  THR A N   1 
ATOM   578 C CA  . THR A 1 97  ? 6.797   2.099   5.927   1.00 28.46 ? 89  THR A CA  1 
ATOM   579 C C   . THR A 1 97  ? 6.067   2.373   4.645   1.00 23.03 ? 89  THR A C   1 
ATOM   580 O O   . THR A 1 97  ? 5.864   1.440   3.879   1.00 25.44 ? 89  THR A O   1 
ATOM   581 C CB  . THR A 1 97  ? 8.301   1.725   5.532   1.00 29.32 ? 89  THR A CB  1 
ATOM   582 O OG1 . THR A 1 97  ? 9.100   1.491   6.690   1.00 30.95 ? 89  THR A OG1 1 
ATOM   583 C CG2 . THR A 1 97  ? 8.949   2.806   4.662   1.00 29.60 ? 89  THR A CG2 1 
ATOM   584 N N   . PHE A 1 98  ? 5.668   3.620   4.415   1.00 24.28 ? 90  PHE A N   1 
ATOM   585 C CA  . PHE A 1 98  ? 5.151   4.059   3.148   1.00 25.07 ? 90  PHE A CA  1 
ATOM   586 C C   . PHE A 1 98  ? 6.265   4.031   2.070   1.00 24.37 ? 90  PHE A C   1 
ATOM   587 O O   . PHE A 1 98  ? 7.333   4.677   2.218   1.00 25.38 ? 90  PHE A O   1 
ATOM   588 C CB  . PHE A 1 98  ? 4.558   5.487   3.275   1.00 26.93 ? 90  PHE A CB  1 
ATOM   589 C CG  . PHE A 1 98  ? 4.170   6.065   1.987   1.00 26.29 ? 90  PHE A CG  1 
ATOM   590 C CD1 . PHE A 1 98  ? 3.110   5.518   1.278   1.00 23.10 ? 90  PHE A CD1 1 
ATOM   591 C CD2 . PHE A 1 98  ? 4.896   7.106   1.431   1.00 25.06 ? 90  PHE A CD2 1 
ATOM   592 C CE1 . PHE A 1 98  ? 2.772   6.004   0.061   1.00 25.37 ? 90  PHE A CE1 1 
ATOM   593 C CE2 . PHE A 1 98  ? 4.565   7.598   0.206   1.00 29.51 ? 90  PHE A CE2 1 
ATOM   594 C CZ  . PHE A 1 98  ? 3.517   7.046   -0.491  1.00 25.01 ? 90  PHE A CZ  1 
ATOM   595 N N   . ILE A 1 99  ? 6.022   3.304   0.978   1.00 23.99 ? 91  ILE A N   1 
ATOM   596 C CA  . ILE A 1 99  ? 7.054   3.163   -0.089  1.00 21.42 ? 91  ILE A CA  1 
ATOM   597 C C   . ILE A 1 99  ? 6.758   3.987   -1.334  1.00 26.69 ? 91  ILE A C   1 
ATOM   598 O O   . ILE A 1 99  ? 7.642   4.230   -2.139  1.00 26.83 ? 91  ILE A O   1 
ATOM   599 C CB  . ILE A 1 99  ? 7.326   1.689   -0.465  1.00 22.85 ? 91  ILE A CB  1 
ATOM   600 C CG1 . ILE A 1 99  ? 6.107   0.977   -1.080  1.00 27.25 ? 91  ILE A CG1 1 
ATOM   601 C CG2 . ILE A 1 99  ? 7.874   0.916   0.760   1.00 22.73 ? 91  ILE A CG2 1 
ATOM   602 C CD1 . ILE A 1 99  ? 6.420   -0.268  -1.948  1.00 26.27 ? 91  ILE A CD1 1 
ATOM   603 N N   . GLY A 1 100 ? 5.510   4.407   -1.499  1.00 24.61 ? 92  GLY A N   1 
ATOM   604 C CA  . GLY A 1 100 ? 5.114   5.147   -2.657  1.00 25.04 ? 92  GLY A CA  1 
ATOM   605 C C   . GLY A 1 100 ? 3.813   4.662   -3.234  1.00 21.89 ? 92  GLY A C   1 
ATOM   606 O O   . GLY A 1 100 ? 3.094   3.853   -2.637  1.00 25.57 ? 92  GLY A O   1 
ATOM   607 N N   . GLY A 1 101 ? 3.536   5.173   -4.416  1.00 22.53 ? 93  GLY A N   1 
ATOM   608 C CA  . GLY A 1 101 ? 2.460   4.689   -5.248  1.00 25.45 ? 93  GLY A CA  1 
ATOM   609 C C   . GLY A 1 101 ? 2.926   3.620   -6.209  1.00 24.79 ? 93  GLY A C   1 
ATOM   610 O O   . GLY A 1 101 ? 3.938   2.942   -5.988  1.00 26.06 ? 93  GLY A O   1 
ATOM   611 N N   . ALA A 1 102 ? 2.154   3.417   -7.259  1.00 25.13 ? 94  ALA A N   1 
ATOM   612 C CA  . ALA A 1 102 ? 2.435   2.320   -8.176  1.00 25.43 ? 94  ALA A CA  1 
ATOM   613 C C   . ALA A 1 102 ? 3.787   2.509   -8.917  1.00 24.48 ? 94  ALA A C   1 
ATOM   614 O O   . ALA A 1 102 ? 4.602   1.587   -8.990  1.00 23.94 ? 94  ALA A O   1 
ATOM   615 C CB  . ALA A 1 102 ? 1.253   2.105   -9.151  1.00 24.04 ? 94  ALA A CB  1 
ATOM   616 N N   . THR A 1 103 ? 4.012   3.710   -9.429  1.00 25.53 ? 95  THR A N   1 
ATOM   617 C CA  . THR A 1 103 ? 5.226   4.070   -10.150 1.00 26.36 ? 95  THR A CA  1 
ATOM   618 C C   . THR A 1 103 ? 6.493   3.900   -9.298  1.00 23.67 ? 95  THR A C   1 
ATOM   619 O O   . THR A 1 103 ? 7.467   3.327   -9.767  1.00 23.41 ? 95  THR A O   1 
ATOM   620 C CB  . THR A 1 103 ? 5.084   5.496   -10.710 1.00 28.15 ? 95  THR A CB  1 
ATOM   621 O OG1 . THR A 1 103 ? 3.946   5.512   -11.582 1.00 35.60 ? 95  THR A OG1 1 
ATOM   622 C CG2 . THR A 1 103 ? 6.345   5.935   -11.497 1.00 37.66 ? 95  THR A CG2 1 
ATOM   623 N N   . ASP A 1 104 ? 6.450   4.365   -8.051  1.00 23.67 ? 96  ASP A N   1 
ATOM   624 C CA  . ASP A 1 104 ? 7.550   4.216   -7.084  1.00 25.65 ? 96  ASP A CA  1 
ATOM   625 C C   . ASP A 1 104 ? 7.837   2.798   -6.786  1.00 23.35 ? 96  ASP A C   1 
ATOM   626 O O   . ASP A 1 104 ? 8.975   2.397   -6.792  1.00 25.08 ? 96  ASP A O   1 
ATOM   627 C CB  . ASP A 1 104 ? 7.206   4.873   -5.756  1.00 29.21 ? 96  ASP A CB  1 
ATOM   628 C CG  . ASP A 1 104 ? 6.989   6.356   -5.879  1.00 25.65 ? 96  ASP A CG  1 
ATOM   629 O OD1 . ASP A 1 104 ? 7.910   7.030   -6.344  1.00 33.23 ? 96  ASP A OD1 1 
ATOM   630 O OD2 . ASP A 1 104 ? 5.888   6.831   -5.474  1.00 47.10 ? 96  ASP A OD2 1 
ATOM   631 N N   . THR A 1 105 ? 6.790   2.035   -6.511  1.00 25.19 ? 97  THR A N   1 
ATOM   632 C CA  . THR A 1 105 ? 6.929   0.590   -6.244  1.00 27.11 ? 97  THR A CA  1 
ATOM   633 C C   . THR A 1 105 ? 7.601   -0.179  -7.376  1.00 25.70 ? 97  THR A C   1 
ATOM   634 O O   . THR A 1 105 ? 8.478   -1.010  -7.148  1.00 24.34 ? 97  THR A O   1 
ATOM   635 C CB  . THR A 1 105 ? 5.538   -0.033  -5.894  1.00 28.88 ? 97  THR A CB  1 
ATOM   636 O OG1 . THR A 1 105 ? 5.044   0.623   -4.720  1.00 28.90 ? 97  THR A OG1 1 
ATOM   637 C CG2 . THR A 1 105 ? 5.632   -1.555  -5.638  1.00 22.96 ? 97  THR A CG2 1 
ATOM   638 N N   . HIS A 1 106 ? 7.219   0.136   -8.609  1.00 25.64 ? 98  HIS A N   1 
ATOM   639 C CA  . HIS A 1 106 ? 7.839   -0.472  -9.744  1.00 27.73 ? 98  HIS A CA  1 
ATOM   640 C C   . HIS A 1 106 ? 9.340   -0.113  -9.873  1.00 22.44 ? 98  HIS A C   1 
ATOM   641 O O   . HIS A 1 106 ? 10.176  -0.958  -10.209 1.00 21.61 ? 98  HIS A O   1 
ATOM   642 C CB  . HIS A 1 106 ? 7.041   -0.055  -10.989 1.00 32.98 ? 98  HIS A CB  1 
ATOM   643 C CG  . HIS A 1 106 ? 7.656   -0.498  -12.262 1.00 31.61 ? 98  HIS A CG  1 
ATOM   644 N ND1 . HIS A 1 106 ? 7.539   -1.786  -12.733 1.00 44.36 ? 98  HIS A ND1 1 
ATOM   645 C CD2 . HIS A 1 106 ? 8.422   0.168   -13.155 1.00 41.78 ? 98  HIS A CD2 1 
ATOM   646 C CE1 . HIS A 1 106 ? 8.206   -1.892  -13.867 1.00 42.84 ? 98  HIS A CE1 1 
ATOM   647 N NE2 . HIS A 1 106 ? 8.747   -0.720  -14.144 1.00 31.92 ? 98  HIS A NE2 1 
ATOM   648 N N   . ARG A 1 107 ? 9.669   1.142   -9.618  1.00 18.86 ? 99  ARG A N   1 
ATOM   649 C CA  . ARG A 1 107 ? 11.038  1.614   -9.584  1.00 19.51 ? 99  ARG A CA  1 
ATOM   650 C C   . ARG A 1 107 ? 11.834  0.890   -8.496  1.00 17.07 ? 99  ARG A C   1 
ATOM   651 O O   . ARG A 1 107 ? 12.912  0.409   -8.747  1.00 16.73 ? 99  ARG A O   1 
ATOM   652 C CB  . ARG A 1 107 ? 11.068  3.108   -9.335  1.00 18.77 ? 99  ARG A CB  1 
ATOM   653 C CG  . ARG A 1 107 ? 12.464  3.672   -9.133  1.00 25.05 ? 99  ARG A CG  1 
ATOM   654 C CD  . ARG A 1 107 ? 12.468  5.203   -9.055  1.00 22.15 ? 99  ARG A CD  1 
ATOM   655 N NE  . ARG A 1 107 ? 11.562  5.642   -7.999  1.00 32.10 ? 99  ARG A NE  1 
ATOM   656 C CZ  . ARG A 1 107 ? 11.881  5.619   -6.718  1.00 25.97 ? 99  ARG A CZ  1 
ATOM   657 N NH1 . ARG A 1 107 ? 13.090  5.208   -6.330  1.00 31.52 ? 99  ARG A NH1 1 
ATOM   658 N NH2 . ARG A 1 107 ? 10.985  6.009   -5.836  1.00 29.21 ? 99  ARG A NH2 1 
ATOM   659 N N   . LEU A 1 108 ? 11.286  0.821   -7.284  1.00 22.65 ? 100 LEU A N   1 
ATOM   660 C CA  . LEU A 1 108 ? 11.979  0.143   -6.187  1.00 23.89 ? 100 LEU A CA  1 
ATOM   661 C C   . LEU A 1 108 ? 12.177  -1.335  -6.510  1.00 22.27 ? 100 LEU A C   1 
ATOM   662 O O   . LEU A 1 108 ? 13.204  -1.903  -6.178  1.00 26.11 ? 100 LEU A O   1 
ATOM   663 C CB  . LEU A 1 108 ? 11.201  0.300   -4.889  1.00 26.69 ? 100 LEU A CB  1 
ATOM   664 C CG  . LEU A 1 108 ? 11.030  1.723   -4.334  1.00 22.27 ? 100 LEU A CG  1 
ATOM   665 C CD1 . LEU A 1 108 ? 9.999   1.669   -3.216  1.00 25.02 ? 100 LEU A CD1 1 
ATOM   666 C CD2 . LEU A 1 108 ? 12.363  2.302   -3.885  1.00 19.04 ? 100 LEU A CD2 1 
ATOM   667 N N   . HIS A 1 109 ? 11.192  -1.963  -7.161  1.00 19.59 ? 101 HIS A N   1 
ATOM   668 C CA  . HIS A 1 109 ? 11.314  -3.339  -7.554  1.00 18.94 ? 101 HIS A CA  1 
ATOM   669 C C   . HIS A 1 109 ? 12.421  -3.518  -8.620  1.00 18.14 ? 101 HIS A C   1 
ATOM   670 O O   . HIS A 1 109 ? 13.319  -4.350  -8.471  1.00 15.09 ? 101 HIS A O   1 
ATOM   671 C CB  . HIS A 1 109 ? 9.943   -3.858  -8.006  1.00 24.66 ? 101 HIS A CB  1 
ATOM   672 C CG  . HIS A 1 109 ? 9.968   -5.277  -8.448  1.00 25.57 ? 101 HIS A CG  1 
ATOM   673 N ND1 . HIS A 1 109 ? 10.484  -6.287  -7.660  1.00 31.67 ? 101 HIS A ND1 1 
ATOM   674 C CD2 . HIS A 1 109 ? 9.600   -5.851  -9.613  1.00 24.01 ? 101 HIS A CD2 1 
ATOM   675 C CE1 . HIS A 1 109 ? 10.405  -7.425  -8.319  1.00 31.97 ? 101 HIS A CE1 1 
ATOM   676 N NE2 . HIS A 1 109 ? 9.874   -7.186  -9.504  1.00 24.70 ? 101 HIS A NE2 1 
ATOM   677 N N   . LYS A 1 110 ? 12.407  -2.678  -9.650  1.00 20.71 ? 102 LYS A N   1 
ATOM   678 C CA  . LYS A 1 110 ? 13.455  -2.663  -10.710 1.00 21.08 ? 102 LYS A CA  1 
ATOM   679 C C   . LYS A 1 110 ? 14.888  -2.494  -10.138 1.00 21.01 ? 102 LYS A C   1 
ATOM   680 O O   . LYS A 1 110 ? 15.860  -3.021  -10.682 1.00 22.32 ? 102 LYS A O   1 
ATOM   681 C CB  . LYS A 1 110 ? 13.109  -1.545  -11.717 1.00 21.24 ? 102 LYS A CB  1 
ATOM   682 C CG  . LYS A 1 110 ? 14.034  -1.365  -12.907 1.00 32.10 ? 102 LYS A CG  1 
ATOM   683 N N   . GLU A 1 111 ? 14.991  -1.756  -9.029  1.00 21.62 ? 103 GLU A N   1 
ATOM   684 C CA  . GLU A 1 111 ? 16.261  -1.483  -8.321  1.00 20.37 ? 103 GLU A CA  1 
ATOM   685 C C   . GLU A 1 111 ? 16.675  -2.548  -7.293  1.00 20.38 ? 103 GLU A C   1 
ATOM   686 O O   . GLU A 1 111 ? 17.811  -2.546  -6.827  1.00 19.18 ? 103 GLU A O   1 
ATOM   687 C CB  . GLU A 1 111 ? 16.184  -0.104  -7.648  1.00 17.80 ? 103 GLU A CB  1 
ATOM   688 C CG  . GLU A 1 111 ? 16.211  1.059   -8.649  1.00 18.25 ? 103 GLU A CG  1 
ATOM   689 C CD  . GLU A 1 111 ? 15.908  2.433   -8.047  1.00 29.90 ? 103 GLU A CD  1 
ATOM   690 O OE1 . GLU A 1 111 ? 15.676  2.546   -6.818  1.00 35.37 ? 103 GLU A OE1 1 
ATOM   691 O OE2 . GLU A 1 111 ? 15.872  3.403   -8.834  1.00 38.60 ? 103 GLU A OE2 1 
ATOM   692 N N   . GLY A 1 112 ? 15.781  -3.473  -6.953  1.00 18.88 ? 104 GLY A N   1 
ATOM   693 C CA  . GLY A 1 112 ? 16.115  -4.487  -5.977  1.00 19.72 ? 104 GLY A CA  1 
ATOM   694 C C   . GLY A 1 112 ? 16.018  -4.024  -4.536  1.00 17.46 ? 104 GLY A C   1 
ATOM   695 O O   . GLY A 1 112 ? 16.607  -4.622  -3.650  1.00 20.53 ? 104 GLY A O   1 
ATOM   696 N N   . LYS A 1 113 ? 15.277  -2.959  -4.331  1.00 21.04 ? 105 LYS A N   1 
ATOM   697 C CA  . LYS A 1 113 ? 14.989  -2.363  -3.012  1.00 21.27 ? 105 LYS A CA  1 
ATOM   698 C C   . LYS A 1 113 ? 13.756  -2.914  -2.309  1.00 19.96 ? 105 LYS A C   1 
ATOM   699 O O   . LYS A 1 113 ? 13.609  -2.771  -1.117  1.00 18.77 ? 105 LYS A O   1 
ATOM   700 C CB  . LYS A 1 113 ? 14.856  -0.854  -3.180  1.00 19.22 ? 105 LYS A CB  1 
ATOM   701 C CG  . LYS A 1 113 ? 16.159  -0.195  -3.466  1.00 20.54 ? 105 LYS A CG  1 
ATOM   702 C CD  . LYS A 1 113 ? 16.012  1.294   -3.635  1.00 20.56 ? 105 LYS A CD  1 
ATOM   703 C CE  . LYS A 1 113 ? 17.337  1.883   -3.961  1.00 26.89 ? 105 LYS A CE  1 
ATOM   704 N NZ  . LYS A 1 113 ? 17.287  3.330   -4.055  1.00 24.18 ? 105 LYS A NZ  1 
ATOM   705 N N   . LEU A 1 114 ? 12.856  -3.549  -3.041  1.00 19.61 ? 106 LEU A N   1 
ATOM   706 C CA  . LEU A 1 114 ? 11.567  -3.890  -2.469  1.00 20.72 ? 106 LEU A CA  1 
ATOM   707 C C   . LEU A 1 114 ? 11.577  -5.222  -1.675  1.00 20.51 ? 106 LEU A C   1 
ATOM   708 O O   . LEU A 1 114 ? 11.045  -5.300  -0.573  1.00 23.32 ? 106 LEU A O   1 
ATOM   709 C CB  . LEU A 1 114 ? 10.529  -3.926  -3.603  1.00 24.21 ? 106 LEU A CB  1 
ATOM   710 C CG  . LEU A 1 114 ? 9.071   -4.018  -3.230  1.00 30.39 ? 106 LEU A CG  1 
ATOM   711 C CD1 . LEU A 1 114 ? 8.670   -2.749  -2.467  1.00 36.20 ? 106 LEU A CD1 1 
ATOM   712 C CD2 . LEU A 1 114 ? 8.237   -4.183  -4.493  1.00 25.41 ? 106 LEU A CD2 1 
ATOM   713 N N   . LEU A 1 115 ? 12.178  -6.262  -2.218  1.00 25.20 ? 107 LEU A N   1 
ATOM   714 C CA  . LEU A 1 115 ? 12.141  -7.562  -1.560  1.00 27.50 ? 107 LEU A CA  1 
ATOM   715 C C   . LEU A 1 115 ? 12.899  -7.546  -0.226  1.00 26.81 ? 107 LEU A C   1 
ATOM   716 O O   . LEU A 1 115 ? 12.489  -8.214  0.710   1.00 28.34 ? 107 LEU A O   1 
ATOM   717 C CB  . LEU A 1 115 ? 12.663  -8.651  -2.493  1.00 28.35 ? 107 LEU A CB  1 
ATOM   718 C CG  . LEU A 1 115 ? 12.328  -10.124 -2.274  1.00 27.62 ? 107 LEU A CG  1 
ATOM   719 C CD1 . LEU A 1 115 ? 10.837  -10.375 -2.095  1.00 33.12 ? 107 LEU A CD1 1 
ATOM   720 C CD2 . LEU A 1 115 ? 12.870  -10.917 -3.460  1.00 33.24 ? 107 LEU A CD2 1 
ATOM   721 N N   . PRO A 1 116 ? 14.027  -6.812  -0.129  1.00 27.35 ? 108 PRO A N   1 
ATOM   722 C CA  . PRO A 1 116 ? 14.646  -6.653  1.207   1.00 23.78 ? 108 PRO A CA  1 
ATOM   723 C C   . PRO A 1 116 ? 13.762  -6.052  2.296   1.00 22.74 ? 108 PRO A C   1 
ATOM   724 O O   . PRO A 1 116 ? 13.878  -6.430  3.460   1.00 23.06 ? 108 PRO A O   1 
ATOM   725 C CB  . PRO A 1 116 ? 15.842  -5.725  0.924   1.00 27.83 ? 108 PRO A CB  1 
ATOM   726 C CG  . PRO A 1 116 ? 16.203  -6.022  -0.526  1.00 24.81 ? 108 PRO A CG  1 
ATOM   727 C CD  . PRO A 1 116 ? 14.863  -6.215  -1.191  1.00 25.61 ? 108 PRO A CD  1 
ATOM   728 N N   . LEU A 1 117 ? 12.931  -5.088  1.930   1.00 19.12 ? 109 LEU A N   1 
ATOM   729 C CA  . LEU A 1 117 ? 11.940  -4.532  2.849   1.00 23.14 ? 109 LEU A CA  1 
ATOM   730 C C   . LEU A 1 117 ? 10.908  -5.557  3.266   1.00 22.41 ? 109 LEU A C   1 
ATOM   731 O O   . LEU A 1 117 ? 10.527  -5.612  4.446   1.00 21.27 ? 109 LEU A O   1 
ATOM   732 C CB  . LEU A 1 117 ? 11.215  -3.356  2.215   1.00 24.16 ? 109 LEU A CB  1 
ATOM   733 C CG  . LEU A 1 117 ? 11.970  -2.062  1.989   1.00 31.20 ? 109 LEU A CG  1 
ATOM   734 C CD1 . LEU A 1 117 ? 10.987  -1.060  1.352   1.00 33.59 ? 109 LEU A CD1 1 
ATOM   735 C CD2 . LEU A 1 117 ? 12.555  -1.508  3.298   1.00 28.66 ? 109 LEU A CD2 1 
ATOM   736 N N   . VAL A 1 118 ? 10.468  -6.371  2.298   1.00 22.02 ? 110 VAL A N   1 
ATOM   737 C CA  . VAL A 1 118 ? 9.508   -7.434  2.583   1.00 25.62 ? 110 VAL A CA  1 
ATOM   738 C C   . VAL A 1 118 ? 10.126  -8.443  3.551   1.00 25.78 ? 110 VAL A C   1 
ATOM   739 O O   . VAL A 1 118 ? 9.479   -8.915  4.473   1.00 27.22 ? 110 VAL A O   1 
ATOM   740 C CB  . VAL A 1 118 ? 9.023   -8.167  1.307   1.00 20.87 ? 110 VAL A CB  1 
ATOM   741 C CG1 . VAL A 1 118 ? 8.108   -9.360  1.691   1.00 29.31 ? 110 VAL A CG1 1 
ATOM   742 C CG2 . VAL A 1 118 ? 8.304   -7.223  0.375   1.00 20.56 ? 110 VAL A CG2 1 
ATOM   743 N N   . HIS A 1 119 ? 11.385  -8.786  3.327   1.00 27.48 ? 111 HIS A N   1 
ATOM   744 C CA  . HIS A 1 119 ? 12.093  -9.699  4.203   1.00 26.02 ? 111 HIS A CA  1 
ATOM   745 C C   . HIS A 1 119 ? 12.351  -9.162  5.618   1.00 24.19 ? 111 HIS A C   1 
ATOM   746 O O   . HIS A 1 119 ? 12.329  -9.922  6.563   1.00 27.10 ? 111 HIS A O   1 
ATOM   747 C CB  . HIS A 1 119 ? 13.434  -10.118 3.572   1.00 31.67 ? 111 HIS A CB  1 
ATOM   748 C CG  . HIS A 1 119 ? 13.291  -11.024 2.382   1.00 43.85 ? 111 HIS A CG  1 
ATOM   749 N ND1 . HIS A 1 119 ? 14.361  -11.382 1.586   1.00 41.52 ? 111 HIS A ND1 1 
ATOM   750 C CD2 . HIS A 1 119 ? 12.203  -11.634 1.845   1.00 44.81 ? 111 HIS A CD2 1 
ATOM   751 C CE1 . HIS A 1 119 ? 13.940  -12.178 0.617   1.00 45.98 ? 111 HIS A CE1 1 
ATOM   752 N NE2 . HIS A 1 119 ? 12.635  -12.350 0.755   1.00 48.35 ? 111 HIS A NE2 1 
ATOM   753 N N   . GLN A 1 120 ? 12.654  -7.883  5.786   1.00 29.78 ? 112 GLN A N   1 
ATOM   754 C CA  . GLN A 1 120 ? 12.727  -7.304  7.145   1.00 36.17 ? 112 GLN A CA  1 
ATOM   755 C C   . GLN A 1 120 ? 11.470  -7.644  7.966   1.00 32.62 ? 112 GLN A C   1 
ATOM   756 O O   . GLN A 1 120 ? 11.550  -7.884  9.169   1.00 32.89 ? 112 GLN A O   1 
ATOM   757 C CB  . GLN A 1 120 ? 12.901  -5.780  7.120   1.00 36.32 ? 112 GLN A CB  1 
ATOM   758 C CG  . GLN A 1 120 ? 14.267  -5.241  6.704   1.00 47.13 ? 112 GLN A CG  1 
ATOM   759 C CD  . GLN A 1 120 ? 14.309  -3.681  6.634   1.00 49.15 ? 112 GLN A CD  1 
ATOM   760 O OE1 . GLN A 1 120 ? 13.641  -2.985  7.408   1.00 54.13 ? 112 GLN A OE1 1 
ATOM   761 N NE2 . GLN A 1 120 ? 15.109  -3.149  5.703   1.00 64.48 ? 112 GLN A NE2 1 
ATOM   762 N N   . CYS A 1 121 ? 10.311  -7.632  7.319   1.00 33.64 ? 113 CYS A N   1 
ATOM   763 C CA  . CYS A 1 121 ? 9.033   -7.960  7.970   1.00 36.58 ? 113 CYS A CA  1 
ATOM   764 C C   . CYS A 1 121 ? 9.009   -9.212  8.761   1.00 35.77 ? 113 CYS A C   1 
ATOM   765 O O   . CYS A 1 121 ? 8.477   -9.269  9.861   1.00 37.03 ? 113 CYS A O   1 
ATOM   766 C CB  . CYS A 1 121 ? 7.984   -8.248  6.926   1.00 41.07 ? 113 CYS A CB  1 
ATOM   767 S SG  . CYS A 1 121 ? 6.837   -7.067  6.706   1.00 43.35 ? 113 CYS A SG  1 
ATOM   768 N N   . TYR A 1 122 ? 9.488   -10.247 8.100   1.00 40.33 ? 114 TYR A N   1 
ATOM   769 C CA  . TYR A 1 122 ? 9.492   -11.578 8.617   1.00 42.21 ? 114 TYR A CA  1 
ATOM   770 C C   . TYR A 1 122 ? 10.626  -11.718 9.631   1.00 42.94 ? 114 TYR A C   1 
ATOM   771 O O   . TYR A 1 122 ? 10.395  -12.214 10.733  1.00 48.48 ? 114 TYR A O   1 
ATOM   772 C CB  . TYR A 1 122 ? 9.657   -12.557 7.457   1.00 43.75 ? 114 TYR A CB  1 
ATOM   773 C CG  . TYR A 1 122 ? 8.724   -12.312 6.280   1.00 48.95 ? 114 TYR A CG  1 
ATOM   774 C CD1 . TYR A 1 122 ? 7.398   -11.884 6.473   1.00 53.56 ? 114 TYR A CD1 1 
ATOM   775 C CD2 . TYR A 1 122 ? 9.154   -12.545 4.972   1.00 51.90 ? 114 TYR A CD2 1 
ATOM   776 C CE1 . TYR A 1 122 ? 6.543   -11.670 5.395   1.00 47.37 ? 114 TYR A CE1 1 
ATOM   777 C CE2 . TYR A 1 122 ? 8.309   -12.343 3.891   1.00 51.28 ? 114 TYR A CE2 1 
ATOM   778 C CZ  . TYR A 1 122 ? 7.004   -11.904 4.109   1.00 54.35 ? 114 TYR A CZ  1 
ATOM   779 O OH  . TYR A 1 122 ? 6.167   -11.714 3.030   1.00 53.85 ? 114 TYR A OH  1 
ATOM   780 N N   . LEU A 1 123 ? 11.832  -11.257 9.274   1.00 42.15 ? 115 LEU A N   1 
ATOM   781 C CA  . LEU A 1 123 ? 13.012  -11.367 10.156  1.00 44.44 ? 115 LEU A CA  1 
ATOM   782 C C   . LEU A 1 123 ? 12.904  -10.423 11.355  1.00 44.87 ? 115 LEU A C   1 
ATOM   783 O O   . LEU A 1 123 ? 11.829  -9.877  11.640  1.00 46.50 ? 115 LEU A O   1 
ATOM   784 C CB  . LEU A 1 123 ? 14.321  -11.113 9.382   1.00 42.09 ? 115 LEU A CB  1 
HETATM 785 N N1  . GSH B 2 .   ? 1.633   8.495   -9.861  0.75 30.42 ? 125 GSH A N1  1 
HETATM 786 C CA1 . GSH B 2 .   ? 0.628   7.721   -9.164  0.75 27.43 ? 125 GSH A CA1 1 
HETATM 787 C C1  . GSH B 2 .   ? 1.106   6.320   -8.878  0.75 25.24 ? 125 GSH A C1  1 
HETATM 788 O O11 . GSH B 2 .   ? 2.034   5.885   -9.547  0.75 21.93 ? 125 GSH A O11 1 
HETATM 789 O O12 . GSH B 2 .   ? 0.571   5.655   -7.975  0.75 22.49 ? 125 GSH A O12 1 
HETATM 790 C CB1 . GSH B 2 .   ? -0.611  7.643   -10.027 0.75 26.31 ? 125 GSH A CB1 1 
HETATM 791 C CG1 . GSH B 2 .   ? -1.827  7.150   -9.223  0.75 20.55 ? 125 GSH A CG1 1 
HETATM 792 C CD1 . GSH B 2 .   ? -3.101  7.849   -9.651  0.75 25.23 ? 125 GSH A CD1 1 
HETATM 793 O OE1 . GSH B 2 .   ? -3.068  8.792   -10.435 0.75 22.29 ? 125 GSH A OE1 1 
HETATM 794 N N2  . GSH B 2 .   ? -4.240  7.347   -9.164  0.75 26.21 ? 125 GSH A N2  1 
HETATM 795 C CA2 . GSH B 2 .   ? -5.562  7.889   -9.471  0.75 31.78 ? 125 GSH A CA2 1 
HETATM 796 C C2  . GSH B 2 .   ? -6.094  8.695   -8.331  0.75 27.31 ? 125 GSH A C2  1 
HETATM 797 O O2  . GSH B 2 .   ? -5.736  8.434   -7.217  0.75 23.27 ? 125 GSH A O2  1 
HETATM 798 C CB2 . GSH B 2 .   ? -6.534  6.713   -9.629  0.75 28.82 ? 125 GSH A CB2 1 
HETATM 799 S SG2 . GSH B 2 .   ? -6.257  5.744   -11.137 0.75 35.54 ? 125 GSH A SG2 1 
HETATM 800 N N3  . GSH B 2 .   ? -6.988  9.638   -8.576  0.75 35.81 ? 125 GSH A N3  1 
HETATM 801 C CA3 . GSH B 2 .   ? -7.607  10.477  -7.580  0.75 37.45 ? 125 GSH A CA3 1 
HETATM 802 C C3  . GSH B 2 .   ? -8.499  9.663   -6.656  0.75 37.90 ? 125 GSH A C3  1 
HETATM 803 O O31 . GSH B 2 .   ? -9.027  8.574   -7.013  0.75 36.51 ? 125 GSH A O31 1 
HETATM 804 O O32 . GSH B 2 .   ? -8.701  10.166  -5.541  0.75 36.24 ? 125 GSH A O32 1 
HETATM 805 O O   . HOH C 3 .   ? 13.108  -6.070  -5.259  1.00 14.78 ? 126 HOH A O   1 
HETATM 806 O O   . HOH C 3 .   ? -0.412  6.777   -5.859  1.00 14.34 ? 127 HOH A O   1 
HETATM 807 O O   A HOH C 3 .   ? 18.338  -6.648  -3.358  0.50 12.59 ? 128 HOH A O   1 
HETATM 808 O O   B HOH C 3 .   ? -2.563  14.027  -4.565  0.50 13.43 ? 128 HOH A O   1 
HETATM 809 O O   . HOH C 3 .   ? 4.142   6.235   -7.374  1.00 24.74 ? 129 HOH A O   1 
HETATM 810 O O   . HOH C 3 .   ? 1.292   -8.860  3.783   1.00 31.46 ? 130 HOH A O   1 
HETATM 811 O O   . HOH C 3 .   ? 6.654   -8.245  -9.864  1.00 36.51 ? 131 HOH A O   1 
HETATM 812 O O   . HOH C 3 .   ? 2.989   -2.591  6.262   1.00 20.69 ? 132 HOH A O   1 
HETATM 813 O O   . HOH C 3 .   ? -7.551  -2.031  -8.454  1.00 26.69 ? 133 HOH A O   1 
HETATM 814 O O   . HOH C 3 .   ? 15.588  -1.890  0.415   1.00 25.54 ? 134 HOH A O   1 
HETATM 815 O O   . HOH C 3 .   ? -12.863 2.931   -8.437  1.00 35.10 ? 135 HOH A O   1 
HETATM 816 O O   . HOH C 3 .   ? 9.208   6.075   -2.475  1.00 29.05 ? 136 HOH A O   1 
HETATM 817 O O   . HOH C 3 .   ? -15.723 5.366   -0.278  1.00 38.12 ? 137 HOH A O   1 
HETATM 818 O O   . HOH C 3 .   ? 4.023   -4.606  9.018   1.00 35.93 ? 138 HOH A O   1 
HETATM 819 O O   A HOH C 3 .   ? 7.985   7.036   4.500   0.50 17.18 ? 139 HOH A O   1 
HETATM 820 O O   B HOH C 3 .   ? 7.646   5.714   6.156   0.50 18.20 ? 139 HOH A O   1 
HETATM 821 O O   . HOH C 3 .   ? -11.545 -3.480  1.303   1.00 28.80 ? 140 HOH A O   1 
HETATM 822 O O   . HOH C 3 .   ? 1.760   -9.988  7.037   1.00 28.59 ? 141 HOH A O   1 
HETATM 823 O O   . HOH C 3 .   ? 2.987   14.403  5.446   1.00 40.58 ? 142 HOH A O   1 
HETATM 824 O O   . HOH C 3 .   ? -9.471  11.486  8.093   1.00 31.75 ? 143 HOH A O   1 
HETATM 825 O O   . HOH C 3 .   ? 8.966   6.698   0.704   1.00 27.20 ? 144 HOH A O   1 
HETATM 826 O O   . HOH C 3 .   ? -7.944  12.718  -5.277  1.00 41.67 ? 145 HOH A O   1 
HETATM 827 O O   . HOH C 3 .   ? 4.266   -0.465  11.753  1.00 35.58 ? 146 HOH A O   1 
HETATM 828 O O   . HOH C 3 .   ? -7.792  3.874   -13.959 1.00 38.38 ? 147 HOH A O   1 
HETATM 829 O O   . HOH C 3 .   ? 0.818   15.536  4.052   1.00 34.65 ? 148 HOH A O   1 
HETATM 830 O O   . HOH C 3 .   ? -2.011  -12.142 -1.384  1.00 37.37 ? 149 HOH A O   1 
HETATM 831 O O   . HOH C 3 .   ? -2.566  20.225  3.889   1.00 39.82 ? 150 HOH A O   1 
HETATM 832 O O   . HOH C 3 .   ? -6.725  -8.270  0.793   1.00 24.42 ? 151 HOH A O   1 
HETATM 833 O O   . HOH C 3 .   ? -9.641  -6.096  -3.915  1.00 33.80 ? 152 HOH A O   1 
HETATM 834 O O   . HOH C 3 .   ? 3.638   10.094  -2.410  1.00 36.72 ? 153 HOH A O   1 
HETATM 835 O O   . HOH C 3 .   ? -16.607 1.858   -6.474  1.00 23.50 ? 154 HOH A O   1 
HETATM 836 O O   . HOH C 3 .   ? 2.398   -4.848  -12.764 1.00 37.30 ? 155 HOH A O   1 
HETATM 837 O O   . HOH C 3 .   ? -9.431  -5.049  7.354   1.00 35.39 ? 156 HOH A O   1 
HETATM 838 O O   . HOH C 3 .   ? -15.241 2.662   6.604   1.00 40.15 ? 157 HOH A O   1 
HETATM 839 O O   . HOH C 3 .   ? -0.988  -9.540  4.491   1.00 36.32 ? 158 HOH A O   1 
HETATM 840 O O   . HOH C 3 .   ? 5.729   10.587  2.517   1.00 42.47 ? 159 HOH A O   1 
HETATM 841 O O   . HOH C 3 .   ? 4.110   5.024   7.844   1.00 39.41 ? 160 HOH A O   1 
HETATM 842 O O   . HOH C 3 .   ? 8.537   3.492   -12.367 1.00 33.88 ? 161 HOH A O   1 
HETATM 843 O O   . HOH C 3 .   ? 9.647   6.635   -10.004 1.00 41.62 ? 162 HOH A O   1 
HETATM 844 O O   . HOH C 3 .   ? 5.984   -9.670  11.410  1.00 42.83 ? 163 HOH A O   1 
HETATM 845 O O   . HOH C 3 .   ? -4.191  -10.565 -1.536  1.00 47.49 ? 164 HOH A O   1 
HETATM 846 O O   . HOH C 3 .   ? 0.367   10.879  -6.766  1.00 38.07 ? 165 HOH A O   1 
HETATM 847 O O   . HOH C 3 .   ? -17.051 0.174   5.510   1.00 34.15 ? 166 HOH A O   1 
HETATM 848 O O   . HOH C 3 .   ? -11.421 12.176  0.203   1.00 42.62 ? 167 HOH A O   1 
HETATM 849 O O   . HOH C 3 .   ? 5.509   8.573   -3.727  1.00 41.68 ? 168 HOH A O   1 
HETATM 850 O O   . HOH C 3 .   ? -5.440  -6.622  9.141   1.00 40.20 ? 169 HOH A O   1 
HETATM 851 O O   . HOH C 3 .   ? 8.116   8.718   -3.059  1.00 38.69 ? 170 HOH A O   1 
HETATM 852 O O   . HOH C 3 .   ? 3.247   7.183   6.394   1.00 31.01 ? 171 HOH A O   1 
HETATM 853 O O   . HOH C 3 .   ? 4.080   -10.572 2.740   1.00 38.20 ? 172 HOH A O   1 
HETATM 854 O O   . HOH C 3 .   ? -10.960 -2.944  3.845   1.00 43.95 ? 173 HOH A O   1 
HETATM 855 O O   . HOH C 3 .   ? 16.449  -8.842  -3.466  1.00 42.24 ? 174 HOH A O   1 
HETATM 856 O O   . HOH C 3 .   ? -20.076 5.597   1.771   1.00 47.35 ? 175 HOH A O   1 
HETATM 857 O O   . HOH C 3 .   ? -5.577  14.523  -5.746  1.00 46.20 ? 176 HOH A O   1 
HETATM 858 O O   . HOH C 3 .   ? -13.494 13.789  3.478   1.00 48.46 ? 177 HOH A O   1 
HETATM 859 O O   . HOH C 3 .   ? 5.498   8.647   4.867   1.00 43.52 ? 178 HOH A O   1 
# 
loop_
_pdbx_poly_seq_scheme.asym_id 
_pdbx_poly_seq_scheme.entity_id 
_pdbx_poly_seq_scheme.seq_id 
_pdbx_poly_seq_scheme.mon_id 
_pdbx_poly_seq_scheme.ndb_seq_num 
_pdbx_poly_seq_scheme.pdb_seq_num 
_pdbx_poly_seq_scheme.auth_seq_num 
_pdbx_poly_seq_scheme.pdb_mon_id 
_pdbx_poly_seq_scheme.auth_mon_id 
_pdbx_poly_seq_scheme.pdb_strand_id 
_pdbx_poly_seq_scheme.pdb_ins_code 
_pdbx_poly_seq_scheme.hetero 
A 1 1   MET 1   -7  ?   ?   ?   A . n 
A 1 2   HIS 2   -6  ?   ?   ?   A . n 
A 1 3   HIS 3   -5  ?   ?   ?   A . n 
A 1 4   HIS 4   -4  ?   ?   ?   A . n 
A 1 5   HIS 5   -3  ?   ?   ?   A . n 
A 1 6   HIS 6   -2  ?   ?   ?   A . n 
A 1 7   HIS 7   -1  ?   ?   ?   A . n 
A 1 8   SER 8   0   ?   ?   ?   A . n 
A 1 9   SER 9   1   ?   ?   ?   A . n 
A 1 10  GLY 10  2   ?   ?   ?   A . n 
A 1 11  VAL 11  3   ?   ?   ?   A . n 
A 1 12  ASP 12  4   ?   ?   ?   A . n 
A 1 13  LEU 13  5   ?   ?   ?   A . n 
A 1 14  GLY 14  6   ?   ?   ?   A . n 
A 1 15  THR 15  7   ?   ?   ?   A . n 
A 1 16  GLU 16  8   ?   ?   ?   A . n 
A 1 17  ASN 17  9   ?   ?   ?   A . n 
A 1 18  LEU 18  10  ?   ?   ?   A . n 
A 1 19  TYR 19  11  ?   ?   ?   A . n 
A 1 20  PHE 20  12  ?   ?   ?   A . n 
A 1 21  GLN 21  13  ?   ?   ?   A . n 
A 1 22  SER 22  14  ?   ?   ?   A . n 
A 1 23  MET 23  15  15  MET MET A . n 
A 1 24  PRO 24  16  16  PRO PRO A . n 
A 1 25  VAL 25  17  17  VAL VAL A . n 
A 1 26  ASN 26  18  18  ASN ASN A . n 
A 1 27  GLN 27  19  19  GLN GLN A . n 
A 1 28  ILE 28  20  20  ILE ILE A . n 
A 1 29  GLN 29  21  21  GLN GLN A . n 
A 1 30  GLU 30  22  22  GLU GLU A . n 
A 1 31  THR 31  23  23  THR THR A . n 
A 1 32  ILE 32  24  24  ILE ILE A . n 
A 1 33  SER 33  25  25  SER SER A . n 
A 1 34  ASP 34  26  26  ASP ASP A . n 
A 1 35  ASN 35  27  27  ASN ASN A . n 
A 1 36  CYS 36  28  28  CYS CYS A . n 
A 1 37  VAL 37  29  29  VAL VAL A . n 
A 1 38  VAL 38  30  30  VAL VAL A . n 
A 1 39  ILE 39  31  31  ILE ILE A . n 
A 1 40  PHE 40  32  32  PHE PHE A . n 
A 1 41  SER 41  33  33  SER SER A . n 
A 1 42  LYS 42  34  34  LYS LYS A . n 
A 1 43  THR 43  35  35  THR THR A . n 
A 1 44  SER 44  36  36  SER SER A . n 
A 1 45  CYS 45  37  37  CYS CYS A . n 
A 1 46  SER 46  38  38  SER SER A . n 
A 1 47  TYR 47  39  39  TYR TYR A . n 
A 1 48  CYS 48  40  40  CYS CYS A . n 
A 1 49  THR 49  41  41  THR THR A . n 
A 1 50  MET 50  42  42  MET MET A . n 
A 1 51  ALA 51  43  43  ALA ALA A . n 
A 1 52  LYS 52  44  44  LYS LYS A . n 
A 1 53  LYS 53  45  45  LYS LYS A . n 
A 1 54  LEU 54  46  46  LEU LEU A . n 
A 1 55  PHE 55  47  47  PHE PHE A . n 
A 1 56  HIS 56  48  48  HIS HIS A . n 
A 1 57  ASP 57  49  49  ASP ASP A . n 
A 1 58  MET 58  50  50  MET MET A . n 
A 1 59  ASN 59  51  51  ASN ASN A . n 
A 1 60  VAL 60  52  52  VAL VAL A . n 
A 1 61  ASN 61  53  53  ASN ASN A . n 
A 1 62  TYR 62  54  54  TYR TYR A . n 
A 1 63  LYS 63  55  55  LYS LYS A . n 
A 1 64  VAL 64  56  56  VAL VAL A . n 
A 1 65  VAL 65  57  57  VAL VAL A . n 
A 1 66  GLU 66  58  58  GLU GLU A . n 
A 1 67  LEU 67  59  59  LEU LEU A . n 
A 1 68  ASP 68  60  60  ASP ASP A . n 
A 1 69  LEU 69  61  61  LEU LEU A . n 
A 1 70  LEU 70  62  62  LEU LEU A . n 
A 1 71  GLU 71  63  63  GLU GLU A . n 
A 1 72  TYR 72  64  64  TYR TYR A . n 
A 1 73  GLY 73  65  65  GLY GLY A . n 
A 1 74  ASN 74  66  66  ASN ASN A . n 
A 1 75  GLN 75  67  67  GLN GLN A . n 
A 1 76  PHE 76  68  68  PHE PHE A . n 
A 1 77  GLN 77  69  69  GLN GLN A . n 
A 1 78  ASP 78  70  70  ASP ASP A . n 
A 1 79  ALA 79  71  71  ALA ALA A . n 
A 1 80  LEU 80  72  72  LEU LEU A . n 
A 1 81  TYR 81  73  73  TYR TYR A . n 
A 1 82  LYS 82  74  74  LYS LYS A . n 
A 1 83  MET 83  75  75  MET MET A . n 
A 1 84  THR 84  76  76  THR THR A . n 
A 1 85  GLY 85  77  77  GLY GLY A . n 
A 1 86  GLU 86  78  78  GLU GLU A . n 
A 1 87  ARG 87  79  79  ARG ARG A . n 
A 1 88  THR 88  80  80  THR THR A . n 
A 1 89  VAL 89  81  81  VAL VAL A . n 
A 1 90  PRO 90  82  82  PRO PRO A . n 
A 1 91  ARG 91  83  83  ARG ARG A . n 
A 1 92  ILE 92  84  84  ILE ILE A . n 
A 1 93  PHE 93  85  85  PHE PHE A . n 
A 1 94  VAL 94  86  86  VAL VAL A . n 
A 1 95  ASN 95  87  87  ASN ASN A . n 
A 1 96  GLY 96  88  88  GLY GLY A . n 
A 1 97  THR 97  89  89  THR THR A . n 
A 1 98  PHE 98  90  90  PHE PHE A . n 
A 1 99  ILE 99  91  91  ILE ILE A . n 
A 1 100 GLY 100 92  92  GLY GLY A . n 
A 1 101 GLY 101 93  93  GLY GLY A . n 
A 1 102 ALA 102 94  94  ALA ALA A . n 
A 1 103 THR 103 95  95  THR THR A . n 
A 1 104 ASP 104 96  96  ASP ASP A . n 
A 1 105 THR 105 97  97  THR THR A . n 
A 1 106 HIS 106 98  98  HIS HIS A . n 
A 1 107 ARG 107 99  99  ARG ARG A . n 
A 1 108 LEU 108 100 100 LEU LEU A . n 
A 1 109 HIS 109 101 101 HIS HIS A . n 
A 1 110 LYS 110 102 102 LYS LYS A . n 
A 1 111 GLU 111 103 103 GLU GLU A . n 
A 1 112 GLY 112 104 104 GLY GLY A . n 
A 1 113 LYS 113 105 105 LYS LYS A . n 
A 1 114 LEU 114 106 106 LEU LEU A . n 
A 1 115 LEU 115 107 107 LEU LEU A . n 
A 1 116 PRO 116 108 108 PRO PRO A . n 
A 1 117 LEU 117 109 109 LEU LEU A . n 
A 1 118 VAL 118 110 110 VAL VAL A . n 
A 1 119 HIS 119 111 111 HIS HIS A . n 
A 1 120 GLN 120 112 112 GLN GLN A . n 
A 1 121 CYS 121 113 113 CYS CYS A . n 
A 1 122 TYR 122 114 114 TYR TYR A . n 
A 1 123 LEU 123 115 115 LEU LEU A . n 
A 1 124 LYS 124 116 ?   ?   ?   A . n 
A 1 125 LYS 125 117 ?   ?   ?   A . n 
A 1 126 SER 126 118 ?   ?   ?   A . n 
A 1 127 LYS 127 119 ?   ?   ?   A . n 
A 1 128 ARG 128 120 ?   ?   ?   A . n 
A 1 129 LYS 129 121 ?   ?   ?   A . n 
A 1 130 GLU 130 122 ?   ?   ?   A . n 
A 1 131 PHE 131 123 ?   ?   ?   A . n 
A 1 132 GLN 132 124 ?   ?   ?   A . n 
# 
_pdbx_SG_project.id                    1 
_pdbx_SG_project.project_name          ? 
_pdbx_SG_project.full_name_of_center   'Structural Genomics Consortium' 
_pdbx_SG_project.initial_of_center     SGC 
# 
loop_
_pdbx_nonpoly_scheme.asym_id 
_pdbx_nonpoly_scheme.entity_id 
_pdbx_nonpoly_scheme.mon_id 
_pdbx_nonpoly_scheme.ndb_seq_num 
_pdbx_nonpoly_scheme.pdb_seq_num 
_pdbx_nonpoly_scheme.auth_seq_num 
_pdbx_nonpoly_scheme.pdb_mon_id 
_pdbx_nonpoly_scheme.auth_mon_id 
_pdbx_nonpoly_scheme.pdb_strand_id 
_pdbx_nonpoly_scheme.pdb_ins_code 
B 2 GSH 1  125 1  GSH GSH A . 
C 3 HOH 1  126 1  HOH HOH A . 
C 3 HOH 2  127 2  HOH HOH A . 
C 3 HOH 3  128 3  HOH HOH A . 
C 3 HOH 4  129 5  HOH HOH A . 
C 3 HOH 5  130 6  HOH HOH A . 
C 3 HOH 6  131 7  HOH HOH A . 
C 3 HOH 7  132 8  HOH HOH A . 
C 3 HOH 8  133 9  HOH HOH A . 
C 3 HOH 9  134 10 HOH HOH A . 
C 3 HOH 10 135 11 HOH HOH A . 
C 3 HOH 11 136 12 HOH HOH A . 
C 3 HOH 12 137 13 HOH HOH A . 
C 3 HOH 13 138 14 HOH HOH A . 
C 3 HOH 14 139 15 HOH HOH A . 
C 3 HOH 15 140 17 HOH HOH A . 
C 3 HOH 16 141 18 HOH HOH A . 
C 3 HOH 17 142 19 HOH HOH A . 
C 3 HOH 18 143 20 HOH HOH A . 
C 3 HOH 19 144 21 HOH HOH A . 
C 3 HOH 20 145 22 HOH HOH A . 
C 3 HOH 21 146 23 HOH HOH A . 
C 3 HOH 22 147 24 HOH HOH A . 
C 3 HOH 23 148 25 HOH HOH A . 
C 3 HOH 24 149 26 HOH HOH A . 
C 3 HOH 25 150 27 HOH HOH A . 
C 3 HOH 26 151 28 HOH HOH A . 
C 3 HOH 27 152 29 HOH HOH A . 
C 3 HOH 28 153 30 HOH HOH A . 
C 3 HOH 29 154 31 HOH HOH A . 
C 3 HOH 30 155 32 HOH HOH A . 
C 3 HOH 31 156 33 HOH HOH A . 
C 3 HOH 32 157 34 HOH HOH A . 
C 3 HOH 33 158 35 HOH HOH A . 
C 3 HOH 34 159 36 HOH HOH A . 
C 3 HOH 35 160 37 HOH HOH A . 
C 3 HOH 36 161 38 HOH HOH A . 
C 3 HOH 37 162 39 HOH HOH A . 
C 3 HOH 38 163 40 HOH HOH A . 
C 3 HOH 39 164 41 HOH HOH A . 
C 3 HOH 40 165 42 HOH HOH A . 
C 3 HOH 41 166 43 HOH HOH A . 
C 3 HOH 42 167 44 HOH HOH A . 
C 3 HOH 43 168 45 HOH HOH A . 
C 3 HOH 44 169 46 HOH HOH A . 
C 3 HOH 45 170 48 HOH HOH A . 
C 3 HOH 46 171 49 HOH HOH A . 
C 3 HOH 47 172 50 HOH HOH A . 
C 3 HOH 48 173 57 HOH HOH A . 
C 3 HOH 49 174 58 HOH HOH A . 
C 3 HOH 50 175 60 HOH HOH A . 
C 3 HOH 51 176 61 HOH HOH A . 
C 3 HOH 52 177 62 HOH HOH A . 
C 3 HOH 53 178 63 HOH HOH A . 
# 
_pdbx_struct_assembly.id                   1 
_pdbx_struct_assembly.details              author_defined_assembly 
_pdbx_struct_assembly.method_details       ? 
_pdbx_struct_assembly.oligomeric_details   monomeric 
_pdbx_struct_assembly.oligomeric_count     1 
# 
_pdbx_struct_assembly_gen.assembly_id       1 
_pdbx_struct_assembly_gen.oper_expression   1 
_pdbx_struct_assembly_gen.asym_id_list      A,B,C 
# 
_pdbx_struct_oper_list.id                   1 
_pdbx_struct_oper_list.type                 'identity operation' 
_pdbx_struct_oper_list.name                 1_555 
_pdbx_struct_oper_list.symmetry_operation   x,y,z 
_pdbx_struct_oper_list.matrix[1][1]         1.0000000000 
_pdbx_struct_oper_list.matrix[1][2]         0.0000000000 
_pdbx_struct_oper_list.matrix[1][3]         0.0000000000 
_pdbx_struct_oper_list.vector[1]            0.0000000000 
_pdbx_struct_oper_list.matrix[2][1]         0.0000000000 
_pdbx_struct_oper_list.matrix[2][2]         1.0000000000 
_pdbx_struct_oper_list.matrix[2][3]         0.0000000000 
_pdbx_struct_oper_list.vector[2]            0.0000000000 
_pdbx_struct_oper_list.matrix[3][1]         0.0000000000 
_pdbx_struct_oper_list.matrix[3][2]         0.0000000000 
_pdbx_struct_oper_list.matrix[3][3]         1.0000000000 
_pdbx_struct_oper_list.vector[3]            0.0000000000 
# 
loop_
_pdbx_audit_revision_history.ordinal 
_pdbx_audit_revision_history.data_content_type 
_pdbx_audit_revision_history.major_revision 
_pdbx_audit_revision_history.minor_revision 
_pdbx_audit_revision_history.revision_date 
1 'Structure model' 1 0 2006-01-24 
2 'Structure model' 1 1 2008-05-01 
3 'Structure model' 1 2 2011-07-13 
4 'Structure model' 1 3 2012-12-05 
5 'Structure model' 1 4 2018-01-31 
6 'Structure model' 1 5 2023-08-30 
# 
_pdbx_audit_revision_details.ordinal             1 
_pdbx_audit_revision_details.revision_ordinal    1 
_pdbx_audit_revision_details.data_content_type   'Structure model' 
_pdbx_audit_revision_details.provider            repository 
_pdbx_audit_revision_details.type                'Initial release' 
_pdbx_audit_revision_details.description         ? 
_pdbx_audit_revision_details.details             ? 
# 
loop_
_pdbx_audit_revision_group.ordinal 
_pdbx_audit_revision_group.revision_ordinal 
_pdbx_audit_revision_group.data_content_type 
_pdbx_audit_revision_group.group 
1 2 'Structure model' 'Version format compliance' 
2 3 'Structure model' Advisory                    
3 3 'Structure model' 'Version format compliance' 
4 4 'Structure model' Other                       
5 5 'Structure model' 'Structure summary'         
6 6 'Structure model' 'Data collection'           
7 6 'Structure model' 'Database references'       
8 6 'Structure model' 'Derived calculations'      
9 6 'Structure model' 'Refinement description'    
# 
loop_
_pdbx_audit_revision_category.ordinal 
_pdbx_audit_revision_category.revision_ordinal 
_pdbx_audit_revision_category.data_content_type 
_pdbx_audit_revision_category.category 
1 5 'Structure model' audit_author                  
2 6 'Structure model' chem_comp_atom                
3 6 'Structure model' chem_comp_bond                
4 6 'Structure model' database_2                    
5 6 'Structure model' pdbx_initial_refinement_model 
6 6 'Structure model' struct_ref_seq_dif            
7 6 'Structure model' struct_site                   
# 
loop_
_pdbx_audit_revision_item.ordinal 
_pdbx_audit_revision_item.revision_ordinal 
_pdbx_audit_revision_item.data_content_type 
_pdbx_audit_revision_item.item 
1 5 'Structure model' '_audit_author.name'                  
2 6 'Structure model' '_database_2.pdbx_DOI'                
3 6 'Structure model' '_database_2.pdbx_database_accession' 
4 6 'Structure model' '_struct_ref_seq_dif.details'         
5 6 'Structure model' '_struct_site.pdbx_auth_asym_id'      
6 6 'Structure model' '_struct_site.pdbx_auth_comp_id'      
7 6 'Structure model' '_struct_site.pdbx_auth_seq_id'       
# 
_pdbx_refine_tls.id               1 
_pdbx_refine_tls.details          ? 
_pdbx_refine_tls.method           refined 
_pdbx_refine_tls.origin_x         -0.2169 
_pdbx_refine_tls.origin_y         0.3775 
_pdbx_refine_tls.origin_z         -0.3599 
_pdbx_refine_tls.T[1][1]          -0.1032 
_pdbx_refine_tls.T[2][2]          -0.1322 
_pdbx_refine_tls.T[3][3]          -0.0539 
_pdbx_refine_tls.T[1][2]          -0.0071 
_pdbx_refine_tls.T[1][3]          -0.0298 
_pdbx_refine_tls.T[2][3]          0.0228 
_pdbx_refine_tls.L[1][1]          5.6742 
_pdbx_refine_tls.L[2][2]          2.5248 
_pdbx_refine_tls.L[3][3]          2.2380 
_pdbx_refine_tls.L[1][2]          -0.1274 
_pdbx_refine_tls.L[1][3]          -0.1026 
_pdbx_refine_tls.L[2][3]          0.4780 
_pdbx_refine_tls.S[1][1]          -0.1149 
_pdbx_refine_tls.S[1][2]          -0.0142 
_pdbx_refine_tls.S[1][3]          -0.1595 
_pdbx_refine_tls.S[2][1]          0.0473 
_pdbx_refine_tls.S[2][2]          0.1673 
_pdbx_refine_tls.S[2][3]          -0.0736 
_pdbx_refine_tls.S[3][1]          0.2032 
_pdbx_refine_tls.S[3][2]          -0.0425 
_pdbx_refine_tls.S[3][3]          -0.0524 
_pdbx_refine_tls.pdbx_refine_id   'X-RAY DIFFRACTION' 
# 
loop_
_pdbx_refine_tls_group.id 
_pdbx_refine_tls_group.refine_tls_id 
_pdbx_refine_tls_group.beg_auth_asym_id 
_pdbx_refine_tls_group.beg_auth_seq_id 
_pdbx_refine_tls_group.beg_label_asym_id 
_pdbx_refine_tls_group.beg_label_seq_id 
_pdbx_refine_tls_group.end_auth_asym_id 
_pdbx_refine_tls_group.end_auth_seq_id 
_pdbx_refine_tls_group.end_label_asym_id 
_pdbx_refine_tls_group.end_label_seq_id 
_pdbx_refine_tls_group.selection 
_pdbx_refine_tls_group.pdbx_refine_id 
_pdbx_refine_tls_group.selection_details 
1 1 A 15  A 23 A 115 A 123 ? 'X-RAY DIFFRACTION' ? 
2 1 A 125 B ?  A 125 B ?   ? 'X-RAY DIFFRACTION' ? 
# 
loop_
_software.name 
_software.classification 
_software.version 
_software.citation_id 
_software.pdbx_ordinal 
REFMAC refinement       5.2.0019  ? 1 
MOSFLM 'data reduction' .         ? 2 
CCP4   'data scaling'   '(SCALA)' ? 3 
PHASER phasing          .         ? 4 
# 
_pdbx_validate_rmsd_bond.id                        1 
_pdbx_validate_rmsd_bond.PDB_model_num             1 
_pdbx_validate_rmsd_bond.auth_atom_id_1            CB 
_pdbx_validate_rmsd_bond.auth_asym_id_1            A 
_pdbx_validate_rmsd_bond.auth_comp_id_1            CYS 
_pdbx_validate_rmsd_bond.auth_seq_id_1             113 
_pdbx_validate_rmsd_bond.PDB_ins_code_1            ? 
_pdbx_validate_rmsd_bond.label_alt_id_1            ? 
_pdbx_validate_rmsd_bond.auth_atom_id_2            SG 
_pdbx_validate_rmsd_bond.auth_asym_id_2            A 
_pdbx_validate_rmsd_bond.auth_comp_id_2            CYS 
_pdbx_validate_rmsd_bond.auth_seq_id_2             113 
_pdbx_validate_rmsd_bond.PDB_ins_code_2            ? 
_pdbx_validate_rmsd_bond.label_alt_id_2            ? 
_pdbx_validate_rmsd_bond.bond_value                1.661 
_pdbx_validate_rmsd_bond.bond_target_value         1.812 
_pdbx_validate_rmsd_bond.bond_deviation            -0.151 
_pdbx_validate_rmsd_bond.bond_standard_deviation   0.016 
_pdbx_validate_rmsd_bond.linker_flag               N 
# 
loop_
_pdbx_validate_rmsd_angle.id 
_pdbx_validate_rmsd_angle.PDB_model_num 
_pdbx_validate_rmsd_angle.auth_atom_id_1 
_pdbx_validate_rmsd_angle.auth_asym_id_1 
_pdbx_validate_rmsd_angle.auth_comp_id_1 
_pdbx_validate_rmsd_angle.auth_seq_id_1 
_pdbx_validate_rmsd_angle.PDB_ins_code_1 
_pdbx_validate_rmsd_angle.label_alt_id_1 
_pdbx_validate_rmsd_angle.auth_atom_id_2 
_pdbx_validate_rmsd_angle.auth_asym_id_2 
_pdbx_validate_rmsd_angle.auth_comp_id_2 
_pdbx_validate_rmsd_angle.auth_seq_id_2 
_pdbx_validate_rmsd_angle.PDB_ins_code_2 
_pdbx_validate_rmsd_angle.label_alt_id_2 
_pdbx_validate_rmsd_angle.auth_atom_id_3 
_pdbx_validate_rmsd_angle.auth_asym_id_3 
_pdbx_validate_rmsd_angle.auth_comp_id_3 
_pdbx_validate_rmsd_angle.auth_seq_id_3 
_pdbx_validate_rmsd_angle.PDB_ins_code_3 
_pdbx_validate_rmsd_angle.label_alt_id_3 
_pdbx_validate_rmsd_angle.angle_value 
_pdbx_validate_rmsd_angle.angle_target_value 
_pdbx_validate_rmsd_angle.angle_deviation 
_pdbx_validate_rmsd_angle.angle_standard_deviation 
_pdbx_validate_rmsd_angle.linker_flag 
1 1 NE A ARG 79 ? ? CZ A ARG 79 ? ? NH1 A ARG 79 ? ? 124.05 120.30 3.75  0.50 N 
2 1 NE A ARG 79 ? ? CZ A ARG 79 ? ? NH2 A ARG 79 ? ? 116.57 120.30 -3.73 0.50 N 
# 
loop_
_pdbx_unobs_or_zero_occ_atoms.id 
_pdbx_unobs_or_zero_occ_atoms.PDB_model_num 
_pdbx_unobs_or_zero_occ_atoms.polymer_flag 
_pdbx_unobs_or_zero_occ_atoms.occupancy_flag 
_pdbx_unobs_or_zero_occ_atoms.auth_asym_id 
_pdbx_unobs_or_zero_occ_atoms.auth_comp_id 
_pdbx_unobs_or_zero_occ_atoms.auth_seq_id 
_pdbx_unobs_or_zero_occ_atoms.PDB_ins_code 
_pdbx_unobs_or_zero_occ_atoms.auth_atom_id 
_pdbx_unobs_or_zero_occ_atoms.label_alt_id 
_pdbx_unobs_or_zero_occ_atoms.label_asym_id 
_pdbx_unobs_or_zero_occ_atoms.label_comp_id 
_pdbx_unobs_or_zero_occ_atoms.label_seq_id 
_pdbx_unobs_or_zero_occ_atoms.label_atom_id 
1  1 Y 1 A MET 15  ? CG  ? A MET 23  CG  
2  1 Y 1 A MET 15  ? SD  ? A MET 23  SD  
3  1 Y 1 A MET 15  ? CE  ? A MET 23  CE  
4  1 Y 1 A GLU 22  ? CG  ? A GLU 30  CG  
5  1 Y 1 A GLU 22  ? CD  ? A GLU 30  CD  
6  1 Y 1 A GLU 22  ? OE1 ? A GLU 30  OE1 
7  1 Y 1 A GLU 22  ? OE2 ? A GLU 30  OE2 
8  1 Y 1 A LYS 45  ? CG  ? A LYS 53  CG  
9  1 Y 1 A LYS 45  ? CD  ? A LYS 53  CD  
10 1 Y 1 A LYS 45  ? CE  ? A LYS 53  CE  
11 1 Y 1 A LYS 45  ? NZ  ? A LYS 53  NZ  
12 1 Y 1 A LYS 74  ? CG  ? A LYS 82  CG  
13 1 Y 1 A LYS 74  ? CD  ? A LYS 82  CD  
14 1 Y 1 A LYS 74  ? CE  ? A LYS 82  CE  
15 1 Y 1 A LYS 74  ? NZ  ? A LYS 82  NZ  
16 1 Y 1 A GLU 78  ? CD  ? A GLU 86  CD  
17 1 Y 1 A GLU 78  ? OE1 ? A GLU 86  OE1 
18 1 Y 1 A GLU 78  ? OE2 ? A GLU 86  OE2 
19 1 Y 1 A LYS 102 ? CD  ? A LYS 110 CD  
20 1 Y 1 A LYS 102 ? CE  ? A LYS 110 CE  
21 1 Y 1 A LYS 102 ? NZ  ? A LYS 110 NZ  
22 1 Y 1 A LEU 115 ? CG  ? A LEU 123 CG  
23 1 Y 1 A LEU 115 ? CD1 ? A LEU 123 CD1 
24 1 Y 1 A LEU 115 ? CD2 ? A LEU 123 CD2 
# 
loop_
_pdbx_unobs_or_zero_occ_residues.id 
_pdbx_unobs_or_zero_occ_residues.PDB_model_num 
_pdbx_unobs_or_zero_occ_residues.polymer_flag 
_pdbx_unobs_or_zero_occ_residues.occupancy_flag 
_pdbx_unobs_or_zero_occ_residues.auth_asym_id 
_pdbx_unobs_or_zero_occ_residues.auth_comp_id 
_pdbx_unobs_or_zero_occ_residues.auth_seq_id 
_pdbx_unobs_or_zero_occ_residues.PDB_ins_code 
_pdbx_unobs_or_zero_occ_residues.label_asym_id 
_pdbx_unobs_or_zero_occ_residues.label_comp_id 
_pdbx_unobs_or_zero_occ_residues.label_seq_id 
1  1 Y 1 A MET -7  ? A MET 1   
2  1 Y 1 A HIS -6  ? A HIS 2   
3  1 Y 1 A HIS -5  ? A HIS 3   
4  1 Y 1 A HIS -4  ? A HIS 4   
5  1 Y 1 A HIS -3  ? A HIS 5   
6  1 Y 1 A HIS -2  ? A HIS 6   
7  1 Y 1 A HIS -1  ? A HIS 7   
8  1 Y 1 A SER 0   ? A SER 8   
9  1 Y 1 A SER 1   ? A SER 9   
10 1 Y 1 A GLY 2   ? A GLY 10  
11 1 Y 1 A VAL 3   ? A VAL 11  
12 1 Y 1 A ASP 4   ? A ASP 12  
13 1 Y 1 A LEU 5   ? A LEU 13  
14 1 Y 1 A GLY 6   ? A GLY 14  
15 1 Y 1 A THR 7   ? A THR 15  
16 1 Y 1 A GLU 8   ? A GLU 16  
17 1 Y 1 A ASN 9   ? A ASN 17  
18 1 Y 1 A LEU 10  ? A LEU 18  
19 1 Y 1 A TYR 11  ? A TYR 19  
20 1 Y 1 A PHE 12  ? A PHE 20  
21 1 Y 1 A GLN 13  ? A GLN 21  
22 1 Y 1 A SER 14  ? A SER 22  
23 1 Y 1 A LYS 116 ? A LYS 124 
24 1 Y 1 A LYS 117 ? A LYS 125 
25 1 Y 1 A SER 118 ? A SER 126 
26 1 Y 1 A LYS 119 ? A LYS 127 
27 1 Y 1 A ARG 120 ? A ARG 128 
28 1 Y 1 A LYS 121 ? A LYS 129 
29 1 Y 1 A GLU 122 ? A GLU 130 
30 1 Y 1 A PHE 123 ? A PHE 131 
31 1 Y 1 A GLN 124 ? A GLN 132 
# 
loop_
_chem_comp_atom.comp_id 
_chem_comp_atom.atom_id 
_chem_comp_atom.type_symbol 
_chem_comp_atom.pdbx_aromatic_flag 
_chem_comp_atom.pdbx_stereo_config 
_chem_comp_atom.pdbx_ordinal 
ALA N    N N N 1   
ALA CA   C N S 2   
ALA C    C N N 3   
ALA O    O N N 4   
ALA CB   C N N 5   
ALA OXT  O N N 6   
ALA H    H N N 7   
ALA H2   H N N 8   
ALA HA   H N N 9   
ALA HB1  H N N 10  
ALA HB2  H N N 11  
ALA HB3  H N N 12  
ALA HXT  H N N 13  
ARG N    N N N 14  
ARG CA   C N S 15  
ARG C    C N N 16  
ARG O    O N N 17  
ARG CB   C N N 18  
ARG CG   C N N 19  
ARG CD   C N N 20  
ARG NE   N N N 21  
ARG CZ   C N N 22  
ARG NH1  N N N 23  
ARG NH2  N N N 24  
ARG OXT  O N N 25  
ARG H    H N N 26  
ARG H2   H N N 27  
ARG HA   H N N 28  
ARG HB2  H N N 29  
ARG HB3  H N N 30  
ARG HG2  H N N 31  
ARG HG3  H N N 32  
ARG HD2  H N N 33  
ARG HD3  H N N 34  
ARG HE   H N N 35  
ARG HH11 H N N 36  
ARG HH12 H N N 37  
ARG HH21 H N N 38  
ARG HH22 H N N 39  
ARG HXT  H N N 40  
ASN N    N N N 41  
ASN CA   C N S 42  
ASN C    C N N 43  
ASN O    O N N 44  
ASN CB   C N N 45  
ASN CG   C N N 46  
ASN OD1  O N N 47  
ASN ND2  N N N 48  
ASN OXT  O N N 49  
ASN H    H N N 50  
ASN H2   H N N 51  
ASN HA   H N N 52  
ASN HB2  H N N 53  
ASN HB3  H N N 54  
ASN HD21 H N N 55  
ASN HD22 H N N 56  
ASN HXT  H N N 57  
ASP N    N N N 58  
ASP CA   C N S 59  
ASP C    C N N 60  
ASP O    O N N 61  
ASP CB   C N N 62  
ASP CG   C N N 63  
ASP OD1  O N N 64  
ASP OD2  O N N 65  
ASP OXT  O N N 66  
ASP H    H N N 67  
ASP H2   H N N 68  
ASP HA   H N N 69  
ASP HB2  H N N 70  
ASP HB3  H N N 71  
ASP HD2  H N N 72  
ASP HXT  H N N 73  
CYS N    N N N 74  
CYS CA   C N R 75  
CYS C    C N N 76  
CYS O    O N N 77  
CYS CB   C N N 78  
CYS SG   S N N 79  
CYS OXT  O N N 80  
CYS H    H N N 81  
CYS H2   H N N 82  
CYS HA   H N N 83  
CYS HB2  H N N 84  
CYS HB3  H N N 85  
CYS HG   H N N 86  
CYS HXT  H N N 87  
GLN N    N N N 88  
GLN CA   C N S 89  
GLN C    C N N 90  
GLN O    O N N 91  
GLN CB   C N N 92  
GLN CG   C N N 93  
GLN CD   C N N 94  
GLN OE1  O N N 95  
GLN NE2  N N N 96  
GLN OXT  O N N 97  
GLN H    H N N 98  
GLN H2   H N N 99  
GLN HA   H N N 100 
GLN HB2  H N N 101 
GLN HB3  H N N 102 
GLN HG2  H N N 103 
GLN HG3  H N N 104 
GLN HE21 H N N 105 
GLN HE22 H N N 106 
GLN HXT  H N N 107 
GLU N    N N N 108 
GLU CA   C N S 109 
GLU C    C N N 110 
GLU O    O N N 111 
GLU CB   C N N 112 
GLU CG   C N N 113 
GLU CD   C N N 114 
GLU OE1  O N N 115 
GLU OE2  O N N 116 
GLU OXT  O N N 117 
GLU H    H N N 118 
GLU H2   H N N 119 
GLU HA   H N N 120 
GLU HB2  H N N 121 
GLU HB3  H N N 122 
GLU HG2  H N N 123 
GLU HG3  H N N 124 
GLU HE2  H N N 125 
GLU HXT  H N N 126 
GLY N    N N N 127 
GLY CA   C N N 128 
GLY C    C N N 129 
GLY O    O N N 130 
GLY OXT  O N N 131 
GLY H    H N N 132 
GLY H2   H N N 133 
GLY HA2  H N N 134 
GLY HA3  H N N 135 
GLY HXT  H N N 136 
GSH N1   N N N 137 
GSH CA1  C N S 138 
GSH C1   C N N 139 
GSH O11  O N N 140 
GSH O12  O N N 141 
GSH CB1  C N N 142 
GSH CG1  C N N 143 
GSH CD1  C N N 144 
GSH OE1  O N N 145 
GSH N2   N N N 146 
GSH CA2  C N R 147 
GSH C2   C N N 148 
GSH O2   O N N 149 
GSH CB2  C N N 150 
GSH SG2  S N N 151 
GSH N3   N N N 152 
GSH CA3  C N N 153 
GSH C3   C N N 154 
GSH O31  O N N 155 
GSH O32  O N N 156 
GSH HN11 H N N 157 
GSH HN12 H N N 158 
GSH HA1  H N N 159 
GSH H12  H N N 160 
GSH HB12 H N N 161 
GSH HB13 H N N 162 
GSH HG12 H N N 163 
GSH HG13 H N N 164 
GSH HN2  H N N 165 
GSH HA2  H N N 166 
GSH HB22 H N N 167 
GSH HB23 H N N 168 
GSH HSG  H N N 169 
GSH HN3  H N N 170 
GSH HA31 H N N 171 
GSH HA32 H N N 172 
GSH H32  H N N 173 
HIS N    N N N 174 
HIS CA   C N S 175 
HIS C    C N N 176 
HIS O    O N N 177 
HIS CB   C N N 178 
HIS CG   C Y N 179 
HIS ND1  N Y N 180 
HIS CD2  C Y N 181 
HIS CE1  C Y N 182 
HIS NE2  N Y N 183 
HIS OXT  O N N 184 
HIS H    H N N 185 
HIS H2   H N N 186 
HIS HA   H N N 187 
HIS HB2  H N N 188 
HIS HB3  H N N 189 
HIS HD1  H N N 190 
HIS HD2  H N N 191 
HIS HE1  H N N 192 
HIS HE2  H N N 193 
HIS HXT  H N N 194 
HOH O    O N N 195 
HOH H1   H N N 196 
HOH H2   H N N 197 
ILE N    N N N 198 
ILE CA   C N S 199 
ILE C    C N N 200 
ILE O    O N N 201 
ILE CB   C N S 202 
ILE CG1  C N N 203 
ILE CG2  C N N 204 
ILE CD1  C N N 205 
ILE OXT  O N N 206 
ILE H    H N N 207 
ILE H2   H N N 208 
ILE HA   H N N 209 
ILE HB   H N N 210 
ILE HG12 H N N 211 
ILE HG13 H N N 212 
ILE HG21 H N N 213 
ILE HG22 H N N 214 
ILE HG23 H N N 215 
ILE HD11 H N N 216 
ILE HD12 H N N 217 
ILE HD13 H N N 218 
ILE HXT  H N N 219 
LEU N    N N N 220 
LEU CA   C N S 221 
LEU C    C N N 222 
LEU O    O N N 223 
LEU CB   C N N 224 
LEU CG   C N N 225 
LEU CD1  C N N 226 
LEU CD2  C N N 227 
LEU OXT  O N N 228 
LEU H    H N N 229 
LEU H2   H N N 230 
LEU HA   H N N 231 
LEU HB2  H N N 232 
LEU HB3  H N N 233 
LEU HG   H N N 234 
LEU HD11 H N N 235 
LEU HD12 H N N 236 
LEU HD13 H N N 237 
LEU HD21 H N N 238 
LEU HD22 H N N 239 
LEU HD23 H N N 240 
LEU HXT  H N N 241 
LYS N    N N N 242 
LYS CA   C N S 243 
LYS C    C N N 244 
LYS O    O N N 245 
LYS CB   C N N 246 
LYS CG   C N N 247 
LYS CD   C N N 248 
LYS CE   C N N 249 
LYS NZ   N N N 250 
LYS OXT  O N N 251 
LYS H    H N N 252 
LYS H2   H N N 253 
LYS HA   H N N 254 
LYS HB2  H N N 255 
LYS HB3  H N N 256 
LYS HG2  H N N 257 
LYS HG3  H N N 258 
LYS HD2  H N N 259 
LYS HD3  H N N 260 
LYS HE2  H N N 261 
LYS HE3  H N N 262 
LYS HZ1  H N N 263 
LYS HZ2  H N N 264 
LYS HZ3  H N N 265 
LYS HXT  H N N 266 
MET N    N N N 267 
MET CA   C N S 268 
MET C    C N N 269 
MET O    O N N 270 
MET CB   C N N 271 
MET CG   C N N 272 
MET SD   S N N 273 
MET CE   C N N 274 
MET OXT  O N N 275 
MET H    H N N 276 
MET H2   H N N 277 
MET HA   H N N 278 
MET HB2  H N N 279 
MET HB3  H N N 280 
MET HG2  H N N 281 
MET HG3  H N N 282 
MET HE1  H N N 283 
MET HE2  H N N 284 
MET HE3  H N N 285 
MET HXT  H N N 286 
PHE N    N N N 287 
PHE CA   C N S 288 
PHE C    C N N 289 
PHE O    O N N 290 
PHE CB   C N N 291 
PHE CG   C Y N 292 
PHE CD1  C Y N 293 
PHE CD2  C Y N 294 
PHE CE1  C Y N 295 
PHE CE2  C Y N 296 
PHE CZ   C Y N 297 
PHE OXT  O N N 298 
PHE H    H N N 299 
PHE H2   H N N 300 
PHE HA   H N N 301 
PHE HB2  H N N 302 
PHE HB3  H N N 303 
PHE HD1  H N N 304 
PHE HD2  H N N 305 
PHE HE1  H N N 306 
PHE HE2  H N N 307 
PHE HZ   H N N 308 
PHE HXT  H N N 309 
PRO N    N N N 310 
PRO CA   C N S 311 
PRO C    C N N 312 
PRO O    O N N 313 
PRO CB   C N N 314 
PRO CG   C N N 315 
PRO CD   C N N 316 
PRO OXT  O N N 317 
PRO H    H N N 318 
PRO HA   H N N 319 
PRO HB2  H N N 320 
PRO HB3  H N N 321 
PRO HG2  H N N 322 
PRO HG3  H N N 323 
PRO HD2  H N N 324 
PRO HD3  H N N 325 
PRO HXT  H N N 326 
SER N    N N N 327 
SER CA   C N S 328 
SER C    C N N 329 
SER O    O N N 330 
SER CB   C N N 331 
SER OG   O N N 332 
SER OXT  O N N 333 
SER H    H N N 334 
SER H2   H N N 335 
SER HA   H N N 336 
SER HB2  H N N 337 
SER HB3  H N N 338 
SER HG   H N N 339 
SER HXT  H N N 340 
THR N    N N N 341 
THR CA   C N S 342 
THR C    C N N 343 
THR O    O N N 344 
THR CB   C N R 345 
THR OG1  O N N 346 
THR CG2  C N N 347 
THR OXT  O N N 348 
THR H    H N N 349 
THR H2   H N N 350 
THR HA   H N N 351 
THR HB   H N N 352 
THR HG1  H N N 353 
THR HG21 H N N 354 
THR HG22 H N N 355 
THR HG23 H N N 356 
THR HXT  H N N 357 
TYR N    N N N 358 
TYR CA   C N S 359 
TYR C    C N N 360 
TYR O    O N N 361 
TYR CB   C N N 362 
TYR CG   C Y N 363 
TYR CD1  C Y N 364 
TYR CD2  C Y N 365 
TYR CE1  C Y N 366 
TYR CE2  C Y N 367 
TYR CZ   C Y N 368 
TYR OH   O N N 369 
TYR OXT  O N N 370 
TYR H    H N N 371 
TYR H2   H N N 372 
TYR HA   H N N 373 
TYR HB2  H N N 374 
TYR HB3  H N N 375 
TYR HD1  H N N 376 
TYR HD2  H N N 377 
TYR HE1  H N N 378 
TYR HE2  H N N 379 
TYR HH   H N N 380 
TYR HXT  H N N 381 
VAL N    N N N 382 
VAL CA   C N S 383 
VAL C    C N N 384 
VAL O    O N N 385 
VAL CB   C N N 386 
VAL CG1  C N N 387 
VAL CG2  C N N 388 
VAL OXT  O N N 389 
VAL H    H N N 390 
VAL H2   H N N 391 
VAL HA   H N N 392 
VAL HB   H N N 393 
VAL HG11 H N N 394 
VAL HG12 H N N 395 
VAL HG13 H N N 396 
VAL HG21 H N N 397 
VAL HG22 H N N 398 
VAL HG23 H N N 399 
VAL HXT  H N N 400 
# 
loop_
_chem_comp_bond.comp_id 
_chem_comp_bond.atom_id_1 
_chem_comp_bond.atom_id_2 
_chem_comp_bond.value_order 
_chem_comp_bond.pdbx_aromatic_flag 
_chem_comp_bond.pdbx_stereo_config 
_chem_comp_bond.pdbx_ordinal 
ALA N   CA   sing N N 1   
ALA N   H    sing N N 2   
ALA N   H2   sing N N 3   
ALA CA  C    sing N N 4   
ALA CA  CB   sing N N 5   
ALA CA  HA   sing N N 6   
ALA C   O    doub N N 7   
ALA C   OXT  sing N N 8   
ALA CB  HB1  sing N N 9   
ALA CB  HB2  sing N N 10  
ALA CB  HB3  sing N N 11  
ALA OXT HXT  sing N N 12  
ARG N   CA   sing N N 13  
ARG N   H    sing N N 14  
ARG N   H2   sing N N 15  
ARG CA  C    sing N N 16  
ARG CA  CB   sing N N 17  
ARG CA  HA   sing N N 18  
ARG C   O    doub N N 19  
ARG C   OXT  sing N N 20  
ARG CB  CG   sing N N 21  
ARG CB  HB2  sing N N 22  
ARG CB  HB3  sing N N 23  
ARG CG  CD   sing N N 24  
ARG CG  HG2  sing N N 25  
ARG CG  HG3  sing N N 26  
ARG CD  NE   sing N N 27  
ARG CD  HD2  sing N N 28  
ARG CD  HD3  sing N N 29  
ARG NE  CZ   sing N N 30  
ARG NE  HE   sing N N 31  
ARG CZ  NH1  sing N N 32  
ARG CZ  NH2  doub N N 33  
ARG NH1 HH11 sing N N 34  
ARG NH1 HH12 sing N N 35  
ARG NH2 HH21 sing N N 36  
ARG NH2 HH22 sing N N 37  
ARG OXT HXT  sing N N 38  
ASN N   CA   sing N N 39  
ASN N   H    sing N N 40  
ASN N   H2   sing N N 41  
ASN CA  C    sing N N 42  
ASN CA  CB   sing N N 43  
ASN CA  HA   sing N N 44  
ASN C   O    doub N N 45  
ASN C   OXT  sing N N 46  
ASN CB  CG   sing N N 47  
ASN CB  HB2  sing N N 48  
ASN CB  HB3  sing N N 49  
ASN CG  OD1  doub N N 50  
ASN CG  ND2  sing N N 51  
ASN ND2 HD21 sing N N 52  
ASN ND2 HD22 sing N N 53  
ASN OXT HXT  sing N N 54  
ASP N   CA   sing N N 55  
ASP N   H    sing N N 56  
ASP N   H2   sing N N 57  
ASP CA  C    sing N N 58  
ASP CA  CB   sing N N 59  
ASP CA  HA   sing N N 60  
ASP C   O    doub N N 61  
ASP C   OXT  sing N N 62  
ASP CB  CG   sing N N 63  
ASP CB  HB2  sing N N 64  
ASP CB  HB3  sing N N 65  
ASP CG  OD1  doub N N 66  
ASP CG  OD2  sing N N 67  
ASP OD2 HD2  sing N N 68  
ASP OXT HXT  sing N N 69  
CYS N   CA   sing N N 70  
CYS N   H    sing N N 71  
CYS N   H2   sing N N 72  
CYS CA  C    sing N N 73  
CYS CA  CB   sing N N 74  
CYS CA  HA   sing N N 75  
CYS C   O    doub N N 76  
CYS C   OXT  sing N N 77  
CYS CB  SG   sing N N 78  
CYS CB  HB2  sing N N 79  
CYS CB  HB3  sing N N 80  
CYS SG  HG   sing N N 81  
CYS OXT HXT  sing N N 82  
GLN N   CA   sing N N 83  
GLN N   H    sing N N 84  
GLN N   H2   sing N N 85  
GLN CA  C    sing N N 86  
GLN CA  CB   sing N N 87  
GLN CA  HA   sing N N 88  
GLN C   O    doub N N 89  
GLN C   OXT  sing N N 90  
GLN CB  CG   sing N N 91  
GLN CB  HB2  sing N N 92  
GLN CB  HB3  sing N N 93  
GLN CG  CD   sing N N 94  
GLN CG  HG2  sing N N 95  
GLN CG  HG3  sing N N 96  
GLN CD  OE1  doub N N 97  
GLN CD  NE2  sing N N 98  
GLN NE2 HE21 sing N N 99  
GLN NE2 HE22 sing N N 100 
GLN OXT HXT  sing N N 101 
GLU N   CA   sing N N 102 
GLU N   H    sing N N 103 
GLU N   H2   sing N N 104 
GLU CA  C    sing N N 105 
GLU CA  CB   sing N N 106 
GLU CA  HA   sing N N 107 
GLU C   O    doub N N 108 
GLU C   OXT  sing N N 109 
GLU CB  CG   sing N N 110 
GLU CB  HB2  sing N N 111 
GLU CB  HB3  sing N N 112 
GLU CG  CD   sing N N 113 
GLU CG  HG2  sing N N 114 
GLU CG  HG3  sing N N 115 
GLU CD  OE1  doub N N 116 
GLU CD  OE2  sing N N 117 
GLU OE2 HE2  sing N N 118 
GLU OXT HXT  sing N N 119 
GLY N   CA   sing N N 120 
GLY N   H    sing N N 121 
GLY N   H2   sing N N 122 
GLY CA  C    sing N N 123 
GLY CA  HA2  sing N N 124 
GLY CA  HA3  sing N N 125 
GLY C   O    doub N N 126 
GLY C   OXT  sing N N 127 
GLY OXT HXT  sing N N 128 
GSH N1  CA1  sing N N 129 
GSH N1  HN11 sing N N 130 
GSH N1  HN12 sing N N 131 
GSH CA1 C1   sing N N 132 
GSH CA1 CB1  sing N N 133 
GSH CA1 HA1  sing N N 134 
GSH C1  O11  doub N N 135 
GSH C1  O12  sing N N 136 
GSH O12 H12  sing N N 137 
GSH CB1 CG1  sing N N 138 
GSH CB1 HB12 sing N N 139 
GSH CB1 HB13 sing N N 140 
GSH CG1 CD1  sing N N 141 
GSH CG1 HG12 sing N N 142 
GSH CG1 HG13 sing N N 143 
GSH CD1 OE1  doub N N 144 
GSH CD1 N2   sing N N 145 
GSH N2  CA2  sing N N 146 
GSH N2  HN2  sing N N 147 
GSH CA2 C2   sing N N 148 
GSH CA2 CB2  sing N N 149 
GSH CA2 HA2  sing N N 150 
GSH C2  O2   doub N N 151 
GSH C2  N3   sing N N 152 
GSH CB2 SG2  sing N N 153 
GSH CB2 HB22 sing N N 154 
GSH CB2 HB23 sing N N 155 
GSH SG2 HSG  sing N N 156 
GSH N3  CA3  sing N N 157 
GSH N3  HN3  sing N N 158 
GSH CA3 C3   sing N N 159 
GSH CA3 HA31 sing N N 160 
GSH CA3 HA32 sing N N 161 
GSH C3  O31  doub N N 162 
GSH C3  O32  sing N N 163 
GSH O32 H32  sing N N 164 
HIS N   CA   sing N N 165 
HIS N   H    sing N N 166 
HIS N   H2   sing N N 167 
HIS CA  C    sing N N 168 
HIS CA  CB   sing N N 169 
HIS CA  HA   sing N N 170 
HIS C   O    doub N N 171 
HIS C   OXT  sing N N 172 
HIS CB  CG   sing N N 173 
HIS CB  HB2  sing N N 174 
HIS CB  HB3  sing N N 175 
HIS CG  ND1  sing Y N 176 
HIS CG  CD2  doub Y N 177 
HIS ND1 CE1  doub Y N 178 
HIS ND1 HD1  sing N N 179 
HIS CD2 NE2  sing Y N 180 
HIS CD2 HD2  sing N N 181 
HIS CE1 NE2  sing Y N 182 
HIS CE1 HE1  sing N N 183 
HIS NE2 HE2  sing N N 184 
HIS OXT HXT  sing N N 185 
HOH O   H1   sing N N 186 
HOH O   H2   sing N N 187 
ILE N   CA   sing N N 188 
ILE N   H    sing N N 189 
ILE N   H2   sing N N 190 
ILE CA  C    sing N N 191 
ILE CA  CB   sing N N 192 
ILE CA  HA   sing N N 193 
ILE C   O    doub N N 194 
ILE C   OXT  sing N N 195 
ILE CB  CG1  sing N N 196 
ILE CB  CG2  sing N N 197 
ILE CB  HB   sing N N 198 
ILE CG1 CD1  sing N N 199 
ILE CG1 HG12 sing N N 200 
ILE CG1 HG13 sing N N 201 
ILE CG2 HG21 sing N N 202 
ILE CG2 HG22 sing N N 203 
ILE CG2 HG23 sing N N 204 
ILE CD1 HD11 sing N N 205 
ILE CD1 HD12 sing N N 206 
ILE CD1 HD13 sing N N 207 
ILE OXT HXT  sing N N 208 
LEU N   CA   sing N N 209 
LEU N   H    sing N N 210 
LEU N   H2   sing N N 211 
LEU CA  C    sing N N 212 
LEU CA  CB   sing N N 213 
LEU CA  HA   sing N N 214 
LEU C   O    doub N N 215 
LEU C   OXT  sing N N 216 
LEU CB  CG   sing N N 217 
LEU CB  HB2  sing N N 218 
LEU CB  HB3  sing N N 219 
LEU CG  CD1  sing N N 220 
LEU CG  CD2  sing N N 221 
LEU CG  HG   sing N N 222 
LEU CD1 HD11 sing N N 223 
LEU CD1 HD12 sing N N 224 
LEU CD1 HD13 sing N N 225 
LEU CD2 HD21 sing N N 226 
LEU CD2 HD22 sing N N 227 
LEU CD2 HD23 sing N N 228 
LEU OXT HXT  sing N N 229 
LYS N   CA   sing N N 230 
LYS N   H    sing N N 231 
LYS N   H2   sing N N 232 
LYS CA  C    sing N N 233 
LYS CA  CB   sing N N 234 
LYS CA  HA   sing N N 235 
LYS C   O    doub N N 236 
LYS C   OXT  sing N N 237 
LYS CB  CG   sing N N 238 
LYS CB  HB2  sing N N 239 
LYS CB  HB3  sing N N 240 
LYS CG  CD   sing N N 241 
LYS CG  HG2  sing N N 242 
LYS CG  HG3  sing N N 243 
LYS CD  CE   sing N N 244 
LYS CD  HD2  sing N N 245 
LYS CD  HD3  sing N N 246 
LYS CE  NZ   sing N N 247 
LYS CE  HE2  sing N N 248 
LYS CE  HE3  sing N N 249 
LYS NZ  HZ1  sing N N 250 
LYS NZ  HZ2  sing N N 251 
LYS NZ  HZ3  sing N N 252 
LYS OXT HXT  sing N N 253 
MET N   CA   sing N N 254 
MET N   H    sing N N 255 
MET N   H2   sing N N 256 
MET CA  C    sing N N 257 
MET CA  CB   sing N N 258 
MET CA  HA   sing N N 259 
MET C   O    doub N N 260 
MET C   OXT  sing N N 261 
MET CB  CG   sing N N 262 
MET CB  HB2  sing N N 263 
MET CB  HB3  sing N N 264 
MET CG  SD   sing N N 265 
MET CG  HG2  sing N N 266 
MET CG  HG3  sing N N 267 
MET SD  CE   sing N N 268 
MET CE  HE1  sing N N 269 
MET CE  HE2  sing N N 270 
MET CE  HE3  sing N N 271 
MET OXT HXT  sing N N 272 
PHE N   CA   sing N N 273 
PHE N   H    sing N N 274 
PHE N   H2   sing N N 275 
PHE CA  C    sing N N 276 
PHE CA  CB   sing N N 277 
PHE CA  HA   sing N N 278 
PHE C   O    doub N N 279 
PHE C   OXT  sing N N 280 
PHE CB  CG   sing N N 281 
PHE CB  HB2  sing N N 282 
PHE CB  HB3  sing N N 283 
PHE CG  CD1  doub Y N 284 
PHE CG  CD2  sing Y N 285 
PHE CD1 CE1  sing Y N 286 
PHE CD1 HD1  sing N N 287 
PHE CD2 CE2  doub Y N 288 
PHE CD2 HD2  sing N N 289 
PHE CE1 CZ   doub Y N 290 
PHE CE1 HE1  sing N N 291 
PHE CE2 CZ   sing Y N 292 
PHE CE2 HE2  sing N N 293 
PHE CZ  HZ   sing N N 294 
PHE OXT HXT  sing N N 295 
PRO N   CA   sing N N 296 
PRO N   CD   sing N N 297 
PRO N   H    sing N N 298 
PRO CA  C    sing N N 299 
PRO CA  CB   sing N N 300 
PRO CA  HA   sing N N 301 
PRO C   O    doub N N 302 
PRO C   OXT  sing N N 303 
PRO CB  CG   sing N N 304 
PRO CB  HB2  sing N N 305 
PRO CB  HB3  sing N N 306 
PRO CG  CD   sing N N 307 
PRO CG  HG2  sing N N 308 
PRO CG  HG3  sing N N 309 
PRO CD  HD2  sing N N 310 
PRO CD  HD3  sing N N 311 
PRO OXT HXT  sing N N 312 
SER N   CA   sing N N 313 
SER N   H    sing N N 314 
SER N   H2   sing N N 315 
SER CA  C    sing N N 316 
SER CA  CB   sing N N 317 
SER CA  HA   sing N N 318 
SER C   O    doub N N 319 
SER C   OXT  sing N N 320 
SER CB  OG   sing N N 321 
SER CB  HB2  sing N N 322 
SER CB  HB3  sing N N 323 
SER OG  HG   sing N N 324 
SER OXT HXT  sing N N 325 
THR N   CA   sing N N 326 
THR N   H    sing N N 327 
THR N   H2   sing N N 328 
THR CA  C    sing N N 329 
THR CA  CB   sing N N 330 
THR CA  HA   sing N N 331 
THR C   O    doub N N 332 
THR C   OXT  sing N N 333 
THR CB  OG1  sing N N 334 
THR CB  CG2  sing N N 335 
THR CB  HB   sing N N 336 
THR OG1 HG1  sing N N 337 
THR CG2 HG21 sing N N 338 
THR CG2 HG22 sing N N 339 
THR CG2 HG23 sing N N 340 
THR OXT HXT  sing N N 341 
TYR N   CA   sing N N 342 
TYR N   H    sing N N 343 
TYR N   H2   sing N N 344 
TYR CA  C    sing N N 345 
TYR CA  CB   sing N N 346 
TYR CA  HA   sing N N 347 
TYR C   O    doub N N 348 
TYR C   OXT  sing N N 349 
TYR CB  CG   sing N N 350 
TYR CB  HB2  sing N N 351 
TYR CB  HB3  sing N N 352 
TYR CG  CD1  doub Y N 353 
TYR CG  CD2  sing Y N 354 
TYR CD1 CE1  sing Y N 355 
TYR CD1 HD1  sing N N 356 
TYR CD2 CE2  doub Y N 357 
TYR CD2 HD2  sing N N 358 
TYR CE1 CZ   doub Y N 359 
TYR CE1 HE1  sing N N 360 
TYR CE2 CZ   sing Y N 361 
TYR CE2 HE2  sing N N 362 
TYR CZ  OH   sing N N 363 
TYR OH  HH   sing N N 364 
TYR OXT HXT  sing N N 365 
VAL N   CA   sing N N 366 
VAL N   H    sing N N 367 
VAL N   H2   sing N N 368 
VAL CA  C    sing N N 369 
VAL CA  CB   sing N N 370 
VAL CA  HA   sing N N 371 
VAL C   O    doub N N 372 
VAL C   OXT  sing N N 373 
VAL CB  CG1  sing N N 374 
VAL CB  CG2  sing N N 375 
VAL CB  HB   sing N N 376 
VAL CG1 HG11 sing N N 377 
VAL CG1 HG12 sing N N 378 
VAL CG1 HG13 sing N N 379 
VAL CG2 HG21 sing N N 380 
VAL CG2 HG22 sing N N 381 
VAL CG2 HG23 sing N N 382 
VAL OXT HXT  sing N N 383 
# 
loop_
_pdbx_entity_nonpoly.entity_id 
_pdbx_entity_nonpoly.name 
_pdbx_entity_nonpoly.comp_id 
2 GLUTATHIONE GSH 
3 water       HOH 
# 
_pdbx_initial_refinement_model.id               1 
_pdbx_initial_refinement_model.entity_id_list   ? 
_pdbx_initial_refinement_model.type             'experimental model' 
_pdbx_initial_refinement_model.source_name      PDB 
_pdbx_initial_refinement_model.accession_code   2CQ9 
_pdbx_initial_refinement_model.details          'PDB ENTRY 2CQ9' 
# 
